data_1I5G
# 
_entry.id   1I5G 
# 
_audit_conform.dict_name       mmcif_pdbx.dic 
_audit_conform.dict_version    5.399 
_audit_conform.dict_location   http://mmcif.pdb.org/dictionaries/ascii/mmcif_pdbx.dic 
# 
loop_
_database_2.database_id 
_database_2.database_code 
_database_2.pdbx_database_accession 
_database_2.pdbx_DOI 
PDB   1I5G         pdb_00001i5g 10.2210/pdb1i5g/pdb 
RCSB  RCSB012927   ?            ?                   
WWPDB D_1000012927 ?            ?                   
# 
loop_
_pdbx_audit_revision_history.ordinal 
_pdbx_audit_revision_history.data_content_type 
_pdbx_audit_revision_history.major_revision 
_pdbx_audit_revision_history.minor_revision 
_pdbx_audit_revision_history.revision_date 
1 'Structure model' 1 0 2001-03-14 
2 'Structure model' 1 1 2008-04-27 
3 'Structure model' 1 2 2011-07-13 
4 'Structure model' 1 3 2021-10-27 
5 'Structure model' 1 4 2023-08-09 
6 'Structure model' 1 5 2024-11-20 
# 
_pdbx_audit_revision_details.ordinal             1 
_pdbx_audit_revision_details.revision_ordinal    1 
_pdbx_audit_revision_details.data_content_type   'Structure model' 
_pdbx_audit_revision_details.provider            repository 
_pdbx_audit_revision_details.type                'Initial release' 
_pdbx_audit_revision_details.description         ? 
_pdbx_audit_revision_details.details             ? 
# 
loop_
_pdbx_audit_revision_group.ordinal 
_pdbx_audit_revision_group.revision_ordinal 
_pdbx_audit_revision_group.data_content_type 
_pdbx_audit_revision_group.group 
1 2 'Structure model' 'Version format compliance' 
2 3 'Structure model' 'Version format compliance' 
3 4 'Structure model' 'Database references'       
4 4 'Structure model' 'Derived calculations'      
5 5 'Structure model' 'Data collection'           
6 5 'Structure model' 'Refinement description'    
7 6 'Structure model' 'Structure summary'         
# 
loop_
_pdbx_audit_revision_category.ordinal 
_pdbx_audit_revision_category.revision_ordinal 
_pdbx_audit_revision_category.data_content_type 
_pdbx_audit_revision_category.category 
1 4 'Structure model' database_2                    
2 4 'Structure model' struct_conn                   
3 4 'Structure model' struct_ref_seq_dif            
4 4 'Structure model' struct_site                   
5 5 'Structure model' chem_comp_atom                
6 5 'Structure model' chem_comp_bond                
7 5 'Structure model' pdbx_initial_refinement_model 
8 6 'Structure model' pdbx_entry_details            
9 6 'Structure model' pdbx_modification_feature     
# 
loop_
_pdbx_audit_revision_item.ordinal 
_pdbx_audit_revision_item.revision_ordinal 
_pdbx_audit_revision_item.data_content_type 
_pdbx_audit_revision_item.item 
1 4 'Structure model' '_database_2.pdbx_DOI'                
2 4 'Structure model' '_database_2.pdbx_database_accession' 
3 4 'Structure model' '_struct_conn.pdbx_leaving_atom_flag' 
4 4 'Structure model' '_struct_ref_seq_dif.details'         
5 4 'Structure model' '_struct_site.pdbx_auth_asym_id'      
6 4 'Structure model' '_struct_site.pdbx_auth_comp_id'      
7 4 'Structure model' '_struct_site.pdbx_auth_seq_id'       
# 
_pdbx_database_status.status_code                     REL 
_pdbx_database_status.entry_id                        1I5G 
_pdbx_database_status.recvd_initial_deposition_date   2001-02-27 
_pdbx_database_status.deposit_site                    RCSB 
_pdbx_database_status.process_site                    RCSB 
_pdbx_database_status.status_code_sf                  REL 
_pdbx_database_status.SG_entry                        . 
_pdbx_database_status.pdb_format_compatible           Y 
_pdbx_database_status.status_code_mr                  ? 
_pdbx_database_status.status_code_cs                  ? 
_pdbx_database_status.status_code_nmr_data            ? 
_pdbx_database_status.methods_development_category    ? 
# 
_pdbx_database_related.db_name        PDB 
_pdbx_database_related.db_id          1FG4 
_pdbx_database_related.details        'Tryparedoxin II' 
_pdbx_database_related.content_type   unspecified 
# 
loop_
_audit_author.name 
_audit_author.pdbx_ordinal 
'Hofmann, B.'      1  
'Budde, H.'        2  
'Bruns, K.'        3  
'Guerrero, S.A.'   4  
'Kalisz, H.M.'     5  
'Menge, U.'        6  
'Montemartini, M.' 7  
'Nogoceke, E.'     8  
'Steinert, P.'     9  
'Wissing, J.B.'    10 
'Flohe, L.'        11 
'Hecht, H.-J.'     12 
# 
_citation.id                        primary 
_citation.title                     'Structures of tryparedoxins revealing interaction with trypanothione.' 
_citation.journal_abbrev            Biol.Chem. 
_citation.journal_volume            382 
_citation.page_first                459 
_citation.page_last                 471 
_citation.year                      2001 
_citation.journal_id_ASTM           ? 
_citation.country                   GE 
_citation.journal_id_ISSN           1431-6730 
_citation.journal_id_CSD            ? 
_citation.book_publisher            ? 
_citation.pdbx_database_id_PubMed   11347894 
_citation.pdbx_database_id_DOI      10.1515/BC.2001.056 
# 
loop_
_citation_author.citation_id 
_citation_author.name 
_citation_author.ordinal 
_citation_author.identifier_ORCID 
primary 'Hofmann, B.'      1  ? 
primary 'Budde, H.'        2  ? 
primary 'Bruns, K.'        3  ? 
primary 'Guerrero, S.A.'   4  ? 
primary 'Kalisz, H.M.'     5  ? 
primary 'Menge, U.'        6  ? 
primary 'Montemartini, M.' 7  ? 
primary 'Nogoceke, E.'     8  ? 
primary 'Steinert, P.'     9  ? 
primary 'Wissing, J.B.'    10 ? 
primary 'Flohe, L.'        11 ? 
primary 'Hecht, H.J.'      12 ? 
# 
loop_
_entity.id 
_entity.type 
_entity.src_method 
_entity.pdbx_description 
_entity.formula_weight 
_entity.pdbx_number_of_molecules 
_entity.pdbx_ec 
_entity.pdbx_mutation 
_entity.pdbx_fragment 
_entity.details 
1 polymer     man 'TRYPAREDOXIN II'                        16223.512 1   ? C44S ? ? 
2 non-polymer syn 2-AMINO-2-HYDROXYMETHYL-PROPANE-1,3-DIOL 122.143   1   ? ?    ? ? 
3 non-polymer syn GLUTATHIONYLSPERMIDINE                   434.554   1   ? ?    ? ? 
4 water       nat water                                    18.015    279 ? ?    ? ? 
# 
_entity_poly.entity_id                      1 
_entity_poly.type                           'polypeptide(L)' 
_entity_poly.nstd_linkage                   no 
_entity_poly.nstd_monomer                   no 
_entity_poly.pdbx_seq_one_letter_code       
;SGLKKFFPYSTNVLKGAAADIALPSLAGKTVFFYFSASWCPPSRAFTPQLIDFYKAHAEKKNFEVMLISWDESAEDFKDY
YAKMPWLALPFEDRKGMEFLTTGFDVKSIPTLVGVEADSGNIITTQARTMVVKDPEAKDFPWPN
;
_entity_poly.pdbx_seq_one_letter_code_can   
;SGLKKFFPYSTNVLKGAAADIALPSLAGKTVFFYFSASWCPPSRAFTPQLIDFYKAHAEKKNFEVMLISWDESAEDFKDY
YAKMPWLALPFEDRKGMEFLTTGFDVKSIPTLVGVEADSGNIITTQARTMVVKDPEAKDFPWPN
;
_entity_poly.pdbx_strand_id                 A 
_entity_poly.pdbx_target_identifier         ? 
# 
loop_
_pdbx_entity_nonpoly.entity_id 
_pdbx_entity_nonpoly.name 
_pdbx_entity_nonpoly.comp_id 
2 2-AMINO-2-HYDROXYMETHYL-PROPANE-1,3-DIOL TRS 
3 GLUTATHIONYLSPERMIDINE                   TS5 
4 water                                    HOH 
# 
loop_
_entity_poly_seq.entity_id 
_entity_poly_seq.num 
_entity_poly_seq.mon_id 
_entity_poly_seq.hetero 
1 1   SER n 
1 2   GLY n 
1 3   LEU n 
1 4   LYS n 
1 5   LYS n 
1 6   PHE n 
1 7   PHE n 
1 8   PRO n 
1 9   TYR n 
1 10  SER n 
1 11  THR n 
1 12  ASN n 
1 13  VAL n 
1 14  LEU n 
1 15  LYS n 
1 16  GLY n 
1 17  ALA n 
1 18  ALA n 
1 19  ALA n 
1 20  ASP n 
1 21  ILE n 
1 22  ALA n 
1 23  LEU n 
1 24  PRO n 
1 25  SER n 
1 26  LEU n 
1 27  ALA n 
1 28  GLY n 
1 29  LYS n 
1 30  THR n 
1 31  VAL n 
1 32  PHE n 
1 33  PHE n 
1 34  TYR n 
1 35  PHE n 
1 36  SER n 
1 37  ALA n 
1 38  SER n 
1 39  TRP n 
1 40  CYS n 
1 41  PRO n 
1 42  PRO n 
1 43  SER n 
1 44  ARG n 
1 45  ALA n 
1 46  PHE n 
1 47  THR n 
1 48  PRO n 
1 49  GLN n 
1 50  LEU n 
1 51  ILE n 
1 52  ASP n 
1 53  PHE n 
1 54  TYR n 
1 55  LYS n 
1 56  ALA n 
1 57  HIS n 
1 58  ALA n 
1 59  GLU n 
1 60  LYS n 
1 61  LYS n 
1 62  ASN n 
1 63  PHE n 
1 64  GLU n 
1 65  VAL n 
1 66  MET n 
1 67  LEU n 
1 68  ILE n 
1 69  SER n 
1 70  TRP n 
1 71  ASP n 
1 72  GLU n 
1 73  SER n 
1 74  ALA n 
1 75  GLU n 
1 76  ASP n 
1 77  PHE n 
1 78  LYS n 
1 79  ASP n 
1 80  TYR n 
1 81  TYR n 
1 82  ALA n 
1 83  LYS n 
1 84  MET n 
1 85  PRO n 
1 86  TRP n 
1 87  LEU n 
1 88  ALA n 
1 89  LEU n 
1 90  PRO n 
1 91  PHE n 
1 92  GLU n 
1 93  ASP n 
1 94  ARG n 
1 95  LYS n 
1 96  GLY n 
1 97  MET n 
1 98  GLU n 
1 99  PHE n 
1 100 LEU n 
1 101 THR n 
1 102 THR n 
1 103 GLY n 
1 104 PHE n 
1 105 ASP n 
1 106 VAL n 
1 107 LYS n 
1 108 SER n 
1 109 ILE n 
1 110 PRO n 
1 111 THR n 
1 112 LEU n 
1 113 VAL n 
1 114 GLY n 
1 115 VAL n 
1 116 GLU n 
1 117 ALA n 
1 118 ASP n 
1 119 SER n 
1 120 GLY n 
1 121 ASN n 
1 122 ILE n 
1 123 ILE n 
1 124 THR n 
1 125 THR n 
1 126 GLN n 
1 127 ALA n 
1 128 ARG n 
1 129 THR n 
1 130 MET n 
1 131 VAL n 
1 132 VAL n 
1 133 LYS n 
1 134 ASP n 
1 135 PRO n 
1 136 GLU n 
1 137 ALA n 
1 138 LYS n 
1 139 ASP n 
1 140 PHE n 
1 141 PRO n 
1 142 TRP n 
1 143 PRO n 
1 144 ASN n 
# 
_entity_src_gen.entity_id                          1 
_entity_src_gen.pdbx_src_id                        1 
_entity_src_gen.pdbx_alt_source_flag               sample 
_entity_src_gen.pdbx_seq_type                      ? 
_entity_src_gen.pdbx_beg_seq_num                   ? 
_entity_src_gen.pdbx_end_seq_num                   ? 
_entity_src_gen.gene_src_common_name               ? 
_entity_src_gen.gene_src_genus                     Crithidia 
_entity_src_gen.pdbx_gene_src_gene                 ? 
_entity_src_gen.gene_src_species                   ? 
_entity_src_gen.gene_src_strain                    HS6 
_entity_src_gen.gene_src_tissue                    ? 
_entity_src_gen.gene_src_tissue_fraction           ? 
_entity_src_gen.gene_src_details                   ? 
_entity_src_gen.pdbx_gene_src_fragment             ? 
_entity_src_gen.pdbx_gene_src_scientific_name      'Crithidia fasciculata' 
_entity_src_gen.pdbx_gene_src_ncbi_taxonomy_id     5656 
_entity_src_gen.pdbx_gene_src_variant              ? 
_entity_src_gen.pdbx_gene_src_cell_line            ? 
_entity_src_gen.pdbx_gene_src_atcc                 ? 
_entity_src_gen.pdbx_gene_src_organ                ? 
_entity_src_gen.pdbx_gene_src_organelle            ? 
_entity_src_gen.pdbx_gene_src_cell                 ? 
_entity_src_gen.pdbx_gene_src_cellular_location    ? 
_entity_src_gen.host_org_common_name               ? 
_entity_src_gen.pdbx_host_org_scientific_name      'Escherichia coli' 
_entity_src_gen.pdbx_host_org_ncbi_taxonomy_id     562 
_entity_src_gen.host_org_genus                     Escherichia 
_entity_src_gen.pdbx_host_org_gene                 ? 
_entity_src_gen.pdbx_host_org_organ                ? 
_entity_src_gen.host_org_species                   ? 
_entity_src_gen.pdbx_host_org_tissue               ? 
_entity_src_gen.pdbx_host_org_tissue_fraction      ? 
_entity_src_gen.pdbx_host_org_strain               ? 
_entity_src_gen.pdbx_host_org_variant              ? 
_entity_src_gen.pdbx_host_org_cell_line            ? 
_entity_src_gen.pdbx_host_org_atcc                 ? 
_entity_src_gen.pdbx_host_org_culture_collection   ? 
_entity_src_gen.pdbx_host_org_cell                 ? 
_entity_src_gen.pdbx_host_org_organelle            ? 
_entity_src_gen.pdbx_host_org_cellular_location    ? 
_entity_src_gen.pdbx_host_org_vector_type          PLASMID 
_entity_src_gen.pdbx_host_org_vector               ? 
_entity_src_gen.host_org_details                   ? 
_entity_src_gen.expression_system_id               ? 
_entity_src_gen.plasmid_name                       PET22B 
_entity_src_gen.plasmid_details                    ? 
_entity_src_gen.pdbx_description                   ? 
# 
loop_
_chem_comp.id 
_chem_comp.type 
_chem_comp.mon_nstd_flag 
_chem_comp.name 
_chem_comp.pdbx_synonyms 
_chem_comp.formula 
_chem_comp.formula_weight 
ALA 'L-peptide linking' y ALANINE                                  ?             'C3 H7 N O2'      89.093  
ARG 'L-peptide linking' y ARGININE                                 ?             'C6 H15 N4 O2 1'  175.209 
ASN 'L-peptide linking' y ASPARAGINE                               ?             'C4 H8 N2 O3'     132.118 
ASP 'L-peptide linking' y 'ASPARTIC ACID'                          ?             'C4 H7 N O4'      133.103 
CYS 'L-peptide linking' y CYSTEINE                                 ?             'C3 H7 N O2 S'    121.158 
GLN 'L-peptide linking' y GLUTAMINE                                ?             'C5 H10 N2 O3'    146.144 
GLU 'L-peptide linking' y 'GLUTAMIC ACID'                          ?             'C5 H9 N O4'      147.129 
GLY 'peptide linking'   y GLYCINE                                  ?             'C2 H5 N O2'      75.067  
HIS 'L-peptide linking' y HISTIDINE                                ?             'C6 H10 N3 O2 1'  156.162 
HOH non-polymer         . WATER                                    ?             'H2 O'            18.015  
ILE 'L-peptide linking' y ISOLEUCINE                               ?             'C6 H13 N O2'     131.173 
LEU 'L-peptide linking' y LEUCINE                                  ?             'C6 H13 N O2'     131.173 
LYS 'L-peptide linking' y LYSINE                                   ?             'C6 H15 N2 O2 1'  147.195 
MET 'L-peptide linking' y METHIONINE                               ?             'C5 H11 N O2 S'   149.211 
PHE 'L-peptide linking' y PHENYLALANINE                            ?             'C9 H11 N O2'     165.189 
PRO 'L-peptide linking' y PROLINE                                  ?             'C5 H9 N O2'      115.130 
SER 'L-peptide linking' y SERINE                                   ?             'C3 H7 N O3'      105.093 
THR 'L-peptide linking' y THREONINE                                ?             'C4 H9 N O3'      119.119 
TRP 'L-peptide linking' y TRYPTOPHAN                               ?             'C11 H12 N2 O2'   204.225 
TRS non-polymer         . 2-AMINO-2-HYDROXYMETHYL-PROPANE-1,3-DIOL 'TRIS BUFFER' 'C4 H12 N O3 1'   122.143 
TS5 non-polymer         . GLUTATHIONYLSPERMIDINE                   ?             'C17 H34 N6 O5 S' 434.554 
TYR 'L-peptide linking' y TYROSINE                                 ?             'C9 H11 N O3'     181.189 
VAL 'L-peptide linking' y VALINE                                   ?             'C5 H11 N O2'     117.146 
# 
loop_
_pdbx_poly_seq_scheme.asym_id 
_pdbx_poly_seq_scheme.entity_id 
_pdbx_poly_seq_scheme.seq_id 
_pdbx_poly_seq_scheme.mon_id 
_pdbx_poly_seq_scheme.ndb_seq_num 
_pdbx_poly_seq_scheme.pdb_seq_num 
_pdbx_poly_seq_scheme.auth_seq_num 
_pdbx_poly_seq_scheme.pdb_mon_id 
_pdbx_poly_seq_scheme.auth_mon_id 
_pdbx_poly_seq_scheme.pdb_strand_id 
_pdbx_poly_seq_scheme.pdb_ins_code 
_pdbx_poly_seq_scheme.hetero 
A 1 1   SER 1   2   2   SER SER A . n 
A 1 2   GLY 2   3   3   GLY GLY A . n 
A 1 3   LEU 3   4   4   LEU LEU A . n 
A 1 4   LYS 4   5   5   LYS LYS A . n 
A 1 5   LYS 5   6   6   LYS LYS A . n 
A 1 6   PHE 6   7   7   PHE PHE A . n 
A 1 7   PHE 7   8   8   PHE PHE A . n 
A 1 8   PRO 8   9   9   PRO PRO A . n 
A 1 9   TYR 9   10  10  TYR TYR A . n 
A 1 10  SER 10  11  11  SER SER A . n 
A 1 11  THR 11  12  12  THR THR A . n 
A 1 12  ASN 12  13  13  ASN ASN A . n 
A 1 13  VAL 13  14  14  VAL VAL A . n 
A 1 14  LEU 14  15  15  LEU LEU A . n 
A 1 15  LYS 15  16  16  LYS LYS A . n 
A 1 16  GLY 16  17  17  GLY GLY A . n 
A 1 17  ALA 17  18  18  ALA ALA A . n 
A 1 18  ALA 18  19  19  ALA ALA A . n 
A 1 19  ALA 19  20  20  ALA ALA A . n 
A 1 20  ASP 20  21  21  ASP ASP A . n 
A 1 21  ILE 21  22  22  ILE ILE A . n 
A 1 22  ALA 22  23  23  ALA ALA A . n 
A 1 23  LEU 23  24  24  LEU LEU A . n 
A 1 24  PRO 24  25  25  PRO PRO A . n 
A 1 25  SER 25  26  26  SER SER A . n 
A 1 26  LEU 26  27  27  LEU LEU A . n 
A 1 27  ALA 27  28  28  ALA ALA A . n 
A 1 28  GLY 28  29  29  GLY GLY A . n 
A 1 29  LYS 29  30  30  LYS LYS A . n 
A 1 30  THR 30  31  31  THR THR A . n 
A 1 31  VAL 31  32  32  VAL VAL A . n 
A 1 32  PHE 32  33  33  PHE PHE A . n 
A 1 33  PHE 33  34  34  PHE PHE A . n 
A 1 34  TYR 34  35  35  TYR TYR A . n 
A 1 35  PHE 35  36  36  PHE PHE A . n 
A 1 36  SER 36  37  37  SER SER A . n 
A 1 37  ALA 37  38  38  ALA ALA A . n 
A 1 38  SER 38  39  39  SER SER A . n 
A 1 39  TRP 39  40  40  TRP TRP A . n 
A 1 40  CYS 40  41  41  CYS CYS A . n 
A 1 41  PRO 41  42  42  PRO PRO A . n 
A 1 42  PRO 42  43  43  PRO PRO A . n 
A 1 43  SER 43  44  44  SER SER A . n 
A 1 44  ARG 44  45  45  ARG ARG A . n 
A 1 45  ALA 45  46  46  ALA ALA A . n 
A 1 46  PHE 46  47  47  PHE PHE A . n 
A 1 47  THR 47  48  48  THR THR A . n 
A 1 48  PRO 48  49  49  PRO PRO A . n 
A 1 49  GLN 49  50  50  GLN GLN A . n 
A 1 50  LEU 50  51  51  LEU LEU A . n 
A 1 51  ILE 51  52  52  ILE ILE A . n 
A 1 52  ASP 52  53  53  ASP ASP A . n 
A 1 53  PHE 53  54  54  PHE PHE A . n 
A 1 54  TYR 54  55  55  TYR TYR A . n 
A 1 55  LYS 55  56  56  LYS LYS A . n 
A 1 56  ALA 56  57  57  ALA ALA A . n 
A 1 57  HIS 57  58  58  HIS HIS A . n 
A 1 58  ALA 58  59  59  ALA ALA A . n 
A 1 59  GLU 59  60  60  GLU GLU A . n 
A 1 60  LYS 60  61  61  LYS LYS A . n 
A 1 61  LYS 61  62  62  LYS LYS A . n 
A 1 62  ASN 62  63  63  ASN ASN A . n 
A 1 63  PHE 63  64  64  PHE PHE A . n 
A 1 64  GLU 64  65  65  GLU GLU A . n 
A 1 65  VAL 65  66  66  VAL VAL A . n 
A 1 66  MET 66  67  67  MET MET A . n 
A 1 67  LEU 67  68  68  LEU LEU A . n 
A 1 68  ILE 68  69  69  ILE ILE A . n 
A 1 69  SER 69  70  70  SER SER A . n 
A 1 70  TRP 70  71  71  TRP TRP A . n 
A 1 71  ASP 71  72  72  ASP ASP A . n 
A 1 72  GLU 72  73  73  GLU GLU A . n 
A 1 73  SER 73  74  74  SER SER A . n 
A 1 74  ALA 74  75  75  ALA ALA A . n 
A 1 75  GLU 75  76  76  GLU GLU A . n 
A 1 76  ASP 76  77  77  ASP ASP A . n 
A 1 77  PHE 77  78  78  PHE PHE A . n 
A 1 78  LYS 78  79  79  LYS LYS A . n 
A 1 79  ASP 79  80  80  ASP ASP A . n 
A 1 80  TYR 80  81  81  TYR TYR A . n 
A 1 81  TYR 81  82  82  TYR TYR A . n 
A 1 82  ALA 82  83  83  ALA ALA A . n 
A 1 83  LYS 83  84  84  LYS LYS A . n 
A 1 84  MET 84  85  85  MET MET A . n 
A 1 85  PRO 85  86  86  PRO PRO A . n 
A 1 86  TRP 86  87  87  TRP TRP A . n 
A 1 87  LEU 87  88  88  LEU LEU A . n 
A 1 88  ALA 88  89  89  ALA ALA A . n 
A 1 89  LEU 89  90  90  LEU LEU A . n 
A 1 90  PRO 90  91  91  PRO PRO A . n 
A 1 91  PHE 91  92  92  PHE PHE A . n 
A 1 92  GLU 92  93  93  GLU GLU A . n 
A 1 93  ASP 93  94  94  ASP ASP A . n 
A 1 94  ARG 94  95  95  ARG ARG A . n 
A 1 95  LYS 95  96  96  LYS LYS A . n 
A 1 96  GLY 96  97  97  GLY GLY A . n 
A 1 97  MET 97  98  98  MET MET A . n 
A 1 98  GLU 98  99  99  GLU GLU A . n 
A 1 99  PHE 99  100 100 PHE PHE A . n 
A 1 100 LEU 100 101 101 LEU LEU A . n 
A 1 101 THR 101 102 102 THR THR A . n 
A 1 102 THR 102 103 103 THR THR A . n 
A 1 103 GLY 103 104 104 GLY GLY A . n 
A 1 104 PHE 104 105 105 PHE PHE A . n 
A 1 105 ASP 105 106 106 ASP ASP A . n 
A 1 106 VAL 106 107 107 VAL VAL A . n 
A 1 107 LYS 107 108 108 LYS LYS A . n 
A 1 108 SER 108 109 109 SER SER A . n 
A 1 109 ILE 109 110 110 ILE ILE A . n 
A 1 110 PRO 110 111 111 PRO PRO A . n 
A 1 111 THR 111 112 112 THR THR A . n 
A 1 112 LEU 112 113 113 LEU LEU A . n 
A 1 113 VAL 113 114 114 VAL VAL A . n 
A 1 114 GLY 114 115 115 GLY GLY A . n 
A 1 115 VAL 115 116 116 VAL VAL A . n 
A 1 116 GLU 116 117 117 GLU GLU A . n 
A 1 117 ALA 117 118 118 ALA ALA A . n 
A 1 118 ASP 118 119 119 ASP ASP A . n 
A 1 119 SER 119 120 120 SER SER A . n 
A 1 120 GLY 120 121 121 GLY GLY A . n 
A 1 121 ASN 121 122 122 ASN ASN A . n 
A 1 122 ILE 122 123 123 ILE ILE A . n 
A 1 123 ILE 123 124 124 ILE ILE A . n 
A 1 124 THR 124 125 125 THR THR A . n 
A 1 125 THR 125 126 126 THR THR A . n 
A 1 126 GLN 126 127 127 GLN GLN A . n 
A 1 127 ALA 127 128 128 ALA ALA A . n 
A 1 128 ARG 128 129 129 ARG ARG A . n 
A 1 129 THR 129 130 130 THR THR A . n 
A 1 130 MET 130 131 131 MET MET A . n 
A 1 131 VAL 131 132 132 VAL VAL A . n 
A 1 132 VAL 132 133 133 VAL VAL A . n 
A 1 133 LYS 133 134 134 LYS LYS A . n 
A 1 134 ASP 134 135 135 ASP ASP A . n 
A 1 135 PRO 135 136 136 PRO PRO A . n 
A 1 136 GLU 136 137 137 GLU GLU A . n 
A 1 137 ALA 137 138 138 ALA ALA A . n 
A 1 138 LYS 138 139 139 LYS LYS A . n 
A 1 139 ASP 139 140 140 ASP ASP A . n 
A 1 140 PHE 140 141 141 PHE PHE A . n 
A 1 141 PRO 141 142 142 PRO PRO A . n 
A 1 142 TRP 142 143 143 TRP TRP A . n 
A 1 143 PRO 143 144 144 PRO PRO A . n 
A 1 144 ASN 144 145 145 ASN ASN A . n 
# 
loop_
_pdbx_nonpoly_scheme.asym_id 
_pdbx_nonpoly_scheme.entity_id 
_pdbx_nonpoly_scheme.mon_id 
_pdbx_nonpoly_scheme.ndb_seq_num 
_pdbx_nonpoly_scheme.pdb_seq_num 
_pdbx_nonpoly_scheme.auth_seq_num 
_pdbx_nonpoly_scheme.pdb_mon_id 
_pdbx_nonpoly_scheme.auth_mon_id 
_pdbx_nonpoly_scheme.pdb_strand_id 
_pdbx_nonpoly_scheme.pdb_ins_code 
B 2 TRS 1   301 1   TRS TRS A . 
C 3 TS5 1   401 1   TS5 TS4 A . 
D 4 HOH 1   402 1   HOH HOH A . 
D 4 HOH 2   403 2   HOH HOH A . 
D 4 HOH 3   404 3   HOH HOH A . 
D 4 HOH 4   405 4   HOH HOH A . 
D 4 HOH 5   406 5   HOH HOH A . 
D 4 HOH 6   407 6   HOH HOH A . 
D 4 HOH 7   408 7   HOH HOH A . 
D 4 HOH 8   409 8   HOH HOH A . 
D 4 HOH 9   410 9   HOH HOH A . 
D 4 HOH 10  411 10  HOH HOH A . 
D 4 HOH 11  412 11  HOH HOH A . 
D 4 HOH 12  413 12  HOH HOH A . 
D 4 HOH 13  414 13  HOH HOH A . 
D 4 HOH 14  415 14  HOH HOH A . 
D 4 HOH 15  416 15  HOH HOH A . 
D 4 HOH 16  417 16  HOH HOH A . 
D 4 HOH 17  418 17  HOH HOH A . 
D 4 HOH 18  419 18  HOH HOH A . 
D 4 HOH 19  420 19  HOH HOH A . 
D 4 HOH 20  421 20  HOH HOH A . 
D 4 HOH 21  422 21  HOH HOH A . 
D 4 HOH 22  423 22  HOH HOH A . 
D 4 HOH 23  424 23  HOH HOH A . 
D 4 HOH 24  425 24  HOH HOH A . 
D 4 HOH 25  426 25  HOH HOH A . 
D 4 HOH 26  427 26  HOH HOH A . 
D 4 HOH 27  428 27  HOH HOH A . 
D 4 HOH 28  429 28  HOH HOH A . 
D 4 HOH 29  430 29  HOH HOH A . 
D 4 HOH 30  431 30  HOH HOH A . 
D 4 HOH 31  432 31  HOH HOH A . 
D 4 HOH 32  433 32  HOH HOH A . 
D 4 HOH 33  434 33  HOH HOH A . 
D 4 HOH 34  435 34  HOH HOH A . 
D 4 HOH 35  436 35  HOH HOH A . 
D 4 HOH 36  437 36  HOH HOH A . 
D 4 HOH 37  438 37  HOH HOH A . 
D 4 HOH 38  439 38  HOH HOH A . 
D 4 HOH 39  440 39  HOH HOH A . 
D 4 HOH 40  441 40  HOH HOH A . 
D 4 HOH 41  442 41  HOH HOH A . 
D 4 HOH 42  443 42  HOH HOH A . 
D 4 HOH 43  444 43  HOH HOH A . 
D 4 HOH 44  445 44  HOH HOH A . 
D 4 HOH 45  446 45  HOH HOH A . 
D 4 HOH 46  447 46  HOH HOH A . 
D 4 HOH 47  448 47  HOH HOH A . 
D 4 HOH 48  449 48  HOH HOH A . 
D 4 HOH 49  450 49  HOH HOH A . 
D 4 HOH 50  451 50  HOH HOH A . 
D 4 HOH 51  452 51  HOH HOH A . 
D 4 HOH 52  453 52  HOH HOH A . 
D 4 HOH 53  454 53  HOH HOH A . 
D 4 HOH 54  455 54  HOH HOH A . 
D 4 HOH 55  456 55  HOH HOH A . 
D 4 HOH 56  457 56  HOH HOH A . 
D 4 HOH 57  458 57  HOH HOH A . 
D 4 HOH 58  459 58  HOH HOH A . 
D 4 HOH 59  460 59  HOH HOH A . 
D 4 HOH 60  461 60  HOH HOH A . 
D 4 HOH 61  462 61  HOH HOH A . 
D 4 HOH 62  463 62  HOH HOH A . 
D 4 HOH 63  464 63  HOH HOH A . 
D 4 HOH 64  465 64  HOH HOH A . 
D 4 HOH 65  466 65  HOH HOH A . 
D 4 HOH 66  467 66  HOH HOH A . 
D 4 HOH 67  468 67  HOH HOH A . 
D 4 HOH 68  469 68  HOH HOH A . 
D 4 HOH 69  470 69  HOH HOH A . 
D 4 HOH 70  471 70  HOH HOH A . 
D 4 HOH 71  472 71  HOH HOH A . 
D 4 HOH 72  473 72  HOH HOH A . 
D 4 HOH 73  474 73  HOH HOH A . 
D 4 HOH 74  475 74  HOH HOH A . 
D 4 HOH 75  476 75  HOH HOH A . 
D 4 HOH 76  477 76  HOH HOH A . 
D 4 HOH 77  478 77  HOH HOH A . 
D 4 HOH 78  479 78  HOH HOH A . 
D 4 HOH 79  480 79  HOH HOH A . 
D 4 HOH 80  481 80  HOH HOH A . 
D 4 HOH 81  482 81  HOH HOH A . 
D 4 HOH 82  483 82  HOH HOH A . 
D 4 HOH 83  484 83  HOH HOH A . 
D 4 HOH 84  485 84  HOH HOH A . 
D 4 HOH 85  486 85  HOH HOH A . 
D 4 HOH 86  487 86  HOH HOH A . 
D 4 HOH 87  488 87  HOH HOH A . 
D 4 HOH 88  489 88  HOH HOH A . 
D 4 HOH 89  490 89  HOH HOH A . 
D 4 HOH 90  491 90  HOH HOH A . 
D 4 HOH 91  492 91  HOH HOH A . 
D 4 HOH 92  493 92  HOH HOH A . 
D 4 HOH 93  494 93  HOH HOH A . 
D 4 HOH 94  495 94  HOH HOH A . 
D 4 HOH 95  496 95  HOH HOH A . 
D 4 HOH 96  497 96  HOH HOH A . 
D 4 HOH 97  498 97  HOH HOH A . 
D 4 HOH 98  499 98  HOH HOH A . 
D 4 HOH 99  500 99  HOH HOH A . 
D 4 HOH 100 501 100 HOH HOH A . 
D 4 HOH 101 502 101 HOH HOH A . 
D 4 HOH 102 503 102 HOH HOH A . 
D 4 HOH 103 504 103 HOH HOH A . 
D 4 HOH 104 505 104 HOH HOH A . 
D 4 HOH 105 506 105 HOH HOH A . 
D 4 HOH 106 507 106 HOH HOH A . 
D 4 HOH 107 508 107 HOH HOH A . 
D 4 HOH 108 509 108 HOH HOH A . 
D 4 HOH 109 510 109 HOH HOH A . 
D 4 HOH 110 511 110 HOH HOH A . 
D 4 HOH 111 512 111 HOH HOH A . 
D 4 HOH 112 513 112 HOH HOH A . 
D 4 HOH 113 514 113 HOH HOH A . 
D 4 HOH 114 515 114 HOH HOH A . 
D 4 HOH 115 516 115 HOH HOH A . 
D 4 HOH 116 517 116 HOH HOH A . 
D 4 HOH 117 518 117 HOH HOH A . 
D 4 HOH 118 519 118 HOH HOH A . 
D 4 HOH 119 520 119 HOH HOH A . 
D 4 HOH 120 521 120 HOH HOH A . 
D 4 HOH 121 522 121 HOH HOH A . 
D 4 HOH 122 523 122 HOH HOH A . 
D 4 HOH 123 524 123 HOH HOH A . 
D 4 HOH 124 525 124 HOH HOH A . 
D 4 HOH 125 526 125 HOH HOH A . 
D 4 HOH 126 527 126 HOH HOH A . 
D 4 HOH 127 528 127 HOH HOH A . 
D 4 HOH 128 529 128 HOH HOH A . 
D 4 HOH 129 530 129 HOH HOH A . 
D 4 HOH 130 531 130 HOH HOH A . 
D 4 HOH 131 532 131 HOH HOH A . 
D 4 HOH 132 533 132 HOH HOH A . 
D 4 HOH 133 534 133 HOH HOH A . 
D 4 HOH 134 535 134 HOH HOH A . 
D 4 HOH 135 536 135 HOH HOH A . 
D 4 HOH 136 537 136 HOH HOH A . 
D 4 HOH 137 538 137 HOH HOH A . 
D 4 HOH 138 539 138 HOH HOH A . 
D 4 HOH 139 540 139 HOH HOH A . 
D 4 HOH 140 541 140 HOH HOH A . 
D 4 HOH 141 542 141 HOH HOH A . 
D 4 HOH 142 543 142 HOH HOH A . 
D 4 HOH 143 544 143 HOH HOH A . 
D 4 HOH 144 545 144 HOH HOH A . 
D 4 HOH 145 546 145 HOH HOH A . 
D 4 HOH 146 547 146 HOH HOH A . 
D 4 HOH 147 548 147 HOH HOH A . 
D 4 HOH 148 549 148 HOH HOH A . 
D 4 HOH 149 550 149 HOH HOH A . 
D 4 HOH 150 551 150 HOH HOH A . 
D 4 HOH 151 552 151 HOH HOH A . 
D 4 HOH 152 553 152 HOH HOH A . 
D 4 HOH 153 554 153 HOH HOH A . 
D 4 HOH 154 555 154 HOH HOH A . 
D 4 HOH 155 556 155 HOH HOH A . 
D 4 HOH 156 557 156 HOH HOH A . 
D 4 HOH 157 558 157 HOH HOH A . 
D 4 HOH 158 559 158 HOH HOH A . 
D 4 HOH 159 560 159 HOH HOH A . 
D 4 HOH 160 561 160 HOH HOH A . 
D 4 HOH 161 562 161 HOH HOH A . 
D 4 HOH 162 563 162 HOH HOH A . 
D 4 HOH 163 564 163 HOH HOH A . 
D 4 HOH 164 565 164 HOH HOH A . 
D 4 HOH 165 566 165 HOH HOH A . 
D 4 HOH 166 567 166 HOH HOH A . 
D 4 HOH 167 568 167 HOH HOH A . 
D 4 HOH 168 569 168 HOH HOH A . 
D 4 HOH 169 570 169 HOH HOH A . 
D 4 HOH 170 571 170 HOH HOH A . 
D 4 HOH 171 572 171 HOH HOH A . 
D 4 HOH 172 573 172 HOH HOH A . 
D 4 HOH 173 574 173 HOH HOH A . 
D 4 HOH 174 575 174 HOH HOH A . 
D 4 HOH 175 576 175 HOH HOH A . 
D 4 HOH 176 577 176 HOH HOH A . 
D 4 HOH 177 578 177 HOH HOH A . 
D 4 HOH 178 579 178 HOH HOH A . 
D 4 HOH 179 580 179 HOH HOH A . 
D 4 HOH 180 581 180 HOH HOH A . 
D 4 HOH 181 582 181 HOH HOH A . 
D 4 HOH 182 583 182 HOH HOH A . 
D 4 HOH 183 584 183 HOH HOH A . 
D 4 HOH 184 585 184 HOH HOH A . 
D 4 HOH 185 586 186 HOH HOH A . 
D 4 HOH 186 587 187 HOH HOH A . 
D 4 HOH 187 588 188 HOH HOH A . 
D 4 HOH 188 589 189 HOH HOH A . 
D 4 HOH 189 590 190 HOH HOH A . 
D 4 HOH 190 591 191 HOH HOH A . 
D 4 HOH 191 592 192 HOH HOH A . 
D 4 HOH 192 593 193 HOH HOH A . 
D 4 HOH 193 594 194 HOH HOH A . 
D 4 HOH 194 595 195 HOH HOH A . 
D 4 HOH 195 596 196 HOH HOH A . 
D 4 HOH 196 597 198 HOH HOH A . 
D 4 HOH 197 598 199 HOH HOH A . 
D 4 HOH 198 599 200 HOH HOH A . 
D 4 HOH 199 600 201 HOH HOH A . 
D 4 HOH 200 601 202 HOH HOH A . 
D 4 HOH 201 602 203 HOH HOH A . 
D 4 HOH 202 603 204 HOH HOH A . 
D 4 HOH 203 604 205 HOH HOH A . 
D 4 HOH 204 605 206 HOH HOH A . 
D 4 HOH 205 606 207 HOH HOH A . 
D 4 HOH 206 607 208 HOH HOH A . 
D 4 HOH 207 608 209 HOH HOH A . 
D 4 HOH 208 609 210 HOH HOH A . 
D 4 HOH 209 610 211 HOH HOH A . 
D 4 HOH 210 611 212 HOH HOH A . 
D 4 HOH 211 612 213 HOH HOH A . 
D 4 HOH 212 613 214 HOH HOH A . 
D 4 HOH 213 614 215 HOH HOH A . 
D 4 HOH 214 615 216 HOH HOH A . 
D 4 HOH 215 616 217 HOH HOH A . 
D 4 HOH 216 617 218 HOH HOH A . 
D 4 HOH 217 618 219 HOH HOH A . 
D 4 HOH 218 619 220 HOH HOH A . 
D 4 HOH 219 620 221 HOH HOH A . 
D 4 HOH 220 621 222 HOH HOH A . 
D 4 HOH 221 622 223 HOH HOH A . 
D 4 HOH 222 623 224 HOH HOH A . 
D 4 HOH 223 624 225 HOH HOH A . 
D 4 HOH 224 625 226 HOH HOH A . 
D 4 HOH 225 626 227 HOH HOH A . 
D 4 HOH 226 627 228 HOH HOH A . 
D 4 HOH 227 628 229 HOH HOH A . 
D 4 HOH 228 629 230 HOH HOH A . 
D 4 HOH 229 630 231 HOH HOH A . 
D 4 HOH 230 631 232 HOH HOH A . 
D 4 HOH 231 632 233 HOH HOH A . 
D 4 HOH 232 633 234 HOH HOH A . 
D 4 HOH 233 634 235 HOH HOH A . 
D 4 HOH 234 635 236 HOH HOH A . 
D 4 HOH 235 636 237 HOH HOH A . 
D 4 HOH 236 637 238 HOH HOH A . 
D 4 HOH 237 638 239 HOH HOH A . 
D 4 HOH 238 639 240 HOH HOH A . 
D 4 HOH 239 640 241 HOH HOH A . 
D 4 HOH 240 641 242 HOH HOH A . 
D 4 HOH 241 642 243 HOH HOH A . 
D 4 HOH 242 643 244 HOH HOH A . 
D 4 HOH 243 644 245 HOH HOH A . 
D 4 HOH 244 645 246 HOH HOH A . 
D 4 HOH 245 646 247 HOH HOH A . 
D 4 HOH 246 647 248 HOH HOH A . 
D 4 HOH 247 648 249 HOH HOH A . 
D 4 HOH 248 649 250 HOH HOH A . 
D 4 HOH 249 650 251 HOH HOH A . 
D 4 HOH 250 651 252 HOH HOH A . 
D 4 HOH 251 652 253 HOH HOH A . 
D 4 HOH 252 653 254 HOH HOH A . 
D 4 HOH 253 654 255 HOH HOH A . 
D 4 HOH 254 655 256 HOH HOH A . 
D 4 HOH 255 656 257 HOH HOH A . 
D 4 HOH 256 657 258 HOH HOH A . 
D 4 HOH 257 658 259 HOH HOH A . 
D 4 HOH 258 659 260 HOH HOH A . 
D 4 HOH 259 660 261 HOH HOH A . 
D 4 HOH 260 661 262 HOH HOH A . 
D 4 HOH 261 662 263 HOH HOH A . 
D 4 HOH 262 663 264 HOH HOH A . 
D 4 HOH 263 664 265 HOH HOH A . 
D 4 HOH 264 665 266 HOH HOH A . 
D 4 HOH 265 666 267 HOH HOH A . 
D 4 HOH 266 667 268 HOH HOH A . 
D 4 HOH 267 668 269 HOH HOH A . 
D 4 HOH 268 669 270 HOH HOH A . 
D 4 HOH 269 670 271 HOH HOH A . 
D 4 HOH 270 671 272 HOH HOH A . 
D 4 HOH 271 672 274 HOH HOH A . 
D 4 HOH 272 673 275 HOH HOH A . 
D 4 HOH 273 674 276 HOH HOH A . 
D 4 HOH 274 675 277 HOH HOH A . 
D 4 HOH 275 676 278 HOH HOH A . 
D 4 HOH 276 677 279 HOH HOH A . 
D 4 HOH 277 678 280 HOH HOH A . 
D 4 HOH 278 679 281 HOH HOH A . 
D 4 HOH 279 680 282 HOH HOH A . 
# 
loop_
_software.name 
_software.classification 
_software.version 
_software.citation_id 
_software.pdbx_ordinal 
AMoRE  phasing          .         ? 1 
REFMAC refinement       5.0       ? 2 
MOSFLM 'data reduction' .         ? 3 
CCP4   'data scaling'   '(SCALA)' ? 4 
# 
_cell.entry_id           1I5G 
_cell.length_a           41.211 
_cell.length_b           50.510 
_cell.length_c           67.259 
_cell.angle_alpha        90.00 
_cell.angle_beta         90.00 
_cell.angle_gamma        90.00 
_cell.Z_PDB              4 
_cell.pdbx_unique_axis   ? 
# 
_symmetry.entry_id                         1I5G 
_symmetry.space_group_name_H-M             'P 21 21 21' 
_symmetry.pdbx_full_space_group_name_H-M   ? 
_symmetry.cell_setting                     ? 
_symmetry.Int_Tables_number                19 
# 
_exptl.entry_id          1I5G 
_exptl.method            'X-RAY DIFFRACTION' 
_exptl.crystals_number   1 
# 
_exptl_crystal.id                    1 
_exptl_crystal.density_meas          ? 
_exptl_crystal.density_Matthews      2.16 
_exptl_crystal.density_percent_sol   42.95 
_exptl_crystal.description           ? 
# 
_exptl_crystal_grow.crystal_id      1 
_exptl_crystal_grow.method          'VAPOR DIFFUSION, SITTING DROP' 
_exptl_crystal_grow.temp            292 
_exptl_crystal_grow.temp_details    ? 
_exptl_crystal_grow.pH              6.9 
_exptl_crystal_grow.pdbx_details    
'PEG 8000, Mes Tris glutathionylspermidine, pH 6.9, VAPOR DIFFUSION, SITTING DROP, temperature 292K' 
_exptl_crystal_grow.pdbx_pH_range   . 
# 
_diffrn.id                     1 
_diffrn.ambient_temp           100 
_diffrn.ambient_temp_details   ? 
_diffrn.crystal_id             1 
# 
_diffrn_detector.diffrn_id              1 
_diffrn_detector.detector               CCD 
_diffrn_detector.type                   MARRESEARCH 
_diffrn_detector.pdbx_collection_date   2000-09-25 
_diffrn_detector.details                mirrors 
# 
_diffrn_radiation.diffrn_id                        1 
_diffrn_radiation.wavelength_id                    1 
_diffrn_radiation.pdbx_monochromatic_or_laue_m_l   M 
_diffrn_radiation.monochromator                    'Si 111' 
_diffrn_radiation.pdbx_diffrn_protocol             'SINGLE WAVELENGTH' 
_diffrn_radiation.pdbx_scattering_type             x-ray 
# 
_diffrn_radiation_wavelength.id           1 
_diffrn_radiation_wavelength.wavelength   0.95 
_diffrn_radiation_wavelength.wt           1.0 
# 
_diffrn_source.diffrn_id                   1 
_diffrn_source.source                      SYNCHROTRON 
_diffrn_source.type                        'MPG/DESY, HAMBURG BEAMLINE BW6' 
_diffrn_source.pdbx_synchrotron_site       'MPG/DESY, HAMBURG' 
_diffrn_source.pdbx_synchrotron_beamline   BW6 
_diffrn_source.pdbx_wavelength             ? 
_diffrn_source.pdbx_wavelength_list        0.95 
# 
_reflns.entry_id                     1I5G 
_reflns.observed_criterion_sigma_I   0.0 
_reflns.observed_criterion_sigma_F   0.0 
_reflns.d_resolution_low             28.87 
_reflns.d_resolution_high            1.4 
_reflns.number_obs                   24911 
_reflns.number_all                   24911 
_reflns.percent_possible_obs         89 
_reflns.pdbx_Rmerge_I_obs            0.0740000 
_reflns.pdbx_Rsym_value              0.0650000 
_reflns.pdbx_netI_over_sigmaI        4.6 
_reflns.B_iso_Wilson_estimate        9.2 
_reflns.pdbx_redundancy              4.3 
_reflns.R_free_details               ? 
_reflns.limit_h_max                  ? 
_reflns.limit_h_min                  ? 
_reflns.limit_k_max                  ? 
_reflns.limit_k_min                  ? 
_reflns.limit_l_max                  ? 
_reflns.limit_l_min                  ? 
_reflns.observed_criterion_F_max     ? 
_reflns.observed_criterion_F_min     ? 
_reflns.pdbx_diffrn_id               1 
_reflns.pdbx_ordinal                 1 
# 
_reflns_shell.d_res_high             1.4 
_reflns_shell.d_res_low              1.48 
_reflns_shell.percent_possible_all   92.1 
_reflns_shell.Rmerge_I_obs           0.0880000 
_reflns_shell.pdbx_Rsym_value        0.0770000 
_reflns_shell.meanI_over_sigI_obs    8.8 
_reflns_shell.pdbx_redundancy        4.1 
_reflns_shell.percent_possible_obs   ? 
_reflns_shell.number_unique_all      3735 
_reflns_shell.pdbx_diffrn_id         ? 
_reflns_shell.pdbx_ordinal           1 
# 
_refine.entry_id                                 1I5G 
_refine.ls_number_reflns_obs                     23682 
_refine.ls_number_reflns_all                     24911 
_refine.pdbx_ls_sigma_I                          0.0 
_refine.pdbx_ls_sigma_F                          0.0 
_refine.pdbx_data_cutoff_high_absF               ? 
_refine.pdbx_data_cutoff_low_absF                ? 
_refine.ls_d_res_low                             40.49 
_refine.ls_d_res_high                            1.40 
_refine.ls_percent_reflns_obs                    87.87 
_refine.ls_R_factor_obs                          0.1703000 
_refine.ls_R_factor_all                          0.1700000 
_refine.ls_R_factor_R_work                       0.1680000 
_refine.ls_R_factor_R_free                       0.2030000 
_refine.ls_R_factor_R_free_error                 ? 
_refine.ls_R_factor_R_free_error_details         ? 
_refine.ls_percent_reflns_R_free                 4.9 
_refine.ls_number_reflns_R_free                  1229 
_refine.ls_number_parameters                     ? 
_refine.ls_number_restraints                     ? 
_refine.occupancy_min                            ? 
_refine.occupancy_max                            ? 
_refine.B_iso_mean                               7.0 
_refine.aniso_B[1][1]                            0 
_refine.aniso_B[2][2]                            -0 
_refine.aniso_B[3][3]                            -0 
_refine.aniso_B[1][2]                            0 
_refine.aniso_B[1][3]                            0 
_refine.aniso_B[2][3]                            0 
_refine.solvent_model_details                    ? 
_refine.solvent_model_param_ksol                 ? 
_refine.solvent_model_param_bsol                 ? 
_refine.pdbx_ls_cross_valid_method               THROUGHOUT 
_refine.details                                  ? 
_refine.pdbx_starting_model                      'PDB ENTRY 1FG4' 
_refine.pdbx_method_to_determine_struct          'MOLECULAR REPLACEMENT' 
_refine.pdbx_isotropic_thermal_model             Isotropic 
_refine.pdbx_stereochemistry_target_values       'Engh & Huber' 
_refine.pdbx_stereochem_target_val_spec_case     ? 
_refine.pdbx_R_Free_selection_details            RANDOM 
_refine.pdbx_overall_ESU_R_Free                  ? 
_refine.overall_SU_B                             ? 
_refine.ls_redundancy_reflns_obs                 ? 
_refine.B_iso_min                                ? 
_refine.B_iso_max                                ? 
_refine.correlation_coeff_Fo_to_Fc               ? 
_refine.correlation_coeff_Fo_to_Fc_free          ? 
_refine.overall_SU_R_Cruickshank_DPI             ? 
_refine.overall_SU_R_free                        ? 
_refine.overall_SU_ML                            ? 
_refine.pdbx_overall_ESU_R                       ? 
_refine.pdbx_data_cutoff_high_rms_absF           ? 
_refine.pdbx_refine_id                           'X-RAY DIFFRACTION' 
_refine.pdbx_diffrn_id                           1 
_refine.pdbx_TLS_residual_ADP_flag               ? 
_refine.pdbx_solvent_vdw_probe_radii             ? 
_refine.pdbx_solvent_ion_probe_radii             ? 
_refine.pdbx_solvent_shrinkage_radii             ? 
_refine.pdbx_overall_phase_error                 ? 
_refine.pdbx_overall_SU_R_free_Cruickshank_DPI   ? 
_refine.pdbx_overall_SU_R_Blow_DPI               ? 
_refine.pdbx_overall_SU_R_free_Blow_DPI          ? 
# 
_refine_analyze.entry_id                        1I5G 
_refine_analyze.Luzzati_coordinate_error_obs    ? 
_refine_analyze.Luzzati_sigma_a_obs             ? 
_refine_analyze.Luzzati_d_res_low_obs           ? 
_refine_analyze.Luzzati_coordinate_error_free   0.075 
_refine_analyze.Luzzati_sigma_a_free            ? 
_refine_analyze.Luzzati_d_res_low_free          ? 
_refine_analyze.number_disordered_residues      ? 
_refine_analyze.occupancy_sum_hydrogen          ? 
_refine_analyze.occupancy_sum_non_hydrogen      ? 
_refine_analyze.pdbx_Luzzati_d_res_high_obs     ? 
_refine_analyze.pdbx_refine_id                  'X-RAY DIFFRACTION' 
# 
_refine_hist.pdbx_refine_id                   'X-RAY DIFFRACTION' 
_refine_hist.cycle_id                         LAST 
_refine_hist.pdbx_number_atoms_protein        1147 
_refine_hist.pdbx_number_atoms_nucleic_acid   0 
_refine_hist.pdbx_number_atoms_ligand         37 
_refine_hist.number_atoms_solvent             279 
_refine_hist.number_atoms_total               1463 
_refine_hist.d_res_high                       1.40 
_refine_hist.d_res_low                        40.49 
# 
loop_
_refine_ls_restr.type 
_refine_ls_restr.dev_ideal 
_refine_ls_restr.dev_ideal_target 
_refine_ls_restr.weight 
_refine_ls_restr.number 
_refine_ls_restr.pdbx_refine_id 
_refine_ls_restr.pdbx_restraint_function 
p_mcbond_d  0.013 1.098 ? ? 'X-RAY DIFFRACTION' ? 
p_mcangle_d 2.398 1.789 ? ? 'X-RAY DIFFRACTION' ? 
p_scbond_d  ?     1.481 ? ? 'X-RAY DIFFRACTION' ? 
p_scangle_d ?     2.292 ? ? 'X-RAY DIFFRACTION' ? 
# 
_struct.entry_id                  1I5G 
_struct.title                     'TRYPAREDOXIN II COMPLEXED WITH GLUTATHIONYLSPERMIDINE' 
_struct.pdbx_model_details        ? 
_struct.pdbx_CASP_flag            ? 
_struct.pdbx_model_type_details   ? 
# 
_struct_keywords.entry_id        1I5G 
_struct_keywords.pdbx_keywords   'ELECTRON TRANSPORT' 
_struct_keywords.text            'tryparedoxin, electron transport' 
# 
loop_
_struct_asym.id 
_struct_asym.pdbx_blank_PDB_chainid_flag 
_struct_asym.pdbx_modified 
_struct_asym.entity_id 
_struct_asym.details 
A N N 1 ? 
B N N 2 ? 
C N N 3 ? 
D N N 4 ? 
# 
_struct_ref.id                         1 
_struct_ref.db_code                    O77093_CRIFA 
_struct_ref.db_name                    UNP 
_struct_ref.entity_id                  1 
_struct_ref.pdbx_db_accession          O77093 
_struct_ref.pdbx_align_begin           17 
_struct_ref.pdbx_seq_one_letter_code   
;SGLKKFFPYSTNVLKGAAADIALPSLAGKTVFFYFSASWCPPCRAFTPQLIDFYKAHAEKKNFEVMLISWDESAEDFKDY
YAKMPWLALPFEDRKGMEFLTTGFDVKSIPTLVGVEADSGNIITTQARTMVVKDPEAKDFPWPN
;
_struct_ref.pdbx_db_isoform            ? 
# 
_struct_ref_seq.align_id                      1 
_struct_ref_seq.ref_id                        1 
_struct_ref_seq.pdbx_PDB_id_code              1I5G 
_struct_ref_seq.pdbx_strand_id                A 
_struct_ref_seq.seq_align_beg                 1 
_struct_ref_seq.pdbx_seq_align_beg_ins_code   ? 
_struct_ref_seq.seq_align_end                 144 
_struct_ref_seq.pdbx_seq_align_end_ins_code   ? 
_struct_ref_seq.pdbx_db_accession             O77093 
_struct_ref_seq.db_align_beg                  17 
_struct_ref_seq.pdbx_db_align_beg_ins_code    ? 
_struct_ref_seq.db_align_end                  160 
_struct_ref_seq.pdbx_db_align_end_ins_code    ? 
_struct_ref_seq.pdbx_auth_seq_align_beg       2 
_struct_ref_seq.pdbx_auth_seq_align_end       145 
# 
_struct_ref_seq_dif.align_id                     1 
_struct_ref_seq_dif.pdbx_pdb_id_code             1I5G 
_struct_ref_seq_dif.mon_id                       SER 
_struct_ref_seq_dif.pdbx_pdb_strand_id           A 
_struct_ref_seq_dif.seq_num                      43 
_struct_ref_seq_dif.pdbx_pdb_ins_code            ? 
_struct_ref_seq_dif.pdbx_seq_db_name             UNP 
_struct_ref_seq_dif.pdbx_seq_db_accession_code   O77093 
_struct_ref_seq_dif.db_mon_id                    CYS 
_struct_ref_seq_dif.pdbx_seq_db_seq_num          59 
_struct_ref_seq_dif.details                      'engineered mutation' 
_struct_ref_seq_dif.pdbx_auth_seq_num            44 
_struct_ref_seq_dif.pdbx_ordinal                 1 
# 
_pdbx_struct_assembly.id                   1 
_pdbx_struct_assembly.details              author_defined_assembly 
_pdbx_struct_assembly.method_details       ? 
_pdbx_struct_assembly.oligomeric_details   monomeric 
_pdbx_struct_assembly.oligomeric_count     1 
# 
_pdbx_struct_assembly_gen.assembly_id       1 
_pdbx_struct_assembly_gen.oper_expression   1 
_pdbx_struct_assembly_gen.asym_id_list      A,B,C,D 
# 
_pdbx_struct_oper_list.id                   1 
_pdbx_struct_oper_list.type                 'identity operation' 
_pdbx_struct_oper_list.name                 1_555 
_pdbx_struct_oper_list.symmetry_operation   x,y,z 
_pdbx_struct_oper_list.matrix[1][1]         1.0000000000 
_pdbx_struct_oper_list.matrix[1][2]         0.0000000000 
_pdbx_struct_oper_list.matrix[1][3]         0.0000000000 
_pdbx_struct_oper_list.vector[1]            0.0000000000 
_pdbx_struct_oper_list.matrix[2][1]         0.0000000000 
_pdbx_struct_oper_list.matrix[2][2]         1.0000000000 
_pdbx_struct_oper_list.matrix[2][3]         0.0000000000 
_pdbx_struct_oper_list.vector[2]            0.0000000000 
_pdbx_struct_oper_list.matrix[3][1]         0.0000000000 
_pdbx_struct_oper_list.matrix[3][2]         0.0000000000 
_pdbx_struct_oper_list.matrix[3][3]         1.0000000000 
_pdbx_struct_oper_list.vector[3]            0.0000000000 
# 
loop_
_struct_conf.conf_type_id 
_struct_conf.id 
_struct_conf.pdbx_PDB_helix_id 
_struct_conf.beg_label_comp_id 
_struct_conf.beg_label_asym_id 
_struct_conf.beg_label_seq_id 
_struct_conf.pdbx_beg_PDB_ins_code 
_struct_conf.end_label_comp_id 
_struct_conf.end_label_asym_id 
_struct_conf.end_label_seq_id 
_struct_conf.pdbx_end_PDB_ins_code 
_struct_conf.beg_auth_comp_id 
_struct_conf.beg_auth_asym_id 
_struct_conf.beg_auth_seq_id 
_struct_conf.end_auth_comp_id 
_struct_conf.end_auth_asym_id 
_struct_conf.end_auth_seq_id 
_struct_conf.pdbx_PDB_helix_class 
_struct_conf.details 
_struct_conf.pdbx_PDB_helix_length 
HELX_P HELX_P1 1 PRO A 24  ? ALA A 27  ? PRO A 25  ALA A 28  5 ? 4  
HELX_P HELX_P2 2 CYS A 40  ? ALA A 58  ? CYS A 41  ALA A 59  1 ? 19 
HELX_P HELX_P3 3 SER A 73  ? ALA A 82  ? SER A 74  ALA A 83  1 ? 10 
HELX_P HELX_P4 4 ASP A 93  ? PHE A 104 ? ASP A 94  PHE A 105 1 ? 12 
HELX_P HELX_P5 5 GLN A 126 ? ASP A 134 ? GLN A 127 ASP A 135 1 ? 9  
# 
_struct_conf_type.id          HELX_P 
_struct_conf_type.criteria    ? 
_struct_conf_type.reference   ? 
# 
_struct_conn.id                            covale1 
_struct_conn.conn_type_id                  covale 
_struct_conn.pdbx_leaving_atom_flag        none 
_struct_conn.pdbx_PDB_id                   ? 
_struct_conn.ptnr1_label_asym_id           A 
_struct_conn.ptnr1_label_comp_id           CYS 
_struct_conn.ptnr1_label_seq_id            40 
_struct_conn.ptnr1_label_atom_id           SG 
_struct_conn.pdbx_ptnr1_label_alt_id       ? 
_struct_conn.pdbx_ptnr1_PDB_ins_code       ? 
_struct_conn.pdbx_ptnr1_standard_comp_id   ? 
_struct_conn.ptnr1_symmetry                1_555 
_struct_conn.ptnr2_label_asym_id           C 
_struct_conn.ptnr2_label_comp_id           TS5 
_struct_conn.ptnr2_label_seq_id            . 
_struct_conn.ptnr2_label_atom_id           SG2 
_struct_conn.pdbx_ptnr2_label_alt_id       ? 
_struct_conn.pdbx_ptnr2_PDB_ins_code       ? 
_struct_conn.ptnr1_auth_asym_id            A 
_struct_conn.ptnr1_auth_comp_id            CYS 
_struct_conn.ptnr1_auth_seq_id             41 
_struct_conn.ptnr2_auth_asym_id            A 
_struct_conn.ptnr2_auth_comp_id            TS5 
_struct_conn.ptnr2_auth_seq_id             401 
_struct_conn.ptnr2_symmetry                1_555 
_struct_conn.pdbx_ptnr3_label_atom_id      ? 
_struct_conn.pdbx_ptnr3_label_seq_id       ? 
_struct_conn.pdbx_ptnr3_label_comp_id      ? 
_struct_conn.pdbx_ptnr3_label_asym_id      ? 
_struct_conn.pdbx_ptnr3_label_alt_id       ? 
_struct_conn.pdbx_ptnr3_PDB_ins_code       ? 
_struct_conn.details                       ? 
_struct_conn.pdbx_dist_value               2.090 
_struct_conn.pdbx_value_order              ? 
_struct_conn.pdbx_role                     ? 
# 
_struct_conn_type.id          covale 
_struct_conn_type.criteria    ? 
_struct_conn_type.reference   ? 
# 
_pdbx_modification_feature.ordinal                            1 
_pdbx_modification_feature.label_comp_id                      TS5 
_pdbx_modification_feature.label_asym_id                      C 
_pdbx_modification_feature.label_seq_id                       . 
_pdbx_modification_feature.label_alt_id                       ? 
_pdbx_modification_feature.modified_residue_label_comp_id     CYS 
_pdbx_modification_feature.modified_residue_label_asym_id     A 
_pdbx_modification_feature.modified_residue_label_seq_id      40 
_pdbx_modification_feature.modified_residue_label_alt_id      ? 
_pdbx_modification_feature.auth_comp_id                       TS5 
_pdbx_modification_feature.auth_asym_id                       A 
_pdbx_modification_feature.auth_seq_id                        401 
_pdbx_modification_feature.PDB_ins_code                       ? 
_pdbx_modification_feature.symmetry                           1_555 
_pdbx_modification_feature.modified_residue_auth_comp_id      CYS 
_pdbx_modification_feature.modified_residue_auth_asym_id      A 
_pdbx_modification_feature.modified_residue_auth_seq_id       41 
_pdbx_modification_feature.modified_residue_PDB_ins_code      ? 
_pdbx_modification_feature.modified_residue_symmetry          1_555 
_pdbx_modification_feature.comp_id_linking_atom               SG2 
_pdbx_modification_feature.modified_residue_id_linking_atom   SG 
_pdbx_modification_feature.modified_residue_id                CYS 
_pdbx_modification_feature.ref_pcm_id                         1 
_pdbx_modification_feature.ref_comp_id                        TS5 
_pdbx_modification_feature.type                               None 
_pdbx_modification_feature.category                           'Covalent chemical modification' 
# 
loop_
_struct_mon_prot_cis.pdbx_id 
_struct_mon_prot_cis.label_comp_id 
_struct_mon_prot_cis.label_seq_id 
_struct_mon_prot_cis.label_asym_id 
_struct_mon_prot_cis.label_alt_id 
_struct_mon_prot_cis.pdbx_PDB_ins_code 
_struct_mon_prot_cis.auth_comp_id 
_struct_mon_prot_cis.auth_seq_id 
_struct_mon_prot_cis.auth_asym_id 
_struct_mon_prot_cis.pdbx_label_comp_id_2 
_struct_mon_prot_cis.pdbx_label_seq_id_2 
_struct_mon_prot_cis.pdbx_label_asym_id_2 
_struct_mon_prot_cis.pdbx_PDB_ins_code_2 
_struct_mon_prot_cis.pdbx_auth_comp_id_2 
_struct_mon_prot_cis.pdbx_auth_seq_id_2 
_struct_mon_prot_cis.pdbx_auth_asym_id_2 
_struct_mon_prot_cis.pdbx_PDB_model_num 
_struct_mon_prot_cis.pdbx_omega_angle 
1 ILE 109 A . ? ILE 110 A PRO 110 A ? PRO 111 A 1 -1.21 
2 PHE 140 A . ? PHE 141 A PRO 141 A ? PRO 142 A 1 4.18  
# 
_struct_sheet.id               A 
_struct_sheet.type             ? 
_struct_sheet.number_strands   7 
_struct_sheet.details          ? 
# 
loop_
_struct_sheet_order.sheet_id 
_struct_sheet_order.range_id_1 
_struct_sheet_order.range_id_2 
_struct_sheet_order.offset 
_struct_sheet_order.sense 
A 1 2 ? anti-parallel 
A 2 3 ? anti-parallel 
A 3 4 ? parallel      
A 4 5 ? parallel      
A 5 6 ? anti-parallel 
A 6 7 ? anti-parallel 
# 
loop_
_struct_sheet_range.sheet_id 
_struct_sheet_range.id 
_struct_sheet_range.beg_label_comp_id 
_struct_sheet_range.beg_label_asym_id 
_struct_sheet_range.beg_label_seq_id 
_struct_sheet_range.pdbx_beg_PDB_ins_code 
_struct_sheet_range.end_label_comp_id 
_struct_sheet_range.end_label_asym_id 
_struct_sheet_range.end_label_seq_id 
_struct_sheet_range.pdbx_end_PDB_ins_code 
_struct_sheet_range.beg_auth_comp_id 
_struct_sheet_range.beg_auth_asym_id 
_struct_sheet_range.beg_auth_seq_id 
_struct_sheet_range.end_auth_comp_id 
_struct_sheet_range.end_auth_asym_id 
_struct_sheet_range.end_auth_seq_id 
A 1 ALA A 18  ? ALA A 22  ? ALA A 19  ALA A 23  
A 2 ASN A 12  ? LYS A 15  ? ASN A 13  LYS A 16  
A 3 LEU A 87  ? ALA A 88  ? LEU A 88  ALA A 89  
A 4 PHE A 63  ? SER A 69  ? PHE A 64  SER A 70  
A 5 THR A 30  ? SER A 36  ? THR A 31  SER A 37  
A 6 THR A 111 ? GLU A 116 ? THR A 112 GLU A 117 
A 7 ILE A 122 ? THR A 124 ? ILE A 123 THR A 125 
# 
loop_
_pdbx_struct_sheet_hbond.sheet_id 
_pdbx_struct_sheet_hbond.range_id_1 
_pdbx_struct_sheet_hbond.range_id_2 
_pdbx_struct_sheet_hbond.range_1_label_atom_id 
_pdbx_struct_sheet_hbond.range_1_label_comp_id 
_pdbx_struct_sheet_hbond.range_1_label_asym_id 
_pdbx_struct_sheet_hbond.range_1_label_seq_id 
_pdbx_struct_sheet_hbond.range_1_PDB_ins_code 
_pdbx_struct_sheet_hbond.range_1_auth_atom_id 
_pdbx_struct_sheet_hbond.range_1_auth_comp_id 
_pdbx_struct_sheet_hbond.range_1_auth_asym_id 
_pdbx_struct_sheet_hbond.range_1_auth_seq_id 
_pdbx_struct_sheet_hbond.range_2_label_atom_id 
_pdbx_struct_sheet_hbond.range_2_label_comp_id 
_pdbx_struct_sheet_hbond.range_2_label_asym_id 
_pdbx_struct_sheet_hbond.range_2_label_seq_id 
_pdbx_struct_sheet_hbond.range_2_PDB_ins_code 
_pdbx_struct_sheet_hbond.range_2_auth_atom_id 
_pdbx_struct_sheet_hbond.range_2_auth_comp_id 
_pdbx_struct_sheet_hbond.range_2_auth_asym_id 
_pdbx_struct_sheet_hbond.range_2_auth_seq_id 
A 1 2 O ILE A 21  ? O ILE A 22  N VAL A 13  ? N VAL A 14  
A 2 3 N LEU A 14  ? N LEU A 15  O ALA A 88  ? O ALA A 89  
A 3 4 N LEU A 87  ? N LEU A 88  O VAL A 65  ? O VAL A 66  
A 4 5 N GLU A 64  ? N GLU A 65  O THR A 30  ? O THR A 31  
A 5 6 N PHE A 35  ? N PHE A 36  O THR A 111 ? O THR A 112 
A 6 7 O GLY A 114 ? O GLY A 115 N ILE A 123 ? N ILE A 124 
# 
loop_
_struct_site.id 
_struct_site.pdbx_evidence_code 
_struct_site.pdbx_auth_asym_id 
_struct_site.pdbx_auth_comp_id 
_struct_site.pdbx_auth_seq_id 
_struct_site.pdbx_auth_ins_code 
_struct_site.pdbx_num_residues 
_struct_site.details 
AC1 Software A TRS 301 ? 8  'BINDING SITE FOR RESIDUE TRS A 301' 
AC2 Software A TS5 401 ? 20 'BINDING SITE FOR RESIDUE TS5 A 401' 
# 
loop_
_struct_site_gen.id 
_struct_site_gen.site_id 
_struct_site_gen.pdbx_num_res 
_struct_site_gen.label_comp_id 
_struct_site_gen.label_asym_id 
_struct_site_gen.label_seq_id 
_struct_site_gen.pdbx_auth_ins_code 
_struct_site_gen.auth_comp_id 
_struct_site_gen.auth_asym_id 
_struct_site_gen.auth_seq_id 
_struct_site_gen.label_atom_id 
_struct_site_gen.label_alt_id 
_struct_site_gen.symmetry 
_struct_site_gen.details 
1  AC1 8  TRP A 70  ? TRP A 71  . ? 3_645 ? 
2  AC1 8  GLU A 98  ? GLU A 99  . ? 3_645 ? 
3  AC1 8  ASN A 144 ? ASN A 145 . ? 1_555 ? 
4  AC1 8  HOH D .   ? HOH A 440 . ? 1_555 ? 
5  AC1 8  HOH D .   ? HOH A 470 . ? 1_555 ? 
6  AC1 8  HOH D .   ? HOH A 506 . ? 1_555 ? 
7  AC1 8  HOH D .   ? HOH A 525 . ? 1_555 ? 
8  AC1 8  HOH D .   ? HOH A 579 . ? 1_555 ? 
9  AC2 20 ASP A 20  ? ASP A 21  . ? 2_564 ? 
10 AC2 20 TRP A 39  ? TRP A 40  . ? 1_555 ? 
11 AC2 20 CYS A 40  ? CYS A 41  . ? 1_555 ? 
12 AC2 20 LYS A 107 ? LYS A 108 . ? 1_555 ? 
13 AC2 20 SER A 108 ? SER A 109 . ? 1_555 ? 
14 AC2 20 ILE A 109 ? ILE A 110 . ? 1_555 ? 
15 AC2 20 GLU A 116 ? GLU A 117 . ? 3_655 ? 
16 AC2 20 ASN A 121 ? ASN A 122 . ? 3_655 ? 
17 AC2 20 ILE A 122 ? ILE A 123 . ? 3_655 ? 
18 AC2 20 ILE A 123 ? ILE A 124 . ? 3_655 ? 
19 AC2 20 ARG A 128 ? ARG A 129 . ? 1_555 ? 
20 AC2 20 HOH D .   ? HOH A 404 . ? 1_555 ? 
21 AC2 20 HOH D .   ? HOH A 481 . ? 1_555 ? 
22 AC2 20 HOH D .   ? HOH A 487 . ? 1_555 ? 
23 AC2 20 HOH D .   ? HOH A 490 . ? 3_655 ? 
24 AC2 20 HOH D .   ? HOH A 565 . ? 1_555 ? 
25 AC2 20 HOH D .   ? HOH A 604 . ? 3_655 ? 
26 AC2 20 HOH D .   ? HOH A 605 . ? 1_555 ? 
27 AC2 20 HOH D .   ? HOH A 624 . ? 1_555 ? 
28 AC2 20 HOH D .   ? HOH A 625 . ? 1_555 ? 
# 
_pdbx_entry_details.entry_id                   1I5G 
_pdbx_entry_details.compound_details           ? 
_pdbx_entry_details.source_details             ? 
_pdbx_entry_details.nonpolymer_details         ? 
_pdbx_entry_details.sequence_details           ? 
_pdbx_entry_details.has_ligand_of_interest     ? 
_pdbx_entry_details.has_protein_modification   Y 
# 
loop_
_pdbx_validate_close_contact.id 
_pdbx_validate_close_contact.PDB_model_num 
_pdbx_validate_close_contact.auth_atom_id_1 
_pdbx_validate_close_contact.auth_asym_id_1 
_pdbx_validate_close_contact.auth_comp_id_1 
_pdbx_validate_close_contact.auth_seq_id_1 
_pdbx_validate_close_contact.PDB_ins_code_1 
_pdbx_validate_close_contact.label_alt_id_1 
_pdbx_validate_close_contact.auth_atom_id_2 
_pdbx_validate_close_contact.auth_asym_id_2 
_pdbx_validate_close_contact.auth_comp_id_2 
_pdbx_validate_close_contact.auth_seq_id_2 
_pdbx_validate_close_contact.PDB_ins_code_2 
_pdbx_validate_close_contact.label_alt_id_2 
_pdbx_validate_close_contact.dist 
1 1 O A HOH 527 ? ? O A HOH 676 ? ? 1.91 
2 1 O A HOH 546 ? ? O A HOH 622 ? ? 2.13 
# 
_pdbx_validate_symm_contact.id                1 
_pdbx_validate_symm_contact.PDB_model_num     1 
_pdbx_validate_symm_contact.auth_atom_id_1    O 
_pdbx_validate_symm_contact.auth_asym_id_1    A 
_pdbx_validate_symm_contact.auth_comp_id_1    HOH 
_pdbx_validate_symm_contact.auth_seq_id_1     490 
_pdbx_validate_symm_contact.PDB_ins_code_1    ? 
_pdbx_validate_symm_contact.label_alt_id_1    ? 
_pdbx_validate_symm_contact.site_symmetry_1   1_555 
_pdbx_validate_symm_contact.auth_atom_id_2    O 
_pdbx_validate_symm_contact.auth_asym_id_2    A 
_pdbx_validate_symm_contact.auth_comp_id_2    HOH 
_pdbx_validate_symm_contact.auth_seq_id_2     624 
_pdbx_validate_symm_contact.PDB_ins_code_2    ? 
_pdbx_validate_symm_contact.label_alt_id_2    ? 
_pdbx_validate_symm_contact.site_symmetry_2   3_645 
_pdbx_validate_symm_contact.dist              1.88 
# 
loop_
_pdbx_validate_rmsd_angle.id 
_pdbx_validate_rmsd_angle.PDB_model_num 
_pdbx_validate_rmsd_angle.auth_atom_id_1 
_pdbx_validate_rmsd_angle.auth_asym_id_1 
_pdbx_validate_rmsd_angle.auth_comp_id_1 
_pdbx_validate_rmsd_angle.auth_seq_id_1 
_pdbx_validate_rmsd_angle.PDB_ins_code_1 
_pdbx_validate_rmsd_angle.label_alt_id_1 
_pdbx_validate_rmsd_angle.auth_atom_id_2 
_pdbx_validate_rmsd_angle.auth_asym_id_2 
_pdbx_validate_rmsd_angle.auth_comp_id_2 
_pdbx_validate_rmsd_angle.auth_seq_id_2 
_pdbx_validate_rmsd_angle.PDB_ins_code_2 
_pdbx_validate_rmsd_angle.label_alt_id_2 
_pdbx_validate_rmsd_angle.auth_atom_id_3 
_pdbx_validate_rmsd_angle.auth_asym_id_3 
_pdbx_validate_rmsd_angle.auth_comp_id_3 
_pdbx_validate_rmsd_angle.auth_seq_id_3 
_pdbx_validate_rmsd_angle.PDB_ins_code_3 
_pdbx_validate_rmsd_angle.label_alt_id_3 
_pdbx_validate_rmsd_angle.angle_value 
_pdbx_validate_rmsd_angle.angle_target_value 
_pdbx_validate_rmsd_angle.angle_deviation 
_pdbx_validate_rmsd_angle.angle_standard_deviation 
_pdbx_validate_rmsd_angle.linker_flag 
1 1 OG1 A THR 12  ? ? CB A THR 12  ? ? CG2 A THR 12  ? ? 95.33  110.00 -14.67 2.30 N 
2 1 CB  A ASP 21  ? ? CG A ASP 21  ? ? OD2 A ASP 21  ? ? 125.30 118.30 7.00   0.90 N 
3 1 OE1 A GLU 76  ? ? CD A GLU 76  ? ? OE2 A GLU 76  ? ? 115.17 123.30 -8.13  1.20 N 
4 1 NE  A ARG 129 ? ? CZ A ARG 129 ? ? NH2 A ARG 129 ? ? 116.49 120.30 -3.81  0.50 N 
5 1 CA  A THR 130 ? ? CB A THR 130 ? ? OG1 A THR 130 ? ? 124.60 109.00 15.60  2.10 N 
# 
loop_
_pdbx_validate_torsion.id 
_pdbx_validate_torsion.PDB_model_num 
_pdbx_validate_torsion.auth_comp_id 
_pdbx_validate_torsion.auth_asym_id 
_pdbx_validate_torsion.auth_seq_id 
_pdbx_validate_torsion.PDB_ins_code 
_pdbx_validate_torsion.label_alt_id 
_pdbx_validate_torsion.phi 
_pdbx_validate_torsion.psi 
1 1 ALA A 20 ? ? -142.41 38.95   
2 1 TRP A 87 ? ? -107.07 -156.49 
# 
_pdbx_validate_peptide_omega.id               1 
_pdbx_validate_peptide_omega.PDB_model_num    1 
_pdbx_validate_peptide_omega.auth_comp_id_1   SER 
_pdbx_validate_peptide_omega.auth_asym_id_1   A 
_pdbx_validate_peptide_omega.auth_seq_id_1    2 
_pdbx_validate_peptide_omega.PDB_ins_code_1   ? 
_pdbx_validate_peptide_omega.label_alt_id_1   ? 
_pdbx_validate_peptide_omega.auth_comp_id_2   GLY 
_pdbx_validate_peptide_omega.auth_asym_id_2   A 
_pdbx_validate_peptide_omega.auth_seq_id_2    3 
_pdbx_validate_peptide_omega.PDB_ins_code_2   ? 
_pdbx_validate_peptide_omega.label_alt_id_2   ? 
_pdbx_validate_peptide_omega.omega            109.05 
# 
_pdbx_validate_chiral.id              1 
_pdbx_validate_chiral.PDB_model_num   1 
_pdbx_validate_chiral.auth_atom_id    CB 
_pdbx_validate_chiral.label_alt_id    ? 
_pdbx_validate_chiral.auth_asym_id    A 
_pdbx_validate_chiral.auth_comp_id    THR 
_pdbx_validate_chiral.auth_seq_id     130 
_pdbx_validate_chiral.PDB_ins_code    ? 
_pdbx_validate_chiral.details         PLANAR 
_pdbx_validate_chiral.omega           . 
# 
loop_
_chem_comp_atom.comp_id 
_chem_comp_atom.atom_id 
_chem_comp_atom.type_symbol 
_chem_comp_atom.pdbx_aromatic_flag 
_chem_comp_atom.pdbx_stereo_config 
_chem_comp_atom.pdbx_ordinal 
ALA N      N N N 1   
ALA CA     C N S 2   
ALA C      C N N 3   
ALA O      O N N 4   
ALA CB     C N N 5   
ALA OXT    O N N 6   
ALA H      H N N 7   
ALA H2     H N N 8   
ALA HA     H N N 9   
ALA HB1    H N N 10  
ALA HB2    H N N 11  
ALA HB3    H N N 12  
ALA HXT    H N N 13  
ARG N      N N N 14  
ARG CA     C N S 15  
ARG C      C N N 16  
ARG O      O N N 17  
ARG CB     C N N 18  
ARG CG     C N N 19  
ARG CD     C N N 20  
ARG NE     N N N 21  
ARG CZ     C N N 22  
ARG NH1    N N N 23  
ARG NH2    N N N 24  
ARG OXT    O N N 25  
ARG H      H N N 26  
ARG H2     H N N 27  
ARG HA     H N N 28  
ARG HB2    H N N 29  
ARG HB3    H N N 30  
ARG HG2    H N N 31  
ARG HG3    H N N 32  
ARG HD2    H N N 33  
ARG HD3    H N N 34  
ARG HE     H N N 35  
ARG HH11   H N N 36  
ARG HH12   H N N 37  
ARG HH21   H N N 38  
ARG HH22   H N N 39  
ARG HXT    H N N 40  
ASN N      N N N 41  
ASN CA     C N S 42  
ASN C      C N N 43  
ASN O      O N N 44  
ASN CB     C N N 45  
ASN CG     C N N 46  
ASN OD1    O N N 47  
ASN ND2    N N N 48  
ASN OXT    O N N 49  
ASN H      H N N 50  
ASN H2     H N N 51  
ASN HA     H N N 52  
ASN HB2    H N N 53  
ASN HB3    H N N 54  
ASN HD21   H N N 55  
ASN HD22   H N N 56  
ASN HXT    H N N 57  
ASP N      N N N 58  
ASP CA     C N S 59  
ASP C      C N N 60  
ASP O      O N N 61  
ASP CB     C N N 62  
ASP CG     C N N 63  
ASP OD1    O N N 64  
ASP OD2    O N N 65  
ASP OXT    O N N 66  
ASP H      H N N 67  
ASP H2     H N N 68  
ASP HA     H N N 69  
ASP HB2    H N N 70  
ASP HB3    H N N 71  
ASP HD2    H N N 72  
ASP HXT    H N N 73  
CYS N      N N N 74  
CYS CA     C N R 75  
CYS C      C N N 76  
CYS O      O N N 77  
CYS CB     C N N 78  
CYS SG     S N N 79  
CYS OXT    O N N 80  
CYS H      H N N 81  
CYS H2     H N N 82  
CYS HA     H N N 83  
CYS HB2    H N N 84  
CYS HB3    H N N 85  
CYS HG     H N N 86  
CYS HXT    H N N 87  
GLN N      N N N 88  
GLN CA     C N S 89  
GLN C      C N N 90  
GLN O      O N N 91  
GLN CB     C N N 92  
GLN CG     C N N 93  
GLN CD     C N N 94  
GLN OE1    O N N 95  
GLN NE2    N N N 96  
GLN OXT    O N N 97  
GLN H      H N N 98  
GLN H2     H N N 99  
GLN HA     H N N 100 
GLN HB2    H N N 101 
GLN HB3    H N N 102 
GLN HG2    H N N 103 
GLN HG3    H N N 104 
GLN HE21   H N N 105 
GLN HE22   H N N 106 
GLN HXT    H N N 107 
GLU N      N N N 108 
GLU CA     C N S 109 
GLU C      C N N 110 
GLU O      O N N 111 
GLU CB     C N N 112 
GLU CG     C N N 113 
GLU CD     C N N 114 
GLU OE1    O N N 115 
GLU OE2    O N N 116 
GLU OXT    O N N 117 
GLU H      H N N 118 
GLU H2     H N N 119 
GLU HA     H N N 120 
GLU HB2    H N N 121 
GLU HB3    H N N 122 
GLU HG2    H N N 123 
GLU HG3    H N N 124 
GLU HE2    H N N 125 
GLU HXT    H N N 126 
GLY N      N N N 127 
GLY CA     C N N 128 
GLY C      C N N 129 
GLY O      O N N 130 
GLY OXT    O N N 131 
GLY H      H N N 132 
GLY H2     H N N 133 
GLY HA2    H N N 134 
GLY HA3    H N N 135 
GLY HXT    H N N 136 
HIS N      N N N 137 
HIS CA     C N S 138 
HIS C      C N N 139 
HIS O      O N N 140 
HIS CB     C N N 141 
HIS CG     C Y N 142 
HIS ND1    N Y N 143 
HIS CD2    C Y N 144 
HIS CE1    C Y N 145 
HIS NE2    N Y N 146 
HIS OXT    O N N 147 
HIS H      H N N 148 
HIS H2     H N N 149 
HIS HA     H N N 150 
HIS HB2    H N N 151 
HIS HB3    H N N 152 
HIS HD1    H N N 153 
HIS HD2    H N N 154 
HIS HE1    H N N 155 
HIS HE2    H N N 156 
HIS HXT    H N N 157 
HOH O      O N N 158 
HOH H1     H N N 159 
HOH H2     H N N 160 
ILE N      N N N 161 
ILE CA     C N S 162 
ILE C      C N N 163 
ILE O      O N N 164 
ILE CB     C N S 165 
ILE CG1    C N N 166 
ILE CG2    C N N 167 
ILE CD1    C N N 168 
ILE OXT    O N N 169 
ILE H      H N N 170 
ILE H2     H N N 171 
ILE HA     H N N 172 
ILE HB     H N N 173 
ILE HG12   H N N 174 
ILE HG13   H N N 175 
ILE HG21   H N N 176 
ILE HG22   H N N 177 
ILE HG23   H N N 178 
ILE HD11   H N N 179 
ILE HD12   H N N 180 
ILE HD13   H N N 181 
ILE HXT    H N N 182 
LEU N      N N N 183 
LEU CA     C N S 184 
LEU C      C N N 185 
LEU O      O N N 186 
LEU CB     C N N 187 
LEU CG     C N N 188 
LEU CD1    C N N 189 
LEU CD2    C N N 190 
LEU OXT    O N N 191 
LEU H      H N N 192 
LEU H2     H N N 193 
LEU HA     H N N 194 
LEU HB2    H N N 195 
LEU HB3    H N N 196 
LEU HG     H N N 197 
LEU HD11   H N N 198 
LEU HD12   H N N 199 
LEU HD13   H N N 200 
LEU HD21   H N N 201 
LEU HD22   H N N 202 
LEU HD23   H N N 203 
LEU HXT    H N N 204 
LYS N      N N N 205 
LYS CA     C N S 206 
LYS C      C N N 207 
LYS O      O N N 208 
LYS CB     C N N 209 
LYS CG     C N N 210 
LYS CD     C N N 211 
LYS CE     C N N 212 
LYS NZ     N N N 213 
LYS OXT    O N N 214 
LYS H      H N N 215 
LYS H2     H N N 216 
LYS HA     H N N 217 
LYS HB2    H N N 218 
LYS HB3    H N N 219 
LYS HG2    H N N 220 
LYS HG3    H N N 221 
LYS HD2    H N N 222 
LYS HD3    H N N 223 
LYS HE2    H N N 224 
LYS HE3    H N N 225 
LYS HZ1    H N N 226 
LYS HZ2    H N N 227 
LYS HZ3    H N N 228 
LYS HXT    H N N 229 
MET N      N N N 230 
MET CA     C N S 231 
MET C      C N N 232 
MET O      O N N 233 
MET CB     C N N 234 
MET CG     C N N 235 
MET SD     S N N 236 
MET CE     C N N 237 
MET OXT    O N N 238 
MET H      H N N 239 
MET H2     H N N 240 
MET HA     H N N 241 
MET HB2    H N N 242 
MET HB3    H N N 243 
MET HG2    H N N 244 
MET HG3    H N N 245 
MET HE1    H N N 246 
MET HE2    H N N 247 
MET HE3    H N N 248 
MET HXT    H N N 249 
PHE N      N N N 250 
PHE CA     C N S 251 
PHE C      C N N 252 
PHE O      O N N 253 
PHE CB     C N N 254 
PHE CG     C Y N 255 
PHE CD1    C Y N 256 
PHE CD2    C Y N 257 
PHE CE1    C Y N 258 
PHE CE2    C Y N 259 
PHE CZ     C Y N 260 
PHE OXT    O N N 261 
PHE H      H N N 262 
PHE H2     H N N 263 
PHE HA     H N N 264 
PHE HB2    H N N 265 
PHE HB3    H N N 266 
PHE HD1    H N N 267 
PHE HD2    H N N 268 
PHE HE1    H N N 269 
PHE HE2    H N N 270 
PHE HZ     H N N 271 
PHE HXT    H N N 272 
PRO N      N N N 273 
PRO CA     C N S 274 
PRO C      C N N 275 
PRO O      O N N 276 
PRO CB     C N N 277 
PRO CG     C N N 278 
PRO CD     C N N 279 
PRO OXT    O N N 280 
PRO H      H N N 281 
PRO HA     H N N 282 
PRO HB2    H N N 283 
PRO HB3    H N N 284 
PRO HG2    H N N 285 
PRO HG3    H N N 286 
PRO HD2    H N N 287 
PRO HD3    H N N 288 
PRO HXT    H N N 289 
SER N      N N N 290 
SER CA     C N S 291 
SER C      C N N 292 
SER O      O N N 293 
SER CB     C N N 294 
SER OG     O N N 295 
SER OXT    O N N 296 
SER H      H N N 297 
SER H2     H N N 298 
SER HA     H N N 299 
SER HB2    H N N 300 
SER HB3    H N N 301 
SER HG     H N N 302 
SER HXT    H N N 303 
THR N      N N N 304 
THR CA     C N S 305 
THR C      C N N 306 
THR O      O N N 307 
THR CB     C N R 308 
THR OG1    O N N 309 
THR CG2    C N N 310 
THR OXT    O N N 311 
THR H      H N N 312 
THR H2     H N N 313 
THR HA     H N N 314 
THR HB     H N N 315 
THR HG1    H N N 316 
THR HG21   H N N 317 
THR HG22   H N N 318 
THR HG23   H N N 319 
THR HXT    H N N 320 
TRP N      N N N 321 
TRP CA     C N S 322 
TRP C      C N N 323 
TRP O      O N N 324 
TRP CB     C N N 325 
TRP CG     C Y N 326 
TRP CD1    C Y N 327 
TRP CD2    C Y N 328 
TRP NE1    N Y N 329 
TRP CE2    C Y N 330 
TRP CE3    C Y N 331 
TRP CZ2    C Y N 332 
TRP CZ3    C Y N 333 
TRP CH2    C Y N 334 
TRP OXT    O N N 335 
TRP H      H N N 336 
TRP H2     H N N 337 
TRP HA     H N N 338 
TRP HB2    H N N 339 
TRP HB3    H N N 340 
TRP HD1    H N N 341 
TRP HE1    H N N 342 
TRP HE3    H N N 343 
TRP HZ2    H N N 344 
TRP HZ3    H N N 345 
TRP HH2    H N N 346 
TRP HXT    H N N 347 
TRS C      C N N 348 
TRS C1     C N N 349 
TRS C2     C N N 350 
TRS C3     C N N 351 
TRS N      N N N 352 
TRS O1     O N N 353 
TRS O2     O N N 354 
TRS O3     O N N 355 
TRS H11    H N N 356 
TRS H12    H N N 357 
TRS H21    H N N 358 
TRS H22    H N N 359 
TRS H31    H N N 360 
TRS H32    H N N 361 
TRS HN1    H N N 362 
TRS HN2    H N N 363 
TRS HN3    H N N 364 
TRS HO1    H N N 365 
TRS HO2    H N N 366 
TRS HO3    H N N 367 
TS5 N1     N N N 368 
TS5 CA1    C N S 369 
TS5 C1     C N N 370 
TS5 OE1    O N N 371 
TS5 OE2    O N N 372 
TS5 CB1    C N N 373 
TS5 CG1    C N N 374 
TS5 CD1    C N N 375 
TS5 O1     O N N 376 
TS5 N2     N N N 377 
TS5 CA2    C N R 378 
TS5 C2     C N N 379 
TS5 O2     O N N 380 
TS5 CB2    C N N 381 
TS5 SG2    S N N 382 
TS5 N3     N N N 383 
TS5 CA3    C N N 384 
TS5 C3     C N N 385 
TS5 O3     O N N 386 
TS5 "N1'"  N N N 387 
TS5 "C1'"  C N N 388 
TS5 "C2'"  C N N 389 
TS5 "N2'"  N N N 390 
TS5 "C3'"  C N N 391 
TS5 "C4'"  C N N 392 
TS5 "C5'"  C N N 393 
TS5 "C6'"  C N N 394 
TS5 "C7'"  C N N 395 
TS5 "N3'"  N N N 396 
TS5 HN11   H N N 397 
TS5 HN12   H N N 398 
TS5 HA1    H N N 399 
TS5 HO2    H N N 400 
TS5 HB11   H N N 401 
TS5 HB12   H N N 402 
TS5 HG11   H N N 403 
TS5 HG12   H N N 404 
TS5 HN2    H N N 405 
TS5 HA2    H N N 406 
TS5 HB21   H N N 407 
TS5 HB22   H N N 408 
TS5 HG2    H N N 409 
TS5 HN3    H N N 410 
TS5 HA31   H N N 411 
TS5 HA32   H N N 412 
TS5 "HN1'" H N N 413 
TS5 "H1'1" H N N 414 
TS5 "H1'2" H N N 415 
TS5 "H2'1" H N N 416 
TS5 "H2'2" H N N 417 
TS5 "HN2'" H N N 418 
TS5 "H3'1" H N N 419 
TS5 "H3'2" H N N 420 
TS5 "H4'1" H N N 421 
TS5 "H4'2" H N N 422 
TS5 "H5'1" H N N 423 
TS5 "H5'2" H N N 424 
TS5 "H6'1" H N N 425 
TS5 "H6'2" H N N 426 
TS5 "H7'1" H N N 427 
TS5 "H7'2" H N N 428 
TS5 HN31   H N N 429 
TS5 HN32   H N N 430 
TYR N      N N N 431 
TYR CA     C N S 432 
TYR C      C N N 433 
TYR O      O N N 434 
TYR CB     C N N 435 
TYR CG     C Y N 436 
TYR CD1    C Y N 437 
TYR CD2    C Y N 438 
TYR CE1    C Y N 439 
TYR CE2    C Y N 440 
TYR CZ     C Y N 441 
TYR OH     O N N 442 
TYR OXT    O N N 443 
TYR H      H N N 444 
TYR H2     H N N 445 
TYR HA     H N N 446 
TYR HB2    H N N 447 
TYR HB3    H N N 448 
TYR HD1    H N N 449 
TYR HD2    H N N 450 
TYR HE1    H N N 451 
TYR HE2    H N N 452 
TYR HH     H N N 453 
TYR HXT    H N N 454 
VAL N      N N N 455 
VAL CA     C N S 456 
VAL C      C N N 457 
VAL O      O N N 458 
VAL CB     C N N 459 
VAL CG1    C N N 460 
VAL CG2    C N N 461 
VAL OXT    O N N 462 
VAL H      H N N 463 
VAL H2     H N N 464 
VAL HA     H N N 465 
VAL HB     H N N 466 
VAL HG11   H N N 467 
VAL HG12   H N N 468 
VAL HG13   H N N 469 
VAL HG21   H N N 470 
VAL HG22   H N N 471 
VAL HG23   H N N 472 
VAL HXT    H N N 473 
# 
loop_
_chem_comp_bond.comp_id 
_chem_comp_bond.atom_id_1 
_chem_comp_bond.atom_id_2 
_chem_comp_bond.value_order 
_chem_comp_bond.pdbx_aromatic_flag 
_chem_comp_bond.pdbx_stereo_config 
_chem_comp_bond.pdbx_ordinal 
ALA N     CA     sing N N 1   
ALA N     H      sing N N 2   
ALA N     H2     sing N N 3   
ALA CA    C      sing N N 4   
ALA CA    CB     sing N N 5   
ALA CA    HA     sing N N 6   
ALA C     O      doub N N 7   
ALA C     OXT    sing N N 8   
ALA CB    HB1    sing N N 9   
ALA CB    HB2    sing N N 10  
ALA CB    HB3    sing N N 11  
ALA OXT   HXT    sing N N 12  
ARG N     CA     sing N N 13  
ARG N     H      sing N N 14  
ARG N     H2     sing N N 15  
ARG CA    C      sing N N 16  
ARG CA    CB     sing N N 17  
ARG CA    HA     sing N N 18  
ARG C     O      doub N N 19  
ARG C     OXT    sing N N 20  
ARG CB    CG     sing N N 21  
ARG CB    HB2    sing N N 22  
ARG CB    HB3    sing N N 23  
ARG CG    CD     sing N N 24  
ARG CG    HG2    sing N N 25  
ARG CG    HG3    sing N N 26  
ARG CD    NE     sing N N 27  
ARG CD    HD2    sing N N 28  
ARG CD    HD3    sing N N 29  
ARG NE    CZ     sing N N 30  
ARG NE    HE     sing N N 31  
ARG CZ    NH1    sing N N 32  
ARG CZ    NH2    doub N N 33  
ARG NH1   HH11   sing N N 34  
ARG NH1   HH12   sing N N 35  
ARG NH2   HH21   sing N N 36  
ARG NH2   HH22   sing N N 37  
ARG OXT   HXT    sing N N 38  
ASN N     CA     sing N N 39  
ASN N     H      sing N N 40  
ASN N     H2     sing N N 41  
ASN CA    C      sing N N 42  
ASN CA    CB     sing N N 43  
ASN CA    HA     sing N N 44  
ASN C     O      doub N N 45  
ASN C     OXT    sing N N 46  
ASN CB    CG     sing N N 47  
ASN CB    HB2    sing N N 48  
ASN CB    HB3    sing N N 49  
ASN CG    OD1    doub N N 50  
ASN CG    ND2    sing N N 51  
ASN ND2   HD21   sing N N 52  
ASN ND2   HD22   sing N N 53  
ASN OXT   HXT    sing N N 54  
ASP N     CA     sing N N 55  
ASP N     H      sing N N 56  
ASP N     H2     sing N N 57  
ASP CA    C      sing N N 58  
ASP CA    CB     sing N N 59  
ASP CA    HA     sing N N 60  
ASP C     O      doub N N 61  
ASP C     OXT    sing N N 62  
ASP CB    CG     sing N N 63  
ASP CB    HB2    sing N N 64  
ASP CB    HB3    sing N N 65  
ASP CG    OD1    doub N N 66  
ASP CG    OD2    sing N N 67  
ASP OD2   HD2    sing N N 68  
ASP OXT   HXT    sing N N 69  
CYS N     CA     sing N N 70  
CYS N     H      sing N N 71  
CYS N     H2     sing N N 72  
CYS CA    C      sing N N 73  
CYS CA    CB     sing N N 74  
CYS CA    HA     sing N N 75  
CYS C     O      doub N N 76  
CYS C     OXT    sing N N 77  
CYS CB    SG     sing N N 78  
CYS CB    HB2    sing N N 79  
CYS CB    HB3    sing N N 80  
CYS SG    HG     sing N N 81  
CYS OXT   HXT    sing N N 82  
GLN N     CA     sing N N 83  
GLN N     H      sing N N 84  
GLN N     H2     sing N N 85  
GLN CA    C      sing N N 86  
GLN CA    CB     sing N N 87  
GLN CA    HA     sing N N 88  
GLN C     O      doub N N 89  
GLN C     OXT    sing N N 90  
GLN CB    CG     sing N N 91  
GLN CB    HB2    sing N N 92  
GLN CB    HB3    sing N N 93  
GLN CG    CD     sing N N 94  
GLN CG    HG2    sing N N 95  
GLN CG    HG3    sing N N 96  
GLN CD    OE1    doub N N 97  
GLN CD    NE2    sing N N 98  
GLN NE2   HE21   sing N N 99  
GLN NE2   HE22   sing N N 100 
GLN OXT   HXT    sing N N 101 
GLU N     CA     sing N N 102 
GLU N     H      sing N N 103 
GLU N     H2     sing N N 104 
GLU CA    C      sing N N 105 
GLU CA    CB     sing N N 106 
GLU CA    HA     sing N N 107 
GLU C     O      doub N N 108 
GLU C     OXT    sing N N 109 
GLU CB    CG     sing N N 110 
GLU CB    HB2    sing N N 111 
GLU CB    HB3    sing N N 112 
GLU CG    CD     sing N N 113 
GLU CG    HG2    sing N N 114 
GLU CG    HG3    sing N N 115 
GLU CD    OE1    doub N N 116 
GLU CD    OE2    sing N N 117 
GLU OE2   HE2    sing N N 118 
GLU OXT   HXT    sing N N 119 
GLY N     CA     sing N N 120 
GLY N     H      sing N N 121 
GLY N     H2     sing N N 122 
GLY CA    C      sing N N 123 
GLY CA    HA2    sing N N 124 
GLY CA    HA3    sing N N 125 
GLY C     O      doub N N 126 
GLY C     OXT    sing N N 127 
GLY OXT   HXT    sing N N 128 
HIS N     CA     sing N N 129 
HIS N     H      sing N N 130 
HIS N     H2     sing N N 131 
HIS CA    C      sing N N 132 
HIS CA    CB     sing N N 133 
HIS CA    HA     sing N N 134 
HIS C     O      doub N N 135 
HIS C     OXT    sing N N 136 
HIS CB    CG     sing N N 137 
HIS CB    HB2    sing N N 138 
HIS CB    HB3    sing N N 139 
HIS CG    ND1    sing Y N 140 
HIS CG    CD2    doub Y N 141 
HIS ND1   CE1    doub Y N 142 
HIS ND1   HD1    sing N N 143 
HIS CD2   NE2    sing Y N 144 
HIS CD2   HD2    sing N N 145 
HIS CE1   NE2    sing Y N 146 
HIS CE1   HE1    sing N N 147 
HIS NE2   HE2    sing N N 148 
HIS OXT   HXT    sing N N 149 
HOH O     H1     sing N N 150 
HOH O     H2     sing N N 151 
ILE N     CA     sing N N 152 
ILE N     H      sing N N 153 
ILE N     H2     sing N N 154 
ILE CA    C      sing N N 155 
ILE CA    CB     sing N N 156 
ILE CA    HA     sing N N 157 
ILE C     O      doub N N 158 
ILE C     OXT    sing N N 159 
ILE CB    CG1    sing N N 160 
ILE CB    CG2    sing N N 161 
ILE CB    HB     sing N N 162 
ILE CG1   CD1    sing N N 163 
ILE CG1   HG12   sing N N 164 
ILE CG1   HG13   sing N N 165 
ILE CG2   HG21   sing N N 166 
ILE CG2   HG22   sing N N 167 
ILE CG2   HG23   sing N N 168 
ILE CD1   HD11   sing N N 169 
ILE CD1   HD12   sing N N 170 
ILE CD1   HD13   sing N N 171 
ILE OXT   HXT    sing N N 172 
LEU N     CA     sing N N 173 
LEU N     H      sing N N 174 
LEU N     H2     sing N N 175 
LEU CA    C      sing N N 176 
LEU CA    CB     sing N N 177 
LEU CA    HA     sing N N 178 
LEU C     O      doub N N 179 
LEU C     OXT    sing N N 180 
LEU CB    CG     sing N N 181 
LEU CB    HB2    sing N N 182 
LEU CB    HB3    sing N N 183 
LEU CG    CD1    sing N N 184 
LEU CG    CD2    sing N N 185 
LEU CG    HG     sing N N 186 
LEU CD1   HD11   sing N N 187 
LEU CD1   HD12   sing N N 188 
LEU CD1   HD13   sing N N 189 
LEU CD2   HD21   sing N N 190 
LEU CD2   HD22   sing N N 191 
LEU CD2   HD23   sing N N 192 
LEU OXT   HXT    sing N N 193 
LYS N     CA     sing N N 194 
LYS N     H      sing N N 195 
LYS N     H2     sing N N 196 
LYS CA    C      sing N N 197 
LYS CA    CB     sing N N 198 
LYS CA    HA     sing N N 199 
LYS C     O      doub N N 200 
LYS C     OXT    sing N N 201 
LYS CB    CG     sing N N 202 
LYS CB    HB2    sing N N 203 
LYS CB    HB3    sing N N 204 
LYS CG    CD     sing N N 205 
LYS CG    HG2    sing N N 206 
LYS CG    HG3    sing N N 207 
LYS CD    CE     sing N N 208 
LYS CD    HD2    sing N N 209 
LYS CD    HD3    sing N N 210 
LYS CE    NZ     sing N N 211 
LYS CE    HE2    sing N N 212 
LYS CE    HE3    sing N N 213 
LYS NZ    HZ1    sing N N 214 
LYS NZ    HZ2    sing N N 215 
LYS NZ    HZ3    sing N N 216 
LYS OXT   HXT    sing N N 217 
MET N     CA     sing N N 218 
MET N     H      sing N N 219 
MET N     H2     sing N N 220 
MET CA    C      sing N N 221 
MET CA    CB     sing N N 222 
MET CA    HA     sing N N 223 
MET C     O      doub N N 224 
MET C     OXT    sing N N 225 
MET CB    CG     sing N N 226 
MET CB    HB2    sing N N 227 
MET CB    HB3    sing N N 228 
MET CG    SD     sing N N 229 
MET CG    HG2    sing N N 230 
MET CG    HG3    sing N N 231 
MET SD    CE     sing N N 232 
MET CE    HE1    sing N N 233 
MET CE    HE2    sing N N 234 
MET CE    HE3    sing N N 235 
MET OXT   HXT    sing N N 236 
PHE N     CA     sing N N 237 
PHE N     H      sing N N 238 
PHE N     H2     sing N N 239 
PHE CA    C      sing N N 240 
PHE CA    CB     sing N N 241 
PHE CA    HA     sing N N 242 
PHE C     O      doub N N 243 
PHE C     OXT    sing N N 244 
PHE CB    CG     sing N N 245 
PHE CB    HB2    sing N N 246 
PHE CB    HB3    sing N N 247 
PHE CG    CD1    doub Y N 248 
PHE CG    CD2    sing Y N 249 
PHE CD1   CE1    sing Y N 250 
PHE CD1   HD1    sing N N 251 
PHE CD2   CE2    doub Y N 252 
PHE CD2   HD2    sing N N 253 
PHE CE1   CZ     doub Y N 254 
PHE CE1   HE1    sing N N 255 
PHE CE2   CZ     sing Y N 256 
PHE CE2   HE2    sing N N 257 
PHE CZ    HZ     sing N N 258 
PHE OXT   HXT    sing N N 259 
PRO N     CA     sing N N 260 
PRO N     CD     sing N N 261 
PRO N     H      sing N N 262 
PRO CA    C      sing N N 263 
PRO CA    CB     sing N N 264 
PRO CA    HA     sing N N 265 
PRO C     O      doub N N 266 
PRO C     OXT    sing N N 267 
PRO CB    CG     sing N N 268 
PRO CB    HB2    sing N N 269 
PRO CB    HB3    sing N N 270 
PRO CG    CD     sing N N 271 
PRO CG    HG2    sing N N 272 
PRO CG    HG3    sing N N 273 
PRO CD    HD2    sing N N 274 
PRO CD    HD3    sing N N 275 
PRO OXT   HXT    sing N N 276 
SER N     CA     sing N N 277 
SER N     H      sing N N 278 
SER N     H2     sing N N 279 
SER CA    C      sing N N 280 
SER CA    CB     sing N N 281 
SER CA    HA     sing N N 282 
SER C     O      doub N N 283 
SER C     OXT    sing N N 284 
SER CB    OG     sing N N 285 
SER CB    HB2    sing N N 286 
SER CB    HB3    sing N N 287 
SER OG    HG     sing N N 288 
SER OXT   HXT    sing N N 289 
THR N     CA     sing N N 290 
THR N     H      sing N N 291 
THR N     H2     sing N N 292 
THR CA    C      sing N N 293 
THR CA    CB     sing N N 294 
THR CA    HA     sing N N 295 
THR C     O      doub N N 296 
THR C     OXT    sing N N 297 
THR CB    OG1    sing N N 298 
THR CB    CG2    sing N N 299 
THR CB    HB     sing N N 300 
THR OG1   HG1    sing N N 301 
THR CG2   HG21   sing N N 302 
THR CG2   HG22   sing N N 303 
THR CG2   HG23   sing N N 304 
THR OXT   HXT    sing N N 305 
TRP N     CA     sing N N 306 
TRP N     H      sing N N 307 
TRP N     H2     sing N N 308 
TRP CA    C      sing N N 309 
TRP CA    CB     sing N N 310 
TRP CA    HA     sing N N 311 
TRP C     O      doub N N 312 
TRP C     OXT    sing N N 313 
TRP CB    CG     sing N N 314 
TRP CB    HB2    sing N N 315 
TRP CB    HB3    sing N N 316 
TRP CG    CD1    doub Y N 317 
TRP CG    CD2    sing Y N 318 
TRP CD1   NE1    sing Y N 319 
TRP CD1   HD1    sing N N 320 
TRP CD2   CE2    doub Y N 321 
TRP CD2   CE3    sing Y N 322 
TRP NE1   CE2    sing Y N 323 
TRP NE1   HE1    sing N N 324 
TRP CE2   CZ2    sing Y N 325 
TRP CE3   CZ3    doub Y N 326 
TRP CE3   HE3    sing N N 327 
TRP CZ2   CH2    doub Y N 328 
TRP CZ2   HZ2    sing N N 329 
TRP CZ3   CH2    sing Y N 330 
TRP CZ3   HZ3    sing N N 331 
TRP CH2   HH2    sing N N 332 
TRP OXT   HXT    sing N N 333 
TRS C     C1     sing N N 334 
TRS C     C2     sing N N 335 
TRS C     C3     sing N N 336 
TRS C     N      sing N N 337 
TRS C1    O1     sing N N 338 
TRS C1    H11    sing N N 339 
TRS C1    H12    sing N N 340 
TRS C2    O2     sing N N 341 
TRS C2    H21    sing N N 342 
TRS C2    H22    sing N N 343 
TRS C3    O3     sing N N 344 
TRS C3    H31    sing N N 345 
TRS C3    H32    sing N N 346 
TRS N     HN1    sing N N 347 
TRS N     HN2    sing N N 348 
TRS N     HN3    sing N N 349 
TRS O1    HO1    sing N N 350 
TRS O2    HO2    sing N N 351 
TRS O3    HO3    sing N N 352 
TS5 N1    CA1    sing N N 353 
TS5 N1    HN11   sing N N 354 
TS5 N1    HN12   sing N N 355 
TS5 CA1   C1     sing N N 356 
TS5 CA1   CB1    sing N N 357 
TS5 CA1   HA1    sing N N 358 
TS5 C1    OE1    doub N N 359 
TS5 C1    OE2    sing N N 360 
TS5 OE2   HO2    sing N N 361 
TS5 CB1   CG1    sing N N 362 
TS5 CB1   HB11   sing N N 363 
TS5 CB1   HB12   sing N N 364 
TS5 CG1   CD1    sing N N 365 
TS5 CG1   HG11   sing N N 366 
TS5 CG1   HG12   sing N N 367 
TS5 CD1   O1     doub N N 368 
TS5 CD1   N2     sing N N 369 
TS5 N2    CA2    sing N N 370 
TS5 N2    HN2    sing N N 371 
TS5 CA2   C2     sing N N 372 
TS5 CA2   CB2    sing N N 373 
TS5 CA2   HA2    sing N N 374 
TS5 C2    O2     doub N N 375 
TS5 C2    N3     sing N N 376 
TS5 CB2   SG2    sing N N 377 
TS5 CB2   HB21   sing N N 378 
TS5 CB2   HB22   sing N N 379 
TS5 SG2   HG2    sing N N 380 
TS5 N3    CA3    sing N N 381 
TS5 N3    HN3    sing N N 382 
TS5 CA3   C3     sing N N 383 
TS5 CA3   HA31   sing N N 384 
TS5 CA3   HA32   sing N N 385 
TS5 C3    O3     doub N N 386 
TS5 C3    "N1'"  sing N N 387 
TS5 "N1'" "C1'"  sing N N 388 
TS5 "N1'" "HN1'" sing N N 389 
TS5 "C1'" "C2'"  sing N N 390 
TS5 "C1'" "H1'1" sing N N 391 
TS5 "C1'" "H1'2" sing N N 392 
TS5 "C2'" "C3'"  sing N N 393 
TS5 "C2'" "H2'1" sing N N 394 
TS5 "C2'" "H2'2" sing N N 395 
TS5 "N2'" "C3'"  sing N N 396 
TS5 "N2'" "C4'"  sing N N 397 
TS5 "N2'" "HN2'" sing N N 398 
TS5 "C3'" "H3'1" sing N N 399 
TS5 "C3'" "H3'2" sing N N 400 
TS5 "C4'" "C5'"  sing N N 401 
TS5 "C4'" "H4'1" sing N N 402 
TS5 "C4'" "H4'2" sing N N 403 
TS5 "C5'" "C6'"  sing N N 404 
TS5 "C5'" "H5'1" sing N N 405 
TS5 "C5'" "H5'2" sing N N 406 
TS5 "C6'" "C7'"  sing N N 407 
TS5 "C6'" "H6'1" sing N N 408 
TS5 "C6'" "H6'2" sing N N 409 
TS5 "C7'" "N3'"  sing N N 410 
TS5 "C7'" "H7'1" sing N N 411 
TS5 "C7'" "H7'2" sing N N 412 
TS5 "N3'" HN31   sing N N 413 
TS5 "N3'" HN32   sing N N 414 
TYR N     CA     sing N N 415 
TYR N     H      sing N N 416 
TYR N     H2     sing N N 417 
TYR CA    C      sing N N 418 
TYR CA    CB     sing N N 419 
TYR CA    HA     sing N N 420 
TYR C     O      doub N N 421 
TYR C     OXT    sing N N 422 
TYR CB    CG     sing N N 423 
TYR CB    HB2    sing N N 424 
TYR CB    HB3    sing N N 425 
TYR CG    CD1    doub Y N 426 
TYR CG    CD2    sing Y N 427 
TYR CD1   CE1    sing Y N 428 
TYR CD1   HD1    sing N N 429 
TYR CD2   CE2    doub Y N 430 
TYR CD2   HD2    sing N N 431 
TYR CE1   CZ     doub Y N 432 
TYR CE1   HE1    sing N N 433 
TYR CE2   CZ     sing Y N 434 
TYR CE2   HE2    sing N N 435 
TYR CZ    OH     sing N N 436 
TYR OH    HH     sing N N 437 
TYR OXT   HXT    sing N N 438 
VAL N     CA     sing N N 439 
VAL N     H      sing N N 440 
VAL N     H2     sing N N 441 
VAL CA    C      sing N N 442 
VAL CA    CB     sing N N 443 
VAL CA    HA     sing N N 444 
VAL C     O      doub N N 445 
VAL C     OXT    sing N N 446 
VAL CB    CG1    sing N N 447 
VAL CB    CG2    sing N N 448 
VAL CB    HB     sing N N 449 
VAL CG1   HG11   sing N N 450 
VAL CG1   HG12   sing N N 451 
VAL CG1   HG13   sing N N 452 
VAL CG2   HG21   sing N N 453 
VAL CG2   HG22   sing N N 454 
VAL CG2   HG23   sing N N 455 
VAL OXT   HXT    sing N N 456 
# 
_pdbx_initial_refinement_model.id               1 
_pdbx_initial_refinement_model.entity_id_list   ? 
_pdbx_initial_refinement_model.type             'experimental model' 
_pdbx_initial_refinement_model.source_name      PDB 
_pdbx_initial_refinement_model.accession_code   1FG4 
_pdbx_initial_refinement_model.details          'PDB ENTRY 1FG4' 
# 
_atom_sites.entry_id                    1I5G 
_atom_sites.fract_transf_matrix[1][1]   -0.01920996 
_atom_sites.fract_transf_matrix[1][2]   0.01229080 
_atom_sites.fract_transf_matrix[1][3]   -0.00828879 
_atom_sites.fract_transf_matrix[2][1]   -0.00479460 
_atom_sites.fract_transf_matrix[2][2]   0.00501170 
_atom_sites.fract_transf_matrix[2][3]   0.01854334 
_atom_sites.fract_transf_matrix[3][1]   0.00833940 
_atom_sites.fract_transf_matrix[3][2]   0.01225463 
_atom_sites.fract_transf_matrix[3][3]   -0.00115580 
_atom_sites.fract_transf_vector[1]      0.291005 
_atom_sites.fract_transf_vector[2]      0.435120 
_atom_sites.fract_transf_vector[3]      0.356354 
# 
loop_
_atom_type.symbol 
C 
N 
O 
S 
# 
loop_
_atom_site.group_PDB 
_atom_site.id 
_atom_site.type_symbol 
_atom_site.label_atom_id 
_atom_site.label_alt_id 
_atom_site.label_comp_id 
_atom_site.label_asym_id 
_atom_site.label_entity_id 
_atom_site.label_seq_id 
_atom_site.pdbx_PDB_ins_code 
_atom_site.Cartn_x 
_atom_site.Cartn_y 
_atom_site.Cartn_z 
_atom_site.occupancy 
_atom_site.B_iso_or_equiv 
_atom_site.pdbx_formal_charge 
_atom_site.auth_seq_id 
_atom_site.auth_comp_id 
_atom_site.auth_asym_id 
_atom_site.auth_atom_id 
_atom_site.pdbx_PDB_model_num 
ATOM   1    N N     . SER A 1 1   ? 8.538   6.497   -14.712 1.00 22.66 ? 2   SER A N     1 
ATOM   2    C CA    . SER A 1 1   ? 7.723   5.642   -13.802 1.00 22.34 ? 2   SER A CA    1 
ATOM   3    C C     . SER A 1 1   ? 6.238   5.746   -14.155 1.00 22.60 ? 2   SER A C     1 
ATOM   4    O O     . SER A 1 1   ? 5.592   6.656   -13.654 1.00 25.15 ? 2   SER A O     1 
ATOM   5    C CB    . SER A 1 1   ? 7.810   6.153   -12.353 1.00 21.67 ? 2   SER A CB    1 
ATOM   6    O OG    . SER A 1 1   ? 7.004   5.450   -11.403 1.00 18.97 ? 2   SER A OG    1 
ATOM   7    N N     . GLY A 1 2   ? 5.572   5.017   -15.045 1.00 22.80 ? 3   GLY A N     1 
ATOM   8    C CA    . GLY A 1 2   ? 4.592   4.007   -14.703 1.00 19.83 ? 3   GLY A CA    1 
ATOM   9    C C     . GLY A 1 2   ? 3.702   4.417   -13.556 1.00 17.08 ? 3   GLY A C     1 
ATOM   10   O O     . GLY A 1 2   ? 2.497   4.475   -13.741 1.00 17.10 ? 3   GLY A O     1 
ATOM   11   N N     . LEU A 1 3   ? 4.256   4.693   -12.379 1.00 15.54 ? 4   LEU A N     1 
ATOM   12   C CA    . LEU A 1 3   ? 3.389   5.080   -11.270 1.00 14.90 ? 4   LEU A CA    1 
ATOM   13   C C     . LEU A 1 3   ? 3.125   6.562   -11.131 1.00 14.99 ? 4   LEU A C     1 
ATOM   14   O O     . LEU A 1 3   ? 2.300   6.957   -10.314 1.00 13.99 ? 4   LEU A O     1 
ATOM   15   C CB    . LEU A 1 3   ? 3.929   4.626   -9.916  1.00 15.27 ? 4   LEU A CB    1 
ATOM   16   C CG    . LEU A 1 3   ? 4.044   3.115   -9.767  1.00 15.12 ? 4   LEU A CG    1 
ATOM   17   C CD1   . LEU A 1 3   ? 4.816   2.875   -8.501  1.00 16.51 ? 4   LEU A CD1   1 
ATOM   18   C CD2   . LEU A 1 3   ? 2.698   2.450   -9.758  1.00 15.04 ? 4   LEU A CD2   1 
ATOM   19   N N     . LYS A 1 4   ? 3.827   7.360   -11.924 1.00 15.13 ? 5   LYS A N     1 
ATOM   20   C CA    . LYS A 1 4   ? 3.728   8.806   -11.837 1.00 17.34 ? 5   LYS A CA    1 
ATOM   21   C C     . LYS A 1 4   ? 2.342   9.340   -12.071 1.00 16.96 ? 5   LYS A C     1 
ATOM   22   O O     . LYS A 1 4   ? 2.170   10.475  -11.646 1.00 20.94 ? 5   LYS A O     1 
ATOM   23   C CB    . LYS A 1 4   ? 4.704   9.535   -12.760 1.00 19.50 ? 5   LYS A CB    1 
ATOM   24   C CG    . LYS A 1 4   ? 5.814   10.196  -11.956 1.00 22.12 ? 5   LYS A CG    1 
ATOM   25   C CD    . LYS A 1 4   ? 5.324   11.498  -11.347 1.00 23.69 ? 5   LYS A CD    1 
ATOM   26   C CE    . LYS A 1 4   ? 6.414   12.484  -10.916 1.00 24.82 ? 5   LYS A CE    1 
ATOM   27   N NZ    . LYS A 1 4   ? 5.835   13.592  -10.089 1.00 25.72 ? 5   LYS A NZ    1 
ATOM   28   N N     . LYS A 1 5   ? 1.393   8.641   -12.697 1.00 13.98 ? 6   LYS A N     1 
ATOM   29   C CA    . LYS A 1 5   ? -0.015  9.000   -12.907 1.00 13.40 ? 6   LYS A CA    1 
ATOM   30   C C     . LYS A 1 5   ? -0.832  8.754   -11.625 1.00 12.23 ? 6   LYS A C     1 
ATOM   31   O O     . LYS A 1 5   ? -1.981  9.182   -11.613 1.00 12.40 ? 6   LYS A O     1 
ATOM   32   C CB    . LYS A 1 5   ? -0.678  8.238   -14.083 1.00 13.74 ? 6   LYS A CB    1 
ATOM   33   C CG    . LYS A 1 5   ? -0.831  6.706   -13.948 1.00 14.62 ? 6   LYS A CG    1 
ATOM   34   C CD    . LYS A 1 5   ? -1.539  6.015   -15.117 1.00 15.20 ? 6   LYS A CD    1 
ATOM   35   C CE    . LYS A 1 5   ? -1.716  4.486   -15.045 1.00 16.04 ? 6   LYS A CE    1 
ATOM   36   N NZ    . LYS A 1 5   ? -2.618  3.969   -16.123 1.00 17.18 ? 6   LYS A NZ    1 
ATOM   37   N N     . PHE A 1 6   ? -0.245  8.073   -10.641 1.00 12.36 ? 7   PHE A N     1 
ATOM   38   C CA    . PHE A 1 6   ? -0.849  7.773   -9.337  1.00 12.17 ? 7   PHE A CA    1 
ATOM   39   C C     . PHE A 1 6   ? -0.327  8.663   -8.187  1.00 11.41 ? 7   PHE A C     1 
ATOM   40   O O     . PHE A 1 6   ? -0.830  8.573   -7.057  1.00 11.21 ? 7   PHE A O     1 
ATOM   41   C CB    . PHE A 1 6   ? -0.658  6.287   -9.001  1.00 13.19 ? 7   PHE A CB    1 
ATOM   42   C CG    . PHE A 1 6   ? -1.332  5.334   -9.943  1.00 14.24 ? 7   PHE A CG    1 
ATOM   43   C CD1   . PHE A 1 6   ? -2.656  5.476   -10.300 1.00 14.56 ? 7   PHE A CD1   1 
ATOM   44   C CD2   . PHE A 1 6   ? -0.629  4.279   -10.498 1.00 15.35 ? 7   PHE A CD2   1 
ATOM   45   C CE1   . PHE A 1 6   ? -3.303  4.606   -11.175 1.00 15.66 ? 7   PHE A CE1   1 
ATOM   46   C CE2   . PHE A 1 6   ? -1.256  3.400   -11.375 1.00 15.33 ? 7   PHE A CE2   1 
ATOM   47   C CZ    . PHE A 1 6   ? -2.583  3.558   -11.716 1.00 15.82 ? 7   PHE A CZ    1 
ATOM   48   N N     . PHE A 1 7   ? 0.668   9.525   -8.403  1.00 10.71 ? 8   PHE A N     1 
ATOM   49   C CA    . PHE A 1 7   ? 1.193   10.457  -7.426  1.00 9.12  ? 8   PHE A CA    1 
ATOM   50   C C     . PHE A 1 7   ? 1.089   11.923  -7.908  1.00 9.49  ? 8   PHE A C     1 
ATOM   51   O O     . PHE A 1 7   ? 2.151   12.536  -7.965  1.00 10.98 ? 8   PHE A O     1 
ATOM   52   C CB    . PHE A 1 7   ? 2.570   10.002  -7.035  1.00 10.37 ? 8   PHE A CB    1 
ATOM   53   C CG    . PHE A 1 7   ? 2.536   8.672   -6.342  1.00 10.70 ? 8   PHE A CG    1 
ATOM   54   C CD1   . PHE A 1 7   ? 2.326   8.622   -4.987  1.00 11.06 ? 8   PHE A CD1   1 
ATOM   55   C CD2   . PHE A 1 7   ? 2.705   7.471   -7.026  1.00 10.83 ? 8   PHE A CD2   1 
ATOM   56   C CE1   . PHE A 1 7   ? 2.285   7.421   -4.323  1.00 11.03 ? 8   PHE A CE1   1 
ATOM   57   C CE2   . PHE A 1 7   ? 2.669   6.273   -6.380  1.00 11.36 ? 8   PHE A CE2   1 
ATOM   58   C CZ    . PHE A 1 7   ? 2.465   6.233   -5.028  1.00 11.28 ? 8   PHE A CZ    1 
ATOM   59   N N     . PRO A 1 8   ? -0.058  12.483  -8.224  1.00 8.63  ? 9   PRO A N     1 
ATOM   60   C CA    . PRO A 1 8   ? -0.087  13.884  -8.661  1.00 8.27  ? 9   PRO A CA    1 
ATOM   61   C C     . PRO A 1 8   ? 0.421   14.918  -7.667  1.00 8.49  ? 9   PRO A C     1 
ATOM   62   O O     . PRO A 1 8   ? 0.874   15.973  -8.125  1.00 7.63  ? 9   PRO A O     1 
ATOM   63   C CB    . PRO A 1 8   ? -1.556  14.098  -8.895  1.00 8.78  ? 9   PRO A CB    1 
ATOM   64   C CG    . PRO A 1 8   ? -2.260  13.079  -8.076  1.00 9.37  ? 9   PRO A CG    1 
ATOM   65   C CD    . PRO A 1 8   ? -1.394  11.865  -8.207  1.00 7.89  ? 9   PRO A CD    1 
ATOM   66   N N     . TYR A 1 9   ? 0.374   14.695  -6.360  1.00 6.76  ? 10  TYR A N     1 
ATOM   67   C CA    . TYR A 1 9   ? 0.693   15.731  -5.393  1.00 7.10  ? 10  TYR A CA    1 
ATOM   68   C C     . TYR A 1 9   ? 1.872   15.376  -4.509  1.00 8.84  ? 10  TYR A C     1 
ATOM   69   O O     . TYR A 1 9   ? 2.358   16.258  -3.815  1.00 10.46 ? 10  TYR A O     1 
ATOM   70   C CB    . TYR A 1 9   ? -0.517  16.059  -4.524  1.00 6.02  ? 10  TYR A CB    1 
ATOM   71   C CG    . TYR A 1 9   ? -1.710  16.353  -5.360  1.00 5.61  ? 10  TYR A CG    1 
ATOM   72   C CD1   . TYR A 1 9   ? -1.764  17.554  -6.081  1.00 5.26  ? 10  TYR A CD1   1 
ATOM   73   C CD2   . TYR A 1 9   ? -2.750  15.472  -5.470  1.00 5.32  ? 10  TYR A CD2   1 
ATOM   74   C CE1   . TYR A 1 9   ? -2.837  17.842  -6.864  1.00 5.54  ? 10  TYR A CE1   1 
ATOM   75   C CE2   . TYR A 1 9   ? -3.852  15.742  -6.265  1.00 5.62  ? 10  TYR A CE2   1 
ATOM   76   C CZ    . TYR A 1 9   ? -3.869  16.944  -6.960  1.00 5.39  ? 10  TYR A CZ    1 
ATOM   77   O OH    . TYR A 1 9   ? -4.981  17.160  -7.735  1.00 7.41  ? 10  TYR A OH    1 
ATOM   78   N N     . SER A 1 10  ? 2.368   14.140  -4.482  1.00 7.30  ? 11  SER A N     1 
ATOM   79   C CA    . SER A 1 10  ? 3.549   13.804  -3.692  1.00 7.14  ? 11  SER A CA    1 
ATOM   80   C C     . SER A 1 10  ? 4.709   13.336  -4.577  1.00 9.21  ? 11  SER A C     1 
ATOM   81   O O     . SER A 1 10  ? 4.531   12.383  -5.341  1.00 11.96 ? 11  SER A O     1 
ATOM   82   C CB    . SER A 1 10  ? 3.193   12.676  -2.709  1.00 6.49  ? 11  SER A CB    1 
ATOM   83   O OG    . SER A 1 10  ? 2.379   13.138  -1.631  1.00 6.95  ? 11  SER A OG    1 
ATOM   84   N N     . THR A 1 11  ? 5.838   14.002  -4.421  1.00 10.38 ? 12  THR A N     1 
ATOM   85   C CA    . THR A 1 11  ? 6.973   13.433  -5.125  1.00 10.52 ? 12  THR A CA    1 
ATOM   86   C C     . THR A 1 11  ? 7.772   12.487  -4.222  1.00 8.64  ? 12  THR A C     1 
ATOM   87   O O     . THR A 1 11  ? 8.476   11.628  -4.736  1.00 8.26  ? 12  THR A O     1 
ATOM   88   C CB    . THR A 1 11  ? 7.858   14.484  -5.749  1.00 14.47 ? 12  THR A CB    1 
ATOM   89   O OG1   . THR A 1 11  ? 8.339   15.165  -4.618  1.00 15.04 ? 12  THR A OG1   1 
ATOM   90   C CG2   . THR A 1 11  ? 7.106   15.640  -6.297  1.00 16.16 ? 12  THR A CG2   1 
ATOM   91   N N     . ASN A 1 12  ? 7.683   12.604  -2.908  1.00 6.76  ? 13  ASN A N     1 
ATOM   92   C CA    . ASN A 1 12  ? 8.324   11.705  -1.959  1.00 6.65  ? 13  ASN A CA    1 
ATOM   93   C C     . ASN A 1 12  ? 7.278   10.969  -1.154  1.00 5.88  ? 13  ASN A C     1 
ATOM   94   O O     . ASN A 1 12  ? 6.205   11.454  -0.877  1.00 7.30  ? 13  ASN A O     1 
ATOM   95   C CB    . ASN A 1 12  ? 9.266   12.435  -0.978  1.00 9.47  ? 13  ASN A CB    1 
ATOM   96   C CG    . ASN A 1 12  ? 10.520  12.951  -1.650  1.00 10.47 ? 13  ASN A CG    1 
ATOM   97   O OD1   . ASN A 1 12  ? 10.753  14.148  -1.632  1.00 13.04 ? 13  ASN A OD1   1 
ATOM   98   N ND2   . ASN A 1 12  ? 11.332  12.054  -2.245  1.00 11.06 ? 13  ASN A ND2   1 
ATOM   99   N N     . VAL A 1 13  ? 7.616   9.764   -0.753  1.00 4.82  ? 14  VAL A N     1 
ATOM   100  C CA    . VAL A 1 13  ? 6.825   8.949   0.151   1.00 4.92  ? 14  VAL A CA    1 
ATOM   101  C C     . VAL A 1 13  ? 7.617   8.661   1.407   1.00 5.03  ? 14  VAL A C     1 
ATOM   102  O O     . VAL A 1 13  ? 8.838   8.874   1.482   1.00 4.87  ? 14  VAL A O     1 
ATOM   103  C CB    . VAL A 1 13  ? 6.292   7.684   -0.534  1.00 6.09  ? 14  VAL A CB    1 
ATOM   104  C CG1   . VAL A 1 13  ? 5.406   8.049   -1.711  1.00 6.64  ? 14  VAL A CG1   1 
ATOM   105  C CG2   . VAL A 1 13  ? 7.432   6.845   -1.021  1.00 6.50  ? 14  VAL A CG2   1 
ATOM   106  N N     . LEU A 1 14  ? 6.922   8.176   2.433   1.00 3.59  ? 15  LEU A N     1 
ATOM   107  C CA    . LEU A 1 14  ? 7.539   7.918   3.736   1.00 4.50  ? 15  LEU A CA    1 
ATOM   108  C C     . LEU A 1 14  ? 8.084   6.520   3.859   1.00 4.89  ? 15  LEU A C     1 
ATOM   109  O O     . LEU A 1 14  ? 7.585   5.585   3.232   1.00 3.60  ? 15  LEU A O     1 
ATOM   110  C CB    . LEU A 1 14  ? 6.461   8.021   4.822   1.00 4.17  ? 15  LEU A CB    1 
ATOM   111  C CG    . LEU A 1 14  ? 5.616   9.288   4.873   1.00 4.34  ? 15  LEU A CG    1 
ATOM   112  C CD1   . LEU A 1 14  ? 4.757   9.248   6.119   1.00 4.62  ? 15  LEU A CD1   1 
ATOM   113  C CD2   . LEU A 1 14  ? 6.382   10.600  4.825   1.00 5.24  ? 15  LEU A CD2   1 
ATOM   114  N N     . LYS A 1 15  ? 9.128   6.373   4.680   1.00 6.21  ? 16  LYS A N     1 
ATOM   115  C CA    . LYS A 1 15  ? 9.623   5.091   5.166   1.00 6.58  ? 16  LYS A CA    1 
ATOM   116  C C     . LYS A 1 15  ? 10.078  5.362   6.597   1.00 7.11  ? 16  LYS A C     1 
ATOM   117  O O     . LYS A 1 15  ? 11.009  6.142   6.822   1.00 7.35  ? 16  LYS A O     1 
ATOM   118  C CB    . LYS A 1 15  ? 10.839  4.556   4.394   1.00 8.69  ? 16  LYS A CB    1 
ATOM   119  C CG    . LYS A 1 15  ? 11.212  3.175   4.865   1.00 11.70 ? 16  LYS A CG    1 
ATOM   120  C CD    . LYS A 1 15  ? 12.224  2.576   3.912   1.00 14.66 ? 16  LYS A CD    1 
ATOM   121  C CE    . LYS A 1 15  ? 12.555  1.185   4.434   1.00 16.64 ? 16  LYS A CE    1 
ATOM   122  N NZ    . LYS A 1 15  ? 11.434  0.419   5.049   1.00 17.87 ? 16  LYS A NZ    1 
ATOM   123  N N     . GLY A 1 16  ? 9.467   4.728   7.586   1.00 6.77  ? 17  GLY A N     1 
ATOM   124  C CA    . GLY A 1 16  ? 9.850   4.979   8.971   1.00 6.85  ? 17  GLY A CA    1 
ATOM   125  C C     . GLY A 1 16  ? 9.623   6.437   9.315   1.00 7.18  ? 17  GLY A C     1 
ATOM   126  O O     . GLY A 1 16  ? 8.524   6.965   9.169   1.00 5.62  ? 17  GLY A O     1 
ATOM   127  N N     . ALA A 1 17  ? 10.697  7.069   9.782   1.00 6.65  ? 18  ALA A N     1 
ATOM   128  C CA    . ALA A 1 17  ? 10.702  8.481   10.153  1.00 6.54  ? 18  ALA A CA    1 
ATOM   129  C C     . ALA A 1 17  ? 11.128  9.406   9.032   1.00 6.48  ? 18  ALA A C     1 
ATOM   130  O O     . ALA A 1 17  ? 11.099  10.601  9.249   1.00 7.58  ? 18  ALA A O     1 
ATOM   131  C CB    . ALA A 1 17  ? 11.554  8.706   11.425  1.00 7.41  ? 18  ALA A CB    1 
ATOM   132  N N     . ALA A 1 18  ? 11.511  8.853   7.889   1.00 6.37  ? 19  ALA A N     1 
ATOM   133  C CA    . ALA A 1 18  ? 11.993  9.700   6.797   1.00 6.79  ? 19  ALA A CA    1 
ATOM   134  C C     . ALA A 1 18  ? 10.963  9.938   5.705   1.00 6.29  ? 19  ALA A C     1 
ATOM   135  O O     . ALA A 1 18  ? 9.879   9.299   5.692   1.00 5.98  ? 19  ALA A O     1 
ATOM   136  C CB    . ALA A 1 18  ? 13.237  9.143   6.135   1.00 8.68  ? 19  ALA A CB    1 
ATOM   137  N N     . ALA A 1 19  ? 11.250  10.840  4.794   1.00 5.49  ? 20  ALA A N     1 
ATOM   138  C CA    . ALA A 1 19  ? 10.398  11.264  3.709   1.00 5.54  ? 20  ALA A CA    1 
ATOM   139  C C     . ALA A 1 19  ? 11.243  11.514  2.462   1.00 5.14  ? 20  ALA A C     1 
ATOM   140  O O     . ALA A 1 19  ? 10.977  12.441  1.696   1.00 6.45  ? 20  ALA A O     1 
ATOM   141  C CB    . ALA A 1 19  ? 9.599   12.477  4.113   1.00 5.93  ? 20  ALA A CB    1 
ATOM   142  N N     . ASP A 1 20  ? 12.243  10.636  2.269   1.00 6.65  ? 21  ASP A N     1 
ATOM   143  C CA    . ASP A 1 20  ? 13.238  10.776  1.217   1.00 7.38  ? 21  ASP A CA    1 
ATOM   144  C C     . ASP A 1 20  ? 13.114  9.720   0.124   1.00 8.79  ? 21  ASP A C     1 
ATOM   145  O O     . ASP A 1 20  ? 13.958  9.691   -0.772  1.00 9.80  ? 21  ASP A O     1 
ATOM   146  C CB    . ASP A 1 20  ? 14.648  10.831  1.793   1.00 8.01  ? 21  ASP A CB    1 
ATOM   147  C CG    . ASP A 1 20  ? 15.092  9.539   2.435   1.00 11.08 ? 21  ASP A CG    1 
ATOM   148  O OD1   . ASP A 1 20  ? 14.223  8.748   2.838   1.00 10.60 ? 21  ASP A OD1   1 
ATOM   149  O OD2   . ASP A 1 20  ? 16.290  9.172   2.583   1.00 14.10 ? 21  ASP A OD2   1 
ATOM   150  N N     . ILE A 1 21  ? 12.074  8.894   0.178   1.00 7.98  ? 22  ILE A N     1 
ATOM   151  C CA    . ILE A 1 21  ? 11.895  7.834   -0.814  1.00 7.96  ? 22  ILE A CA    1 
ATOM   152  C C     . ILE A 1 21  ? 11.303  8.459   -2.031  1.00 8.70  ? 22  ILE A C     1 
ATOM   153  O O     . ILE A 1 21  ? 10.321  9.185   -2.002  1.00 7.00  ? 22  ILE A O     1 
ATOM   154  C CB    . ILE A 1 21  ? 11.071  6.689   -0.232  1.00 8.28  ? 22  ILE A CB    1 
ATOM   155  C CG1   . ILE A 1 21  ? 11.606  6.130   1.080   1.00 9.31  ? 22  ILE A CG1   1 
ATOM   156  C CG2   . ILE A 1 21  ? 10.907  5.594   -1.278  1.00 8.23  ? 22  ILE A CG2   1 
ATOM   157  C CD1   . ILE A 1 21  ? 13.053  5.648   1.025   1.00 10.61 ? 22  ILE A CD1   1 
ATOM   158  N N     . ALA A 1 22  ? 11.946  8.177   -3.162  1.00 9.51  ? 23  ALA A N     1 
ATOM   159  C CA    . ALA A 1 22  ? 11.405  8.597   -4.431  1.00 9.74  ? 23  ALA A CA    1 
ATOM   160  C C     . ALA A 1 22  ? 10.897  7.447   -5.322  1.00 8.90  ? 23  ALA A C     1 
ATOM   161  O O     . ALA A 1 22  ? 11.252  6.280   -5.162  1.00 9.05  ? 23  ALA A O     1 
ATOM   162  C CB    . ALA A 1 22  ? 12.507  9.395   -5.148  1.00 10.62 ? 23  ALA A CB    1 
ATOM   163  N N     . LEU A 1 23  ? 10.051  7.763   -6.267  1.00 9.60  ? 24  LEU A N     1 
ATOM   164  C CA    . LEU A 1 23  ? 9.501   6.744   -7.147  1.00 11.39 ? 24  LEU A CA    1 
ATOM   165  C C     . LEU A 1 23  ? 10.441  5.839   -7.920  1.00 10.79 ? 24  LEU A C     1 
ATOM   166  O O     . LEU A 1 23  ? 10.061  4.691   -8.103  1.00 8.97  ? 24  LEU A O     1 
ATOM   167  C CB    . LEU A 1 23  ? 8.510   7.387   -8.122  1.00 13.59 ? 24  LEU A CB    1 
ATOM   168  C CG    . LEU A 1 23  ? 7.291   8.065   -7.487  1.00 15.45 ? 24  LEU A CG    1 
ATOM   169  C CD1   . LEU A 1 23  ? 6.303   8.517   -8.545  1.00 16.66 ? 24  LEU A CD1   1 
ATOM   170  C CD2   . LEU A 1 23  ? 6.570   7.171   -6.489  1.00 16.34 ? 24  LEU A CD2   1 
ATOM   171  N N     . PRO A 1 24  ? 11.605  6.278   -8.394  1.00 10.28 ? 25  PRO A N     1 
ATOM   172  C CA    . PRO A 1 24  ? 12.479  5.308   -9.064  1.00 10.02 ? 25  PRO A CA    1 
ATOM   173  C C     . PRO A 1 24  ? 12.921  4.085   -8.282  1.00 10.57 ? 25  PRO A C     1 
ATOM   174  O O     . PRO A 1 24  ? 13.317  3.117   -8.927  1.00 8.84  ? 25  PRO A O     1 
ATOM   175  C CB    . PRO A 1 24  ? 13.715  6.162   -9.381  1.00 9.25  ? 25  PRO A CB    1 
ATOM   176  C CG    . PRO A 1 24  ? 13.118  7.517   -9.645  1.00 9.66  ? 25  PRO A CG    1 
ATOM   177  C CD    . PRO A 1 24  ? 12.184  7.632   -8.428  1.00 9.55  ? 25  PRO A CD    1 
ATOM   178  N N     . SER A 1 25  ? 12.840  4.152   -6.959  1.00 8.37  ? 26  SER A N     1 
ATOM   179  C CA    . SER A 1 25  ? 13.226  3.022   -6.133  1.00 9.12  ? 26  SER A CA    1 
ATOM   180  C C     . SER A 1 25  ? 12.179  1.914   -6.180  1.00 9.45  ? 26  SER A C     1 
ATOM   181  O O     . SER A 1 25  ? 12.403  0.833   -5.606  1.00 9.20  ? 26  SER A O     1 
ATOM   182  C CB    . SER A 1 25  ? 13.435  3.446   -4.677  1.00 8.79  ? 26  SER A CB    1 
ATOM   183  O OG    . SER A 1 25  ? 12.208  3.971   -4.186  1.00 10.04 ? 26  SER A OG    1 
ATOM   184  N N     . LEU A 1 26  ? 11.069  2.216   -6.860  1.00 7.57  ? 27  LEU A N     1 
ATOM   185  C CA    . LEU A 1 26  ? 10.044  1.212   -7.044  1.00 6.04  ? 27  LEU A CA    1 
ATOM   186  C C     . LEU A 1 26  ? 10.097  0.598   -8.437  1.00 4.48  ? 27  LEU A C     1 
ATOM   187  O O     . LEU A 1 26  ? 9.327   -0.315  -8.674  1.00 5.28  ? 27  LEU A O     1 
ATOM   188  C CB    . LEU A 1 26  ? 8.657   1.824   -6.796  1.00 7.36  ? 27  LEU A CB    1 
ATOM   189  C CG    . LEU A 1 26  ? 8.517   2.541   -5.454  1.00 8.77  ? 27  LEU A CG    1 
ATOM   190  C CD1   . LEU A 1 26  ? 7.176   3.270   -5.300  1.00 9.73  ? 27  LEU A CD1   1 
ATOM   191  C CD2   . LEU A 1 26  ? 8.725   1.531   -4.411  1.00 8.99  ? 27  LEU A CD2   1 
ATOM   192  N N     . ALA A 1 27  ? 10.982  1.071   -9.303  1.00 4.78  ? 28  ALA A N     1 
ATOM   193  C CA    . ALA A 1 27  ? 11.140  0.488   -10.629 1.00 5.57  ? 28  ALA A CA    1 
ATOM   194  C C     . ALA A 1 27  ? 11.274  -1.019  -10.553 1.00 5.41  ? 28  ALA A C     1 
ATOM   195  O O     . ALA A 1 27  ? 11.947  -1.614  -9.727  1.00 5.34  ? 28  ALA A O     1 
ATOM   196  C CB    . ALA A 1 27  ? 12.338  1.079   -11.341 1.00 6.30  ? 28  ALA A CB    1 
ATOM   197  N N     . GLY A 1 28  ? 10.577  -1.662  -11.493 1.00 3.95  ? 29  GLY A N     1 
ATOM   198  C CA    . GLY A 1 28  ? 10.604  -3.109  -11.611 1.00 3.73  ? 29  GLY A CA    1 
ATOM   199  C C     . GLY A 1 28  ? 9.785   -3.934  -10.634 1.00 3.80  ? 29  GLY A C     1 
ATOM   200  O O     . GLY A 1 28  ? 9.720   -5.140  -10.760 1.00 5.39  ? 29  GLY A O     1 
ATOM   201  N N     . LYS A 1 29  ? 9.167   -3.264  -9.661  1.00 3.69  ? 30  LYS A N     1 
ATOM   202  C CA    . LYS A 1 29  ? 8.439   -3.954  -8.589  1.00 3.69  ? 30  LYS A CA    1 
ATOM   203  C C     . LYS A 1 29  ? 6.955   -4.023  -8.877  1.00 3.06  ? 30  LYS A C     1 
ATOM   204  O O     . LYS A 1 29  ? 6.422   -3.308  -9.736  1.00 3.31  ? 30  LYS A O     1 
ATOM   205  C CB    . LYS A 1 29  ? 8.656   -3.249  -7.247  1.00 4.98  ? 30  LYS A CB    1 
ATOM   206  C CG    . LYS A 1 29  ? 10.120  -3.127  -6.814  1.00 5.93  ? 30  LYS A CG    1 
ATOM   207  C CD    . LYS A 1 29  ? 10.336  -2.715  -5.349  1.00 6.91  ? 30  LYS A CD    1 
ATOM   208  C CE    . LYS A 1 29  ? 11.818  -2.937  -4.907  1.00 9.95  ? 30  LYS A CE    1 
ATOM   209  N NZ    . LYS A 1 29  ? 11.996  -2.859  -3.433  1.00 12.64 ? 30  LYS A NZ    1 
ATOM   210  N N     . THR A 1 30  ? 6.299   -4.905  -8.134  1.00 2.52  ? 31  THR A N     1 
ATOM   211  C CA    . THR A 1 30  ? 4.849   -4.771  -7.946  1.00 2.96  ? 31  THR A CA    1 
ATOM   212  C C     . THR A 1 30  ? 4.644   -3.904  -6.710  1.00 3.69  ? 31  THR A C     1 
ATOM   213  O O     . THR A 1 30  ? 5.342   -4.123  -5.704  1.00 2.82  ? 31  THR A O     1 
ATOM   214  C CB    . THR A 1 30  ? 4.212   -6.141  -7.698  1.00 5.22  ? 31  THR A CB    1 
ATOM   215  O OG1   . THR A 1 30  ? 4.471   -6.989  -8.825  1.00 6.61  ? 31  THR A OG1   1 
ATOM   216  C CG2   . THR A 1 30  ? 2.708   -5.990  -7.591  1.00 6.25  ? 31  THR A CG2   1 
ATOM   217  N N     . VAL A 1 31  ? 3.748   -2.930  -6.741  1.00 2.47  ? 32  VAL A N     1 
ATOM   218  C CA    . VAL A 1 31  ? 3.505   -2.014  -5.635  1.00 2.11  ? 32  VAL A CA    1 
ATOM   219  C C     . VAL A 1 31  ? 2.056   -2.230  -5.201  1.00 2.30  ? 32  VAL A C     1 
ATOM   220  O O     . VAL A 1 31  ? 1.130   -2.099  -6.011  1.00 2.56  ? 32  VAL A O     1 
ATOM   221  C CB    . VAL A 1 31  ? 3.763   -0.553  -6.023  1.00 3.47  ? 32  VAL A CB    1 
ATOM   222  C CG1   . VAL A 1 31  ? 3.420   0.331   -4.819  1.00 3.62  ? 32  VAL A CG1   1 
ATOM   223  C CG2   . VAL A 1 31  ? 5.222   -0.369  -6.456  1.00 3.83  ? 32  VAL A CG2   1 
ATOM   224  N N     . PHE A 1 32  ? 1.910   -2.559  -3.927  1.00 2.70  ? 33  PHE A N     1 
ATOM   225  C CA    . PHE A 1 32  ? 0.581   -2.757  -3.338  1.00 2.83  ? 33  PHE A CA    1 
ATOM   226  C C     . PHE A 1 32  ? 0.151   -1.544  -2.548  1.00 3.47  ? 33  PHE A C     1 
ATOM   227  O O     . PHE A 1 32  ? 0.775   -1.170  -1.556  1.00 4.45  ? 33  PHE A O     1 
ATOM   228  C CB    . PHE A 1 32  ? 0.536   -4.001  -2.431  1.00 3.08  ? 33  PHE A CB    1 
ATOM   229  C CG    . PHE A 1 32  ? 0.674   -5.280  -3.188  1.00 3.89  ? 33  PHE A CG    1 
ATOM   230  C CD1   . PHE A 1 32  ? 1.930   -5.803  -3.428  1.00 6.46  ? 33  PHE A CD1   1 
ATOM   231  C CD2   . PHE A 1 32  ? -0.425  -5.973  -3.710  1.00 4.37  ? 33  PHE A CD2   1 
ATOM   232  C CE1   . PHE A 1 32  ? 2.099   -6.980  -4.133  1.00 7.85  ? 33  PHE A CE1   1 
ATOM   233  C CE2   . PHE A 1 32  ? -0.301  -7.137  -4.415  1.00 5.08  ? 33  PHE A CE2   1 
ATOM   234  C CZ    . PHE A 1 32  ? 0.969   -7.648  -4.636  1.00 6.26  ? 33  PHE A CZ    1 
ATOM   235  N N     . PHE A 1 33  ? -0.957  -0.956  -2.969  1.00 2.60  ? 34  PHE A N     1 
ATOM   236  C CA    . PHE A 1 33  ? -1.558  0.199   -2.334  1.00 3.04  ? 34  PHE A CA    1 
ATOM   237  C C     . PHE A 1 33  ? -2.509  -0.353  -1.299  1.00 2.79  ? 34  PHE A C     1 
ATOM   238  O O     . PHE A 1 33  ? -3.481  -1.046  -1.590  1.00 2.65  ? 34  PHE A O     1 
ATOM   239  C CB    . PHE A 1 33  ? -2.272  1.021   -3.381  1.00 3.35  ? 34  PHE A CB    1 
ATOM   240  C CG    . PHE A 1 33  ? -1.372  1.740   -4.338  1.00 3.97  ? 34  PHE A CG    1 
ATOM   241  C CD1   . PHE A 1 33  ? -0.894  1.086   -5.452  1.00 5.49  ? 34  PHE A CD1   1 
ATOM   242  C CD2   . PHE A 1 33  ? -1.010  3.055   -4.121  1.00 5.68  ? 34  PHE A CD2   1 
ATOM   243  C CE1   . PHE A 1 33  ? -0.068  1.751   -6.324  1.00 7.09  ? 34  PHE A CE1   1 
ATOM   244  C CE2   . PHE A 1 33  ? -0.169  3.731   -5.012  1.00 7.21  ? 34  PHE A CE2   1 
ATOM   245  C CZ    . PHE A 1 33  ? 0.288   3.049   -6.114  1.00 6.52  ? 34  PHE A CZ    1 
ATOM   246  N N     . TYR A 1 34  ? -2.224  -0.062  -0.036  1.00 2.67  ? 35  TYR A N     1 
ATOM   247  C CA    . TYR A 1 34  ? -2.941  -0.624  1.098   1.00 3.01  ? 35  TYR A CA    1 
ATOM   248  C C     . TYR A 1 34  ? -3.804  0.451   1.732   1.00 2.71  ? 35  TYR A C     1 
ATOM   249  O O     . TYR A 1 34  ? -3.349  1.363   2.419   1.00 2.28  ? 35  TYR A O     1 
ATOM   250  C CB    . TYR A 1 34  ? -1.942  -1.165  2.156   1.00 2.57  ? 35  TYR A CB    1 
ATOM   251  C CG    . TYR A 1 34  ? -2.568  -1.715  3.429   1.00 2.23  ? 35  TYR A CG    1 
ATOM   252  C CD1   . TYR A 1 34  ? -3.778  -2.372  3.365   1.00 3.14  ? 35  TYR A CD1   1 
ATOM   253  C CD2   . TYR A 1 34  ? -1.980  -1.578  4.684   1.00 3.48  ? 35  TYR A CD2   1 
ATOM   254  C CE1   . TYR A 1 34  ? -4.372  -2.877  4.464   1.00 2.46  ? 35  TYR A CE1   1 
ATOM   255  C CE2   . TYR A 1 34  ? -2.584  -2.085  5.792   1.00 2.87  ? 35  TYR A CE2   1 
ATOM   256  C CZ    . TYR A 1 34  ? -3.793  -2.745  5.700   1.00 2.74  ? 35  TYR A CZ    1 
ATOM   257  O OH    . TYR A 1 34  ? -4.456  -3.253  6.812   1.00 3.39  ? 35  TYR A OH    1 
ATOM   258  N N     . PHE A 1 35  ? -5.103  0.359   1.494   1.00 2.05  ? 36  PHE A N     1 
ATOM   259  C CA    . PHE A 1 35  ? -6.109  1.277   2.026   1.00 2.50  ? 36  PHE A CA    1 
ATOM   260  C C     . PHE A 1 35  ? -6.544  0.766   3.380   1.00 2.27  ? 36  PHE A C     1 
ATOM   261  O O     . PHE A 1 35  ? -7.083  -0.356  3.490   1.00 2.59  ? 36  PHE A O     1 
ATOM   262  C CB    . PHE A 1 35  ? -7.280  1.352   1.030   1.00 2.37  ? 36  PHE A CB    1 
ATOM   263  C CG    . PHE A 1 35  ? -6.867  1.967   -0.299  1.00 3.04  ? 36  PHE A CG    1 
ATOM   264  C CD1   . PHE A 1 35  ? -6.237  1.210   -1.263  1.00 2.91  ? 36  PHE A CD1   1 
ATOM   265  C CD2   . PHE A 1 35  ? -7.115  3.308   -0.580  1.00 3.62  ? 36  PHE A CD2   1 
ATOM   266  C CE1   . PHE A 1 35  ? -5.855  1.784   -2.472  1.00 3.29  ? 36  PHE A CE1   1 
ATOM   267  C CE2   . PHE A 1 35  ? -6.736  3.871   -1.762  1.00 4.46  ? 36  PHE A CE2   1 
ATOM   268  C CZ    . PHE A 1 35  ? -6.117  3.107   -2.687  1.00 3.77  ? 36  PHE A CZ    1 
ATOM   269  N N     . SER A 1 36  ? -6.308  1.565   4.415   1.00 2.73  ? 37  SER A N     1 
ATOM   270  C CA    . SER A 1 36  ? -6.548  1.110   5.782   1.00 2.56  ? 37  SER A CA    1 
ATOM   271  C C     . SER A 1 36  ? -6.610  2.312   6.723   1.00 2.99  ? 37  SER A C     1 
ATOM   272  O O     . SER A 1 36  ? -6.250  3.429   6.328   1.00 3.01  ? 37  SER A O     1 
ATOM   273  C CB    . SER A 1 36  ? -5.337  0.248   6.170   1.00 3.46  ? 37  SER A CB    1 
ATOM   274  O OG    . SER A 1 36  ? -5.546  -0.527  7.335   1.00 5.07  ? 37  SER A OG    1 
ATOM   275  N N     . ALA A 1 37  ? -7.025  2.100   7.960   1.00 2.94  ? 38  ALA A N     1 
ATOM   276  C CA    . ALA A 1 37  ? -7.091  3.136   8.978   1.00 2.67  ? 38  ALA A CA    1 
ATOM   277  C C     . ALA A 1 37  ? -7.271  2.511   10.348  1.00 4.34  ? 38  ALA A C     1 
ATOM   278  O O     . ALA A 1 37  ? -7.851  1.436   10.462  1.00 6.29  ? 38  ALA A O     1 
ATOM   279  C CB    . ALA A 1 37  ? -8.242  4.118   8.747   1.00 3.62  ? 38  ALA A CB    1 
ATOM   280  N N     . SER A 1 38  ? -6.768  3.202   11.368  1.00 5.00  ? 39  SER A N     1 
ATOM   281  C CA    . SER A 1 38  ? -6.855  2.625   12.697  1.00 7.13  ? 39  SER A CA    1 
ATOM   282  C C     . SER A 1 38  ? -8.276  2.674   13.250  1.00 6.88  ? 39  SER A C     1 
ATOM   283  O O     . SER A 1 38  ? -8.566  1.899   14.175  1.00 8.06  ? 39  SER A O     1 
ATOM   284  C CB    . SER A 1 38  ? -5.850  3.253   13.649  1.00 8.54  ? 39  SER A CB    1 
ATOM   285  O OG    . SER A 1 38  ? -6.273  4.554   13.905  1.00 9.59  ? 39  SER A OG    1 
ATOM   286  N N     . TRP A 1 39  ? -9.189  3.504   12.760  1.00 4.87  ? 40  TRP A N     1 
ATOM   287  C CA    . TRP A 1 39  ? -10.555 3.523   13.297  1.00 5.37  ? 40  TRP A CA    1 
ATOM   288  C C     . TRP A 1 39  ? -11.309 2.284   12.853  1.00 5.91  ? 40  TRP A C     1 
ATOM   289  O O     . TRP A 1 39  ? -12.381 2.043   13.408  1.00 7.37  ? 40  TRP A O     1 
ATOM   290  C CB    . TRP A 1 39  ? -11.277 4.763   12.811  1.00 5.39  ? 40  TRP A CB    1 
ATOM   291  C CG    . TRP A 1 39  ? -11.476 4.908   11.336  1.00 5.19  ? 40  TRP A CG    1 
ATOM   292  C CD1   . TRP A 1 39  ? -10.718 5.638   10.461  1.00 3.99  ? 40  TRP A CD1   1 
ATOM   293  C CD2   . TRP A 1 39  ? -12.507 4.341   10.510  1.00 5.01  ? 40  TRP A CD2   1 
ATOM   294  N NE1   . TRP A 1 39  ? -11.193 5.543   9.178   1.00 5.38  ? 40  TRP A NE1   1 
ATOM   295  C CE2   . TRP A 1 39  ? -12.306 4.750   9.173   1.00 5.83  ? 40  TRP A CE2   1 
ATOM   296  C CE3   . TRP A 1 39  ? -13.611 3.514   10.759  1.00 5.62  ? 40  TRP A CE3   1 
ATOM   297  C CZ2   . TRP A 1 39  ? -13.133 4.381   8.130   1.00 5.68  ? 40  TRP A CZ2   1 
ATOM   298  C CZ3   . TRP A 1 39  ? -14.424 3.156   9.683   1.00 5.96  ? 40  TRP A CZ3   1 
ATOM   299  C CH2   . TRP A 1 39  ? -14.193 3.589   8.410   1.00 5.88  ? 40  TRP A CH2   1 
ATOM   300  N N     . CYS A 1 40  ? -10.843 1.493   11.903  1.00 5.60  ? 41  CYS A N     1 
ATOM   301  C CA    . CYS A 1 40  ? -11.539 0.326   11.378  1.00 5.25  ? 41  CYS A CA    1 
ATOM   302  C C     . CYS A 1 40  ? -10.982 -0.960  11.969  1.00 6.64  ? 41  CYS A C     1 
ATOM   303  O O     . CYS A 1 40  ? -9.870  -1.369  11.664  1.00 6.44  ? 41  CYS A O     1 
ATOM   304  C CB    . CYS A 1 40  ? -11.392 0.316   9.860   1.00 7.27  ? 41  CYS A CB    1 
ATOM   305  S SG    . CYS A 1 40  ? -12.305 -1.004  8.986   1.00 10.47 ? 41  CYS A SG    1 
ATOM   306  N N     . PRO A 1 41  ? -11.740 -1.617  12.840  1.00 7.60  ? 42  PRO A N     1 
ATOM   307  C CA    . PRO A 1 41  ? -11.250 -2.874  13.420  1.00 6.53  ? 42  PRO A CA    1 
ATOM   308  C C     . PRO A 1 41  ? -10.839 -3.911  12.409  1.00 8.12  ? 42  PRO A C     1 
ATOM   309  O O     . PRO A 1 41  ? -9.747  -4.470  12.536  1.00 7.58  ? 42  PRO A O     1 
ATOM   310  C CB    . PRO A 1 41  ? -12.341 -3.335  14.392  1.00 8.25  ? 42  PRO A CB    1 
ATOM   311  C CG    . PRO A 1 41  ? -13.103 -2.133  14.636  1.00 8.28  ? 42  PRO A CG    1 
ATOM   312  C CD    . PRO A 1 41  ? -13.066 -1.253  13.380  1.00 9.11  ? 42  PRO A CD    1 
ATOM   313  N N     . PRO A 1 42  ? -11.640 -4.211  11.384  1.00 9.04  ? 43  PRO A N     1 
ATOM   314  C CA    . PRO A 1 42  ? -11.170 -5.195  10.411  1.00 10.66 ? 43  PRO A CA    1 
ATOM   315  C C     . PRO A 1 42  ? -9.824  -4.917  9.746   1.00 8.90  ? 43  PRO A C     1 
ATOM   316  O O     . PRO A 1 42  ? -8.991  -5.752  9.418   1.00 9.75  ? 43  PRO A O     1 
ATOM   317  C CB    . PRO A 1 42  ? -12.335 -5.246  9.410   1.00 11.43 ? 43  PRO A CB    1 
ATOM   318  C CG    . PRO A 1 42  ? -13.491 -4.778  10.118  1.00 12.32 ? 43  PRO A CG    1 
ATOM   319  C CD    . PRO A 1 42  ? -12.997 -3.723  11.078  1.00 10.72 ? 43  PRO A CD    1 
ATOM   320  N N     . SER A 1 43  ? -9.579  -3.623  9.536   1.00 8.57  ? 44  SER A N     1 
ATOM   321  C CA    . SER A 1 43  ? -8.309  -3.158  8.968   1.00 9.62  ? 44  SER A CA    1 
ATOM   322  C C     . SER A 1 43  ? -7.108  -3.315  9.866   1.00 9.18  ? 44  SER A C     1 
ATOM   323  O O     . SER A 1 43  ? -6.019  -3.752  9.524   1.00 8.29  ? 44  SER A O     1 
ATOM   324  C CB    . SER A 1 43  ? -8.270  -1.659  8.707   1.00 12.00 ? 44  SER A CB    1 
ATOM   325  O OG    . SER A 1 43  ? -8.777  -1.425  7.453   1.00 12.59 ? 44  SER A OG    1 
ATOM   326  N N     . ARG A 1 44  ? -7.340  -2.893  11.101  1.00 7.98  ? 45  ARG A N     1 
ATOM   327  C CA    . ARG A 1 44  ? -6.355  -3.140  12.127  1.00 9.09  ? 45  ARG A CA    1 
ATOM   328  C C     . ARG A 1 44  ? -6.030  -4.628  12.285  1.00 9.92  ? 45  ARG A C     1 
ATOM   329  O O     . ARG A 1 44  ? -4.896  -4.991  12.577  1.00 10.06 ? 45  ARG A O     1 
ATOM   330  C CB    . ARG A 1 44  ? -6.853  -2.673  13.492  1.00 11.15 ? 45  ARG A CB    1 
ATOM   331  C CG    . ARG A 1 44  ? -6.951  -1.181  13.604  1.00 11.81 ? 45  ARG A CG    1 
ATOM   332  C CD    . ARG A 1 44  ? -6.971  -0.708  15.078  1.00 12.75 ? 45  ARG A CD    1 
ATOM   333  N NE    . ARG A 1 44  ? -7.841  -1.568  15.875  1.00 13.75 ? 45  ARG A NE    1 
ATOM   334  C CZ    . ARG A 1 44  ? -9.097  -1.267  16.195  1.00 13.89 ? 45  ARG A CZ    1 
ATOM   335  N NH1   . ARG A 1 44  ? -9.678  -0.124  15.815  1.00 14.19 ? 45  ARG A NH1   1 
ATOM   336  N NH2   . ARG A 1 44  ? -9.804  -2.120  16.928  1.00 13.45 ? 45  ARG A NH2   1 
ATOM   337  N N     . ALA A 1 45  ? -7.031  -5.492  12.150  1.00 9.07  ? 46  ALA A N     1 
ATOM   338  C CA    . ALA A 1 45  ? -6.814  -6.927  12.307  1.00 9.79  ? 46  ALA A CA    1 
ATOM   339  C C     . ALA A 1 45  ? -6.138  -7.552  11.103  1.00 10.51 ? 46  ALA A C     1 
ATOM   340  O O     . ALA A 1 45  ? -5.539  -8.618  11.164  1.00 12.87 ? 46  ALA A O     1 
ATOM   341  C CB    . ALA A 1 45  ? -8.155  -7.570  12.522  1.00 10.61 ? 46  ALA A CB    1 
ATOM   342  N N     . PHE A 1 46  ? -6.226  -6.915  9.940   1.00 8.11  ? 47  PHE A N     1 
ATOM   343  C CA    . PHE A 1 46  ? -5.555  -7.438  8.742   1.00 8.26  ? 47  PHE A CA    1 
ATOM   344  C C     . PHE A 1 46  ? -4.092  -7.003  8.678   1.00 6.42  ? 47  PHE A C     1 
ATOM   345  O O     . PHE A 1 46  ? -3.253  -7.744  8.163   1.00 8.38  ? 47  PHE A O     1 
ATOM   346  C CB    . PHE A 1 46  ? -6.261  -7.030  7.431   1.00 6.24  ? 47  PHE A CB    1 
ATOM   347  C CG    . PHE A 1 46  ? -5.500  -7.361  6.170   1.00 5.55  ? 47  PHE A CG    1 
ATOM   348  C CD1   . PHE A 1 46  ? -5.330  -8.688  5.766   1.00 6.28  ? 47  PHE A CD1   1 
ATOM   349  C CD2   . PHE A 1 46  ? -4.951  -6.387  5.345   1.00 5.19  ? 47  PHE A CD2   1 
ATOM   350  C CE1   . PHE A 1 46  ? -4.636  -9.011  4.612   1.00 6.26  ? 47  PHE A CE1   1 
ATOM   351  C CE2   . PHE A 1 46  ? -4.263  -6.707  4.206   1.00 4.33  ? 47  PHE A CE2   1 
ATOM   352  C CZ    . PHE A 1 46  ? -4.095  -8.026  3.828   1.00 6.04  ? 47  PHE A CZ    1 
ATOM   353  N N     . THR A 1 47  ? -3.775  -5.816  9.181   1.00 5.93  ? 48  THR A N     1 
ATOM   354  C CA    . THR A 1 47  ? -2.414  -5.285  9.153   1.00 6.23  ? 48  THR A CA    1 
ATOM   355  C C     . THR A 1 47  ? -1.321  -6.261  9.617   1.00 7.18  ? 48  THR A C     1 
ATOM   356  O O     . THR A 1 47  ? -0.315  -6.429  8.929   1.00 6.56  ? 48  THR A O     1 
ATOM   357  C CB    . THR A 1 47  ? -2.374  -3.939  9.898   1.00 6.54  ? 48  THR A CB    1 
ATOM   358  O OG1   . THR A 1 47  ? -3.053  -2.969  9.064   1.00 6.54  ? 48  THR A OG1   1 
ATOM   359  C CG2   . THR A 1 47  ? -0.940  -3.426  10.116  1.00 5.56  ? 48  THR A CG2   1 
ATOM   360  N N     . PRO A 1 48  ? -1.434  -6.898  10.779  1.00 7.48  ? 49  PRO A N     1 
ATOM   361  C CA    . PRO A 1 48  ? -0.392  -7.843  11.195  1.00 7.71  ? 49  PRO A CA    1 
ATOM   362  C C     . PRO A 1 48  ? -0.168  -9.016  10.244  1.00 7.35  ? 49  PRO A C     1 
ATOM   363  O O     . PRO A 1 48  ? 0.974   -9.453  10.101  1.00 7.16  ? 49  PRO A O     1 
ATOM   364  C CB    . PRO A 1 48  ? -0.878  -8.330  12.575  1.00 9.22  ? 49  PRO A CB    1 
ATOM   365  C CG    . PRO A 1 48  ? -2.281  -7.875  12.727  1.00 10.92 ? 49  PRO A CG    1 
ATOM   366  C CD    . PRO A 1 48  ? -2.509  -6.754  11.775  1.00 8.91  ? 49  PRO A CD    1 
ATOM   367  N N     . GLN A 1 49  ? -1.231  -9.507  9.615   1.00 6.50  ? 50  GLN A N     1 
ATOM   368  C CA    . GLN A 1 49  ? -1.135  -10.560 8.621   1.00 7.23  ? 50  GLN A CA    1 
ATOM   369  C C     . GLN A 1 49  ? -0.338  -10.048 7.439   1.00 5.98  ? 50  GLN A C     1 
ATOM   370  O O     . GLN A 1 49  ? 0.456   -10.796 6.863   1.00 6.65  ? 50  GLN A O     1 
ATOM   371  C CB    . GLN A 1 49  ? -2.486  -11.002 8.081   1.00 9.01  ? 50  GLN A CB    1 
ATOM   372  C CG    . GLN A 1 49  ? -3.349  -11.650 9.185   1.00 11.05 ? 50  GLN A CG    1 
ATOM   373  C CD    . GLN A 1 49  ? -4.805  -11.731 8.754   1.00 11.28 ? 50  GLN A CD    1 
ATOM   374  O OE1   . GLN A 1 49  ? -5.356  -10.722 8.331   1.00 13.26 ? 50  GLN A OE1   1 
ATOM   375  N NE2   . GLN A 1 49  ? -5.449  -12.893 8.835   1.00 13.40 ? 50  GLN A NE2   1 
ATOM   376  N N     . LEU A 1 50  ? -0.529  -8.796  7.032   1.00 5.02  ? 51  LEU A N     1 
ATOM   377  C CA    . LEU A 1 50  ? 0.199   -8.185  5.933   1.00 5.44  ? 51  LEU A CA    1 
ATOM   378  C C     . LEU A 1 50  ? 1.650   -7.930  6.355   1.00 4.85  ? 51  LEU A C     1 
ATOM   379  O O     . LEU A 1 50  ? 2.556   -8.109  5.553   1.00 4.92  ? 51  LEU A O     1 
ATOM   380  C CB    . LEU A 1 50  ? -0.523  -6.950  5.432   1.00 4.91  ? 51  LEU A CB    1 
ATOM   381  C CG    . LEU A 1 50  ? 0.142   -6.277  4.224   1.00 4.46  ? 51  LEU A CG    1 
ATOM   382  C CD1   . LEU A 1 50  ? 0.291   -7.210  3.036   1.00 4.59  ? 51  LEU A CD1   1 
ATOM   383  C CD2   . LEU A 1 50  ? -0.636  -5.013  3.864   1.00 4.23  ? 51  LEU A CD2   1 
ATOM   384  N N     . ILE A 1 51  ? 1.877   -7.546  7.605   1.00 5.74  ? 52  ILE A N     1 
ATOM   385  C CA    . ILE A 1 51  ? 3.249   -7.441  8.085   1.00 6.43  ? 52  ILE A CA    1 
ATOM   386  C C     . ILE A 1 51  ? 4.031   -8.753  7.978   1.00 6.26  ? 52  ILE A C     1 
ATOM   387  O O     . ILE A 1 51  ? 5.151   -8.781  7.486   1.00 6.49  ? 52  ILE A O     1 
ATOM   388  C CB    . ILE A 1 51  ? 3.280   -6.856  9.516   1.00 6.89  ? 52  ILE A CB    1 
ATOM   389  C CG1   . ILE A 1 51  ? 2.779   -5.403  9.529   1.00 7.60  ? 52  ILE A CG1   1 
ATOM   390  C CG2   . ILE A 1 51  ? 4.659   -6.968  10.167  1.00 7.75  ? 52  ILE A CG2   1 
ATOM   391  C CD1   . ILE A 1 51  ? 2.615   -4.798  10.912  1.00 9.06  ? 52  ILE A CD1   1 
ATOM   392  N N     . ASP A 1 52  ? 3.440   -9.847  8.422   1.00 6.44  ? 53  ASP A N     1 
ATOM   393  C CA    . ASP A 1 52  ? 4.122   -11.137 8.358   1.00 7.24  ? 53  ASP A CA    1 
ATOM   394  C C     . ASP A 1 52  ? 4.388   -11.465 6.897   1.00 7.18  ? 53  ASP A C     1 
ATOM   395  O O     . ASP A 1 52  ? 5.455   -11.961 6.493   1.00 7.40  ? 53  ASP A O     1 
ATOM   396  C CB    . ASP A 1 52  ? 3.297   -12.243 9.029   1.00 10.42 ? 53  ASP A CB    1 
ATOM   397  C CG    . ASP A 1 52  ? 3.212   -12.127 10.557  1.00 12.74 ? 53  ASP A CG    1 
ATOM   398  O OD1   . ASP A 1 52  ? 4.008   -11.372 11.160  1.00 14.98 ? 53  ASP A OD1   1 
ATOM   399  O OD2   . ASP A 1 52  ? 2.340   -12.818 11.129  1.00 16.03 ? 53  ASP A OD2   1 
ATOM   400  N N     . PHE A 1 53  ? 3.440   -11.212 5.990   1.00 5.44  ? 54  PHE A N     1 
ATOM   401  C CA    . PHE A 1 53  ? 3.560   -11.480 4.563   1.00 4.79  ? 54  PHE A CA    1 
ATOM   402  C C     . PHE A 1 53  ? 4.697   -10.669 3.944   1.00 5.66  ? 54  PHE A C     1 
ATOM   403  O O     . PHE A 1 53  ? 5.486   -11.187 3.150   1.00 4.88  ? 54  PHE A O     1 
ATOM   404  C CB    . PHE A 1 53  ? 2.240   -11.148 3.857   1.00 5.04  ? 54  PHE A CB    1 
ATOM   405  C CG    . PHE A 1 53  ? 2.177   -11.676 2.457   1.00 4.81  ? 54  PHE A CG    1 
ATOM   406  C CD1   . PHE A 1 53  ? 2.657   -10.928 1.390   1.00 4.51  ? 54  PHE A CD1   1 
ATOM   407  C CD2   . PHE A 1 53  ? 1.643   -12.928 2.188   1.00 4.46  ? 54  PHE A CD2   1 
ATOM   408  C CE1   . PHE A 1 53  ? 2.603   -11.409 0.119   1.00 5.03  ? 54  PHE A CE1   1 
ATOM   409  C CE2   . PHE A 1 53  ? 1.584   -13.427 0.913   1.00 4.97  ? 54  PHE A CE2   1 
ATOM   410  C CZ    . PHE A 1 53  ? 2.077   -12.655 -0.127  1.00 4.75  ? 54  PHE A CZ    1 
ATOM   411  N N     . TYR A 1 54  ? 4.754   -9.401  4.317   1.00 4.10  ? 55  TYR A N     1 
ATOM   412  C CA    . TYR A 1 54  ? 5.789   -8.497  3.849   1.00 4.41  ? 55  TYR A CA    1 
ATOM   413  C C     . TYR A 1 54  ? 7.180   -8.955  4.314   1.00 5.54  ? 55  TYR A C     1 
ATOM   414  O O     . TYR A 1 54  ? 8.122   -8.971  3.540   1.00 5.98  ? 55  TYR A O     1 
ATOM   415  C CB    . TYR A 1 54  ? 5.533   -7.114  4.369   1.00 4.45  ? 55  TYR A CB    1 
ATOM   416  C CG    . TYR A 1 54  ? 6.396   -5.993  3.905   1.00 4.32  ? 55  TYR A CG    1 
ATOM   417  C CD1   . TYR A 1 54  ? 6.173   -5.332  2.706   1.00 3.79  ? 55  TYR A CD1   1 
ATOM   418  C CD2   . TYR A 1 54  ? 7.455   -5.566  4.676   1.00 4.68  ? 55  TYR A CD2   1 
ATOM   419  C CE1   . TYR A 1 54  ? 6.925   -4.293  2.270   1.00 3.99  ? 55  TYR A CE1   1 
ATOM   420  C CE2   . TYR A 1 54  ? 8.239   -4.501  4.251   1.00 4.70  ? 55  TYR A CE2   1 
ATOM   421  C CZ    . TYR A 1 54  ? 7.980   -3.862  3.034   1.00 4.40  ? 55  TYR A CZ    1 
ATOM   422  O OH    . TYR A 1 54  ? 8.769   -2.793  2.652   1.00 5.53  ? 55  TYR A OH    1 
ATOM   423  N N     . LYS A 1 55  ? 7.305   -9.330  5.588   1.00 6.68  ? 56  LYS A N     1 
ATOM   424  C CA    . LYS A 1 55  ? 8.617   -9.771  6.058   1.00 8.16  ? 56  LYS A CA    1 
ATOM   425  C C     . LYS A 1 55  ? 9.021   -11.037 5.330   1.00 8.91  ? 56  LYS A C     1 
ATOM   426  O O     . LYS A 1 55  ? 10.170  -11.228 4.949   1.00 8.67  ? 56  LYS A O     1 
ATOM   427  C CB    . LYS A 1 55  ? 8.567   -9.992  7.568   1.00 11.26 ? 56  LYS A CB    1 
ATOM   428  C CG    . LYS A 1 55  ? 8.350   -8.706  8.332   1.00 14.54 ? 56  LYS A CG    1 
ATOM   429  C CD    . LYS A 1 55  ? 8.259   -8.967  9.837   1.00 17.13 ? 56  LYS A CD    1 
ATOM   430  C CE    . LYS A 1 55  ? 7.936   -7.765  10.694  1.00 18.27 ? 56  LYS A CE    1 
ATOM   431  N NZ    . LYS A 1 55  ? 7.579   -8.159  12.096  1.00 20.61 ? 56  LYS A NZ    1 
ATOM   432  N N     . ALA A 1 56  ? 8.091   -11.947 5.094   1.00 6.33  ? 57  ALA A N     1 
ATOM   433  C CA    . ALA A 1 56  ? 8.418   -13.194 4.430   1.00 7.52  ? 57  ALA A CA    1 
ATOM   434  C C     . ALA A 1 56  ? 8.788   -13.061 2.966   1.00 7.21  ? 57  ALA A C     1 
ATOM   435  O O     . ALA A 1 56  ? 9.693   -13.723 2.454   1.00 8.29  ? 57  ALA A O     1 
ATOM   436  C CB    . ALA A 1 56  ? 7.262   -14.173 4.585   1.00 7.25  ? 57  ALA A CB    1 
ATOM   437  N N     . HIS A 1 57  ? 8.075   -12.184 2.254   1.00 5.92  ? 58  HIS A N     1 
ATOM   438  C CA    . HIS A 1 57  ? 8.055   -12.182 0.795   1.00 5.20  ? 58  HIS A CA    1 
ATOM   439  C C     . HIS A 1 57  ? 8.447   -10.903 0.054   1.00 4.43  ? 58  HIS A C     1 
ATOM   440  O O     . HIS A 1 57  ? 8.637   -10.991 -1.155  1.00 5.44  ? 58  HIS A O     1 
ATOM   441  C CB    . HIS A 1 57  ? 6.653   -12.599 0.326   1.00 5.85  ? 58  HIS A CB    1 
ATOM   442  C CG    . HIS A 1 57  ? 6.153   -13.882 0.914   1.00 5.66  ? 58  HIS A CG    1 
ATOM   443  N ND1   . HIS A 1 57  ? 6.818   -15.076 0.735   1.00 7.97  ? 58  HIS A ND1   1 
ATOM   444  C CD2   . HIS A 1 57  ? 5.053   -14.159 1.654   1.00 6.45  ? 58  HIS A CD2   1 
ATOM   445  C CE1   . HIS A 1 57  ? 6.143   -16.023 1.363   1.00 8.15  ? 58  HIS A CE1   1 
ATOM   446  N NE2   . HIS A 1 57  ? 5.062   -15.506 1.927   1.00 6.94  ? 58  HIS A NE2   1 
ATOM   447  N N     . ALA A 1 58  ? 8.546   -9.755  0.722   1.00 4.49  ? 59  ALA A N     1 
ATOM   448  C CA    . ALA A 1 58  ? 8.748   -8.508  -0.033  1.00 5.17  ? 59  ALA A CA    1 
ATOM   449  C C     . ALA A 1 58  ? 10.017  -8.539  -0.884  1.00 4.77  ? 59  ALA A C     1 
ATOM   450  O O     . ALA A 1 58  ? 10.031  -8.107  -2.052  1.00 5.61  ? 59  ALA A O     1 
ATOM   451  C CB    . ALA A 1 58  ? 8.700   -7.285  0.870   1.00 5.33  ? 59  ALA A CB    1 
ATOM   452  N N     . GLU A 1 59  ? 11.105  -9.059  -0.322  1.00 7.10  ? 60  GLU A N     1 
ATOM   453  C CA    . GLU A 1 59  ? 12.355  -9.124  -1.072  1.00 9.42  ? 60  GLU A CA    1 
ATOM   454  C C     . GLU A 1 59  ? 12.327  -10.178 -2.163  1.00 8.26  ? 60  GLU A C     1 
ATOM   455  O O     . GLU A 1 59  ? 12.613  -9.864  -3.306  1.00 8.57  ? 60  GLU A O     1 
ATOM   456  C CB    . GLU A 1 59  ? 13.507  -9.285  -0.089  1.00 12.48 ? 60  GLU A CB    1 
ATOM   457  C CG    . GLU A 1 59  ? 14.905  -9.070  -0.643  1.00 17.47 ? 60  GLU A CG    1 
ATOM   458  C CD    . GLU A 1 59  ? 15.342  -7.616  -0.750  1.00 19.99 ? 60  GLU A CD    1 
ATOM   459  O OE1   . GLU A 1 59  ? 14.522  -6.705  -0.513  1.00 22.50 ? 60  GLU A OE1   1 
ATOM   460  O OE2   . GLU A 1 59  ? 16.532  -7.368  -1.081  1.00 24.27 ? 60  GLU A OE2   1 
ATOM   461  N N     . LYS A 1 60  ? 11.964  -11.408 -1.813  1.00 8.47  ? 61  LYS A N     1 
ATOM   462  C CA    . LYS A 1 60  ? 11.988  -12.521 -2.740  1.00 9.63  ? 61  LYS A CA    1 
ATOM   463  C C     . LYS A 1 60  ? 10.979  -12.407 -3.872  1.00 8.58  ? 61  LYS A C     1 
ATOM   464  O O     . LYS A 1 60  ? 11.223  -12.825 -5.018  1.00 9.97  ? 61  LYS A O     1 
ATOM   465  C CB    . LYS A 1 60  ? 11.758  -13.840 -2.016  1.00 11.15 ? 61  LYS A CB    1 
ATOM   466  C CG    . LYS A 1 60  ? 12.931  -14.283 -1.138  1.00 13.77 ? 61  LYS A CG    1 
ATOM   467  C CD    . LYS A 1 60  ? 12.413  -15.354 -0.190  1.00 15.42 ? 61  LYS A CD    1 
ATOM   468  C CE    . LYS A 1 60  ? 13.493  -16.037 0.649   1.00 17.10 ? 61  LYS A CE    1 
ATOM   469  N NZ    . LYS A 1 60  ? 12.857  -17.223 1.293   1.00 18.55 ? 61  LYS A NZ    1 
ATOM   470  N N     . LYS A 1 61  ? 9.816   -11.823 -3.602  1.00 7.09  ? 62  LYS A N     1 
ATOM   471  C CA    . LYS A 1 61  ? 8.753   -11.679 -4.593  1.00 7.45  ? 62  LYS A CA    1 
ATOM   472  C C     . LYS A 1 61  ? 8.774   -10.263 -5.185  1.00 5.88  ? 62  LYS A C     1 
ATOM   473  O O     . LYS A 1 61  ? 7.921   -9.960  -6.025  1.00 7.30  ? 62  LYS A O     1 
ATOM   474  C CB    . LYS A 1 61  ? 7.381   -11.989 -3.991  1.00 9.35  ? 62  LYS A CB    1 
ATOM   475  C CG    . LYS A 1 61  ? 7.186   -13.396 -3.468  1.00 12.40 ? 62  LYS A CG    1 
ATOM   476  C CD    . LYS A 1 61  ? 7.172   -14.459 -4.544  1.00 14.29 ? 62  LYS A CD    1 
ATOM   477  C CE    . LYS A 1 61  ? 6.845   -15.819 -3.946  1.00 15.55 ? 62  LYS A CE    1 
ATOM   478  N NZ    . LYS A 1 61  ? 7.486   -16.936 -4.691  1.00 18.54 ? 62  LYS A NZ    1 
ATOM   479  N N     . ASN A 1 62  ? 9.720   -9.435  -4.759  1.00 4.87  ? 63  ASN A N     1 
ATOM   480  C CA    . ASN A 1 62  ? 9.970   -8.120  -5.346  1.00 4.37  ? 63  ASN A CA    1 
ATOM   481  C C     . ASN A 1 62  ? 8.771   -7.177  -5.377  1.00 3.87  ? 63  ASN A C     1 
ATOM   482  O O     . ASN A 1 62  ? 8.353   -6.694  -6.414  1.00 4.47  ? 63  ASN A O     1 
ATOM   483  C CB    . ASN A 1 62  ? 10.596  -8.264  -6.746  1.00 5.67  ? 63  ASN A CB    1 
ATOM   484  C CG    . ASN A 1 62  ? 11.290  -7.009  -7.196  1.00 5.78  ? 63  ASN A CG    1 
ATOM   485  O OD1   . ASN A 1 62  ? 11.913  -6.339  -6.355  1.00 7.86  ? 63  ASN A OD1   1 
ATOM   486  N ND2   . ASN A 1 62  ? 11.192  -6.687  -8.476  1.00 6.89  ? 63  ASN A ND2   1 
ATOM   487  N N     . PHE A 1 63  ? 8.266   -6.951  -4.167  1.00 3.31  ? 64  PHE A N     1 
ATOM   488  C CA    . PHE A 1 63  ? 7.138   -6.037  -4.052  1.00 2.90  ? 64  PHE A CA    1 
ATOM   489  C C     . PHE A 1 63  ? 7.362   -5.033  -2.932  1.00 3.04  ? 64  PHE A C     1 
ATOM   490  O O     . PHE A 1 63  ? 8.230   -5.215  -2.058  1.00 3.65  ? 64  PHE A O     1 
ATOM   491  C CB    . PHE A 1 63  ? 5.773   -6.745  -3.920  1.00 2.41  ? 64  PHE A CB    1 
ATOM   492  C CG    . PHE A 1 63  ? 5.551   -7.489  -2.654  1.00 3.13  ? 64  PHE A CG    1 
ATOM   493  C CD1   . PHE A 1 63  ? 5.093   -6.915  -1.510  1.00 3.28  ? 64  PHE A CD1   1 
ATOM   494  C CD2   . PHE A 1 63  ? 5.807   -8.852  -2.603  1.00 3.87  ? 64  PHE A CD2   1 
ATOM   495  C CE1   . PHE A 1 63  ? 4.895   -7.665  -0.350  1.00 3.36  ? 64  PHE A CE1   1 
ATOM   496  C CE2   . PHE A 1 63  ? 5.609   -9.617  -1.447  1.00 4.30  ? 64  PHE A CE2   1 
ATOM   497  C CZ    . PHE A 1 63  ? 5.159   -9.014  -0.302  1.00 4.42  ? 64  PHE A CZ    1 
ATOM   498  N N     . GLU A 1 64  ? 6.574   -3.966  -2.953  1.00 2.87  ? 65  GLU A N     1 
ATOM   499  C CA    . GLU A 1 64  ? 6.538   -2.935  -1.920  1.00 2.78  ? 65  GLU A CA    1 
ATOM   500  C C     . GLU A 1 64  ? 5.078   -2.734  -1.488  1.00 2.80  ? 65  GLU A C     1 
ATOM   501  O O     . GLU A 1 64  ? 4.182   -3.021  -2.275  1.00 2.92  ? 65  GLU A O     1 
ATOM   502  C CB    . GLU A 1 64  ? 7.132   -1.627  -2.443  1.00 3.65  ? 65  GLU A CB    1 
ATOM   503  C CG    . GLU A 1 64  ? 7.351   -0.544  -1.398  1.00 4.75  ? 65  GLU A CG    1 
ATOM   504  C CD    . GLU A 1 64  ? 8.104   -1.086  -0.216  1.00 4.43  ? 65  GLU A CD    1 
ATOM   505  O OE1   . GLU A 1 64  ? 9.359   -1.083  -0.310  1.00 7.63  ? 65  GLU A OE1   1 
ATOM   506  O OE2   . GLU A 1 64  ? 7.510   -1.514  0.759   1.00 4.12  ? 65  GLU A OE2   1 
ATOM   507  N N     . VAL A 1 65  ? 4.840   -2.246  -0.279  1.00 2.13  ? 66  VAL A N     1 
ATOM   508  C CA    . VAL A 1 65  ? 3.508   -1.888  0.179   1.00 2.27  ? 66  VAL A CA    1 
ATOM   509  C C     . VAL A 1 65  ? 3.535   -0.406  0.491   1.00 2.79  ? 66  VAL A C     1 
ATOM   510  O O     . VAL A 1 65  ? 4.501   0.120   1.048   1.00 3.61  ? 66  VAL A O     1 
ATOM   511  C CB    . VAL A 1 65  ? 3.058   -2.741  1.384   1.00 2.82  ? 66  VAL A CB    1 
ATOM   512  C CG1   . VAL A 1 65  ? 1.803   -2.233  2.042   1.00 3.11  ? 66  VAL A CG1   1 
ATOM   513  C CG2   . VAL A 1 65  ? 2.986   -4.233  1.036   1.00 3.32  ? 66  VAL A CG2   1 
ATOM   514  N N     . MET A 1 66  ? 2.451   0.289   0.132   1.00 2.45  ? 67  MET A N     1 
ATOM   515  C CA    . MET A 1 66  ? 2.288   1.694   0.440   1.00 3.57  ? 67  MET A CA    1 
ATOM   516  C C     . MET A 1 66  ? 0.957   1.942   1.119   1.00 3.24  ? 67  MET A C     1 
ATOM   517  O O     . MET A 1 66  ? -0.091  1.730   0.511   1.00 2.84  ? 67  MET A O     1 
ATOM   518  C CB    . MET A 1 66  ? 2.380   2.561   -0.785  1.00 6.18  ? 67  MET A CB    1 
ATOM   519  C CG    . MET A 1 66  ? 2.580   4.010   -0.350  1.00 8.79  ? 67  MET A CG    1 
ATOM   520  S SD    . MET A 1 66  ? 2.605   5.096   -1.774  1.00 10.19 ? 67  MET A SD    1 
ATOM   521  C CE    . MET A 1 66  ? 4.364   4.576   -2.429  1.00 9.47  ? 67  MET A CE    1 
ATOM   522  N N     . LEU A 1 67  ? 0.990   2.425   2.347   1.00 2.77  ? 68  LEU A N     1 
ATOM   523  C CA    . LEU A 1 67  ? -0.224  2.791   3.060   1.00 2.73  ? 68  LEU A CA    1 
ATOM   524  C C     . LEU A 1 67  ? -0.857  4.018   2.431   1.00 2.46  ? 68  LEU A C     1 
ATOM   525  O O     . LEU A 1 67  ? -0.178  5.041   2.290   1.00 2.18  ? 68  LEU A O     1 
ATOM   526  C CB    . LEU A 1 67  ? 0.133   3.156   4.512   1.00 2.39  ? 68  LEU A CB    1 
ATOM   527  C CG    . LEU A 1 67  ? -1.011  3.677   5.379   1.00 2.82  ? 68  LEU A CG    1 
ATOM   528  C CD1   . LEU A 1 67  ? -2.096  2.614   5.517   1.00 3.51  ? 68  LEU A CD1   1 
ATOM   529  C CD2   . LEU A 1 67  ? -0.541  4.162   6.721   1.00 2.28  ? 68  LEU A CD2   1 
ATOM   530  N N     . ILE A 1 68  ? -2.143  3.872   2.104   1.00 2.22  ? 69  ILE A N     1 
ATOM   531  C CA    . ILE A 1 68  ? -2.994  4.976   1.657   1.00 2.60  ? 69  ILE A CA    1 
ATOM   532  C C     . ILE A 1 68  ? -4.019  5.098   2.780   1.00 2.15  ? 69  ILE A C     1 
ATOM   533  O O     . ILE A 1 68  ? -4.925  4.285   2.921   1.00 2.53  ? 69  ILE A O     1 
ATOM   534  C CB    . ILE A 1 68  ? -3.614  4.707   0.288   1.00 2.79  ? 69  ILE A CB    1 
ATOM   535  C CG1   . ILE A 1 68  ? -2.585  4.286   -0.758  1.00 3.53  ? 69  ILE A CG1   1 
ATOM   536  C CG2   . ILE A 1 68  ? -4.348  5.980   -0.132  1.00 3.38  ? 69  ILE A CG2   1 
ATOM   537  C CD1   . ILE A 1 68  ? -1.422  5.239   -0.931  1.00 4.05  ? 69  ILE A CD1   1 
ATOM   538  N N     . SER A 1 69  ? -3.868  6.130   3.610   1.00 2.29  ? 70  SER A N     1 
ATOM   539  C CA    . SER A 1 69  ? -4.572  6.180   4.891   1.00 2.37  ? 70  SER A CA    1 
ATOM   540  C C     . SER A 1 69  ? -5.925  6.838   4.872   1.00 3.25  ? 70  SER A C     1 
ATOM   541  O O     . SER A 1 69  ? -6.071  7.969   4.426   1.00 2.66  ? 70  SER A O     1 
ATOM   542  C CB    . SER A 1 69  ? -3.692  6.933   5.895   1.00 3.34  ? 70  SER A CB    1 
ATOM   543  O OG    . SER A 1 69  ? -4.415  7.293   7.060   1.00 3.56  ? 70  SER A OG    1 
ATOM   544  N N     . TRP A 1 70  ? -6.915  6.134   5.397   1.00 2.75  ? 71  TRP A N     1 
ATOM   545  C CA    . TRP A 1 70  ? -8.202  6.734   5.686   1.00 3.72  ? 71  TRP A CA    1 
ATOM   546  C C     . TRP A 1 70  ? -8.278  7.135   7.148   1.00 4.28  ? 71  TRP A C     1 
ATOM   547  O O     . TRP A 1 70  ? -9.368  7.222   7.717   1.00 3.76  ? 71  TRP A O     1 
ATOM   548  C CB    . TRP A 1 70  ? -9.333  5.764   5.364   1.00 3.20  ? 71  TRP A CB    1 
ATOM   549  C CG    . TRP A 1 70  ? -9.688  5.555   3.926   1.00 2.54  ? 71  TRP A CG    1 
ATOM   550  C CD1   . TRP A 1 70  ? -9.024  5.955   2.800   1.00 2.88  ? 71  TRP A CD1   1 
ATOM   551  C CD2   . TRP A 1 70  ? -10.869 4.886   3.450   1.00 2.87  ? 71  TRP A CD2   1 
ATOM   552  N NE1   . TRP A 1 70  ? -9.697  5.567   1.666   1.00 3.31  ? 71  TRP A NE1   1 
ATOM   553  C CE2   . TRP A 1 70  ? -10.835 4.909   2.044   1.00 3.90  ? 71  TRP A CE2   1 
ATOM   554  C CE3   . TRP A 1 70  ? -11.958 4.266   4.072   1.00 3.09  ? 71  TRP A CE3   1 
ATOM   555  C CZ2   . TRP A 1 70  ? -11.830 4.348   1.266   1.00 4.53  ? 71  TRP A CZ2   1 
ATOM   556  C CZ3   . TRP A 1 70  ? -12.941 3.704   3.291   1.00 3.83  ? 71  TRP A CZ3   1 
ATOM   557  C CH2   . TRP A 1 70  ? -12.874 3.759   1.901   1.00 5.02  ? 71  TRP A CH2   1 
ATOM   558  N N     . ASP A 1 71  ? -7.176  7.416   7.820   1.00 3.45  ? 72  ASP A N     1 
ATOM   559  C CA    . ASP A 1 71  ? -7.209  7.765   9.228   1.00 4.03  ? 72  ASP A CA    1 
ATOM   560  C C     . ASP A 1 71  ? -7.873  9.120   9.439   1.00 5.73  ? 72  ASP A C     1 
ATOM   561  O O     . ASP A 1 71  ? -7.962  9.979   8.561   1.00 6.07  ? 72  ASP A O     1 
ATOM   562  C CB    . ASP A 1 71  ? -5.775  7.754   9.773   1.00 3.84  ? 72  ASP A CB    1 
ATOM   563  C CG    . ASP A 1 71  ? -5.258  6.361   10.003  1.00 4.11  ? 72  ASP A CG    1 
ATOM   564  O OD1   . ASP A 1 71  ? -5.760  5.689   10.962  1.00 4.89  ? 72  ASP A OD1   1 
ATOM   565  O OD2   . ASP A 1 71  ? -4.366  5.884   9.245   1.00 4.85  ? 72  ASP A OD2   1 
ATOM   566  N N     . GLU A 1 72  ? -8.361  9.276   10.675  1.00 8.42  ? 73  GLU A N     1 
ATOM   567  C CA    . GLU A 1 72  ? -9.176  10.449  11.031  1.00 11.69 ? 73  GLU A CA    1 
ATOM   568  C C     . GLU A 1 72  ? -8.374  11.724  11.298  1.00 11.09 ? 73  GLU A C     1 
ATOM   569  O O     . GLU A 1 72  ? -8.871  12.850  11.172  1.00 14.30 ? 73  GLU A O     1 
ATOM   570  C CB    . GLU A 1 72  ? -9.947  10.166  12.321  1.00 13.22 ? 73  GLU A CB    1 
ATOM   571  C CG    . GLU A 1 72  ? -10.807 8.913   12.314  1.00 15.02 ? 73  GLU A CG    1 
ATOM   572  C CD    . GLU A 1 72  ? -11.683 8.750   13.542  1.00 15.95 ? 73  GLU A CD    1 
ATOM   573  O OE1   . GLU A 1 72  ? -12.773 9.373   13.530  1.00 18.53 ? 73  GLU A OE1   1 
ATOM   574  O OE2   . GLU A 1 72  ? -11.271 8.024   14.476  1.00 16.84 ? 73  GLU A OE2   1 
ATOM   575  N N     . SER A 1 73  ? -7.129  11.575  11.692  1.00 9.57  ? 74  SER A N     1 
ATOM   576  C CA    . SER A 1 73  ? -6.313  12.710  12.088  1.00 9.44  ? 74  SER A CA    1 
ATOM   577  C C     . SER A 1 73  ? -4.859  12.373  11.841  1.00 8.39  ? 74  SER A C     1 
ATOM   578  O O     . SER A 1 73  ? -4.441  11.212  11.683  1.00 7.38  ? 74  SER A O     1 
ATOM   579  C CB    . SER A 1 73  ? -6.418  13.041  13.588  1.00 9.74  ? 74  SER A CB    1 
ATOM   580  O OG    . SER A 1 73  ? -5.858  12.018  14.392  1.00 11.01 ? 74  SER A OG    1 
ATOM   581  N N     . ALA A 1 74  ? -4.054  13.422  11.831  1.00 8.56  ? 75  ALA A N     1 
ATOM   582  C CA    . ALA A 1 74  ? -2.631  13.357  11.638  1.00 7.89  ? 75  ALA A CA    1 
ATOM   583  C C     . ALA A 1 74  ? -2.046  12.513  12.751  1.00 7.64  ? 75  ALA A C     1 
ATOM   584  O O     . ALA A 1 74  ? -1.162  11.722  12.544  1.00 6.44  ? 75  ALA A O     1 
ATOM   585  C CB    . ALA A 1 74  ? -2.010  14.761  11.703  1.00 7.99  ? 75  ALA A CB    1 
ATOM   586  N N     . GLU A 1 75  ? -2.560  12.655  13.966  1.00 7.76  ? 76  GLU A N     1 
ATOM   587  C CA    . GLU A 1 75  ? -2.009  11.893  15.073  1.00 8.49  ? 76  GLU A CA    1 
ATOM   588  C C     . GLU A 1 75  ? -2.297  10.395  14.961  1.00 6.61  ? 76  GLU A C     1 
ATOM   589  O O     . GLU A 1 75  ? -1.477  9.534   15.218  1.00 6.29  ? 76  GLU A O     1 
ATOM   590  C CB    . GLU A 1 75  ? -2.524  12.500  16.373  1.00 12.41 ? 76  GLU A CB    1 
ATOM   591  C CG    . GLU A 1 75  ? -2.517  14.030  16.305  1.00 16.28 ? 76  GLU A CG    1 
ATOM   592  C CD    . GLU A 1 75  ? -3.626  14.706  15.489  1.00 17.79 ? 76  GLU A CD    1 
ATOM   593  O OE1   . GLU A 1 75  ? -4.830  14.496  15.747  1.00 22.59 ? 76  GLU A OE1   1 
ATOM   594  O OE2   . GLU A 1 75  ? -3.416  15.484  14.550  1.00 20.43 ? 76  GLU A OE2   1 
ATOM   595  N N     . ASP A 1 76  ? -3.507  10.045  14.549  1.00 6.10  ? 77  ASP A N     1 
ATOM   596  C CA    . ASP A 1 76  ? -3.878  8.643   14.360  1.00 6.23  ? 77  ASP A CA    1 
ATOM   597  C C     . ASP A 1 76  ? -3.037  8.040   13.246  1.00 5.77  ? 77  ASP A C     1 
ATOM   598  O O     . ASP A 1 76  ? -2.569  6.919   13.356  1.00 5.35  ? 77  ASP A O     1 
ATOM   599  C CB    . ASP A 1 76  ? -5.377  8.507   14.036  1.00 8.87  ? 77  ASP A CB    1 
ATOM   600  C CG    . ASP A 1 76  ? -6.268  8.834   15.218  1.00 12.57 ? 77  ASP A CG    1 
ATOM   601  O OD1   . ASP A 1 76  ? -5.826  8.656   16.360  1.00 14.98 ? 77  ASP A OD1   1 
ATOM   602  O OD2   . ASP A 1 76  ? -7.410  9.296   15.019  1.00 18.06 ? 77  ASP A OD2   1 
ATOM   603  N N     . PHE A 1 77  ? -2.848  8.779   12.158  1.00 4.52  ? 78  PHE A N     1 
ATOM   604  C CA    . PHE A 1 77  ? -1.943  8.299   11.108  1.00 4.69  ? 78  PHE A CA    1 
ATOM   605  C C     . PHE A 1 77  ? -0.544  7.994   11.623  1.00 4.60  ? 78  PHE A C     1 
ATOM   606  O O     . PHE A 1 77  ? 0.029   6.933   11.361  1.00 4.21  ? 78  PHE A O     1 
ATOM   607  C CB    . PHE A 1 77  ? -1.806  9.334   10.002  1.00 3.76  ? 78  PHE A CB    1 
ATOM   608  C CG    . PHE A 1 77  ? -0.813  8.979   8.922   1.00 4.69  ? 78  PHE A CG    1 
ATOM   609  C CD1   . PHE A 1 77  ? -1.158  8.249   7.780   1.00 4.04  ? 78  PHE A CD1   1 
ATOM   610  C CD2   . PHE A 1 77  ? 0.502   9.393   9.031   1.00 4.42  ? 78  PHE A CD2   1 
ATOM   611  C CE1   . PHE A 1 77  ? -0.226  7.966   6.811   1.00 3.46  ? 78  PHE A CE1   1 
ATOM   612  C CE2   . PHE A 1 77  ? 1.462   9.111   8.066   1.00 4.61  ? 78  PHE A CE2   1 
ATOM   613  C CZ    . PHE A 1 77  ? 1.088   8.380   6.945   1.00 3.97  ? 78  PHE A CZ    1 
ATOM   614  N N     . LYS A 1 78  ? 0.008   8.954   12.367  1.00 5.14  ? 79  LYS A N     1 
ATOM   615  C CA    . LYS A 1 78  ? 1.362   8.780   12.872  1.00 5.86  ? 79  LYS A CA    1 
ATOM   616  C C     . LYS A 1 78  ? 1.495   7.509   13.685  1.00 5.97  ? 79  LYS A C     1 
ATOM   617  O O     . LYS A 1 78  ? 2.417   6.744   13.461  1.00 5.37  ? 79  LYS A O     1 
ATOM   618  C CB    . LYS A 1 78  ? 1.719   9.982   13.748  1.00 9.32  ? 79  LYS A CB    1 
ATOM   619  C CG    . LYS A 1 78  ? 3.188   10.008  14.152  1.00 12.35 ? 79  LYS A CG    1 
ATOM   620  C CD    . LYS A 1 78  ? 3.608   11.251  14.954  1.00 15.36 ? 79  LYS A CD    1 
ATOM   621  C CE    . LYS A 1 78  ? 4.979   11.042  15.654  1.00 17.47 ? 79  LYS A CE    1 
ATOM   622  N NZ    . LYS A 1 78  ? 5.414   12.225  16.464  1.00 20.66 ? 79  LYS A NZ    1 
ATOM   623  N N     . ASP A 1 79  ? 0.582   7.280   14.625  1.00 5.65  ? 80  ASP A N     1 
ATOM   624  C CA    . ASP A 1 79  ? 0.648   6.101   15.472  1.00 7.27  ? 80  ASP A CA    1 
ATOM   625  C C     . ASP A 1 79  ? 0.414   4.793   14.724  1.00 5.27  ? 80  ASP A C     1 
ATOM   626  O O     . ASP A 1 79  ? 1.055   3.779   15.023  1.00 6.82  ? 80  ASP A O     1 
ATOM   627  C CB    . ASP A 1 79  ? -0.399  6.224   16.598  1.00 8.38  ? 80  ASP A CB    1 
ATOM   628  C CG    . ASP A 1 79  ? -0.130  7.367   17.575  1.00 12.13 ? 80  ASP A CG    1 
ATOM   629  O OD1   . ASP A 1 79  ? 1.005   7.868   17.628  1.00 14.26 ? 80  ASP A OD1   1 
ATOM   630  O OD2   . ASP A 1 79  ? -1.075  7.765   18.289  1.00 15.08 ? 80  ASP A OD2   1 
ATOM   631  N N     . TYR A 1 80  ? -0.491  4.779   13.744  1.00 4.49  ? 81  TYR A N     1 
ATOM   632  C CA    . TYR A 1 80  ? -0.821  3.571   13.026  1.00 4.08  ? 81  TYR A CA    1 
ATOM   633  C C     . TYR A 1 80  ? 0.301   3.240   12.040  1.00 3.90  ? 81  TYR A C     1 
ATOM   634  O O     . TYR A 1 80  ? 0.734   2.107   11.973  1.00 3.85  ? 81  TYR A O     1 
ATOM   635  C CB    . TYR A 1 80  ? -2.133  3.860   12.284  1.00 4.44  ? 81  TYR A CB    1 
ATOM   636  C CG    . TYR A 1 80  ? -2.759  2.648   11.608  1.00 4.35  ? 81  TYR A CG    1 
ATOM   637  C CD1   . TYR A 1 80  ? -2.775  1.397   12.216  1.00 5.41  ? 81  TYR A CD1   1 
ATOM   638  C CD2   . TYR A 1 80  ? -3.349  2.763   10.362  1.00 4.89  ? 81  TYR A CD2   1 
ATOM   639  C CE1   . TYR A 1 80  ? -3.353  0.282   11.609  1.00 4.65  ? 81  TYR A CE1   1 
ATOM   640  C CE2   . TYR A 1 80  ? -3.928  1.654   9.750   1.00 4.10  ? 81  TYR A CE2   1 
ATOM   641  C CZ    . TYR A 1 80  ? -3.921  0.412   10.383  1.00 4.98  ? 81  TYR A CZ    1 
ATOM   642  O OH    . TYR A 1 80  ? -4.493  -0.701  9.809   1.00 4.81  ? 81  TYR A OH    1 
ATOM   643  N N     . TYR A 1 81  ? 0.772   4.226   11.278  1.00 3.42  ? 82  TYR A N     1 
ATOM   644  C CA    . TYR A 1 81  ? 1.860   3.992   10.341  1.00 3.54  ? 82  TYR A CA    1 
ATOM   645  C C     . TYR A 1 81  ? 3.134   3.589   11.065  1.00 4.74  ? 82  TYR A C     1 
ATOM   646  O O     . TYR A 1 81  ? 3.879   2.782   10.541  1.00 4.64  ? 82  TYR A O     1 
ATOM   647  C CB    . TYR A 1 81  ? 2.086   5.207   9.435   1.00 2.98  ? 82  TYR A CB    1 
ATOM   648  C CG    . TYR A 1 81  ? 3.250   5.005   8.499   1.00 2.90  ? 82  TYR A CG    1 
ATOM   649  C CD1   . TYR A 1 81  ? 3.356   3.880   7.676   1.00 3.58  ? 82  TYR A CD1   1 
ATOM   650  C CD2   . TYR A 1 81  ? 4.287   5.923   8.432   1.00 3.58  ? 82  TYR A CD2   1 
ATOM   651  C CE1   . TYR A 1 81  ? 4.459   3.718   6.849   1.00 2.70  ? 82  TYR A CE1   1 
ATOM   652  C CE2   . TYR A 1 81  ? 5.382   5.756   7.603   1.00 3.51  ? 82  TYR A CE2   1 
ATOM   653  C CZ    . TYR A 1 81  ? 5.476   4.640   6.804   1.00 3.03  ? 82  TYR A CZ    1 
ATOM   654  O OH    . TYR A 1 81  ? 6.571   4.507   5.995   1.00 3.54  ? 82  TYR A OH    1 
ATOM   655  N N     . ALA A 1 82  ? 3.397   4.121   12.255  1.00 4.29  ? 83  ALA A N     1 
ATOM   656  C CA    . ALA A 1 82  ? 4.569   3.683   13.023  1.00 5.71  ? 83  ALA A CA    1 
ATOM   657  C C     . ALA A 1 82  ? 4.588   2.191   13.316  1.00 6.19  ? 83  ALA A C     1 
ATOM   658  O O     . ALA A 1 82  ? 5.680   1.655   13.575  1.00 8.10  ? 83  ALA A O     1 
ATOM   659  C CB    . ALA A 1 82  ? 4.642   4.463   14.346  1.00 7.06  ? 83  ALA A CB    1 
ATOM   660  N N     . LYS A 1 83  ? 3.465   1.470   13.263  1.00 5.44  ? 84  LYS A N     1 
ATOM   661  C CA    . LYS A 1 83  ? 3.413   0.015   13.458  1.00 7.95  ? 84  LYS A CA    1 
ATOM   662  C C     . LYS A 1 83  ? 3.843   -0.736  12.214  1.00 8.34  ? 84  LYS A C     1 
ATOM   663  O O     . LYS A 1 83  ? 3.988   -1.952  12.273  1.00 9.13  ? 84  LYS A O     1 
ATOM   664  C CB    . LYS A 1 83  ? 1.997   -0.441  13.802  1.00 9.32  ? 84  LYS A CB    1 
ATOM   665  C CG    . LYS A 1 83  ? 1.465   0.236   15.061  1.00 11.18 ? 84  LYS A CG    1 
ATOM   666  C CD    . LYS A 1 83  ? 0.025   -0.082  15.455  1.00 12.90 ? 84  LYS A CD    1 
ATOM   667  C CE    . LYS A 1 83  ? -0.415  0.536   16.800  1.00 15.53 ? 84  LYS A CE    1 
ATOM   668  N NZ    . LYS A 1 83  ? -1.836  0.134   17.109  1.00 18.56 ? 84  LYS A NZ    1 
ATOM   669  N N     . MET A 1 84  ? 4.036   -0.070  11.084  1.00 5.84  ? 85  MET A N     1 
ATOM   670  C CA    . MET A 1 84  ? 4.231   -0.736  9.787   1.00 6.15  ? 85  MET A CA    1 
ATOM   671  C C     . MET A 1 84  ? 5.633   -0.593  9.255   1.00 6.05  ? 85  MET A C     1 
ATOM   672  O O     . MET A 1 84  ? 6.259   0.454   9.470   1.00 6.54  ? 85  MET A O     1 
ATOM   673  C CB    . MET A 1 84  ? 3.258   -0.109  8.783   1.00 5.08  ? 85  MET A CB    1 
ATOM   674  C CG    . MET A 1 84  ? 1.812   -0.206  9.187   1.00 4.74  ? 85  MET A CG    1 
ATOM   675  S SD    . MET A 1 84  ? 0.729   0.758   8.082   1.00 4.07  ? 85  MET A SD    1 
ATOM   676  C CE    . MET A 1 84  ? -0.809  0.551   8.901   1.00 5.76  ? 85  MET A CE    1 
ATOM   677  N N     . PRO A 1 85  ? 6.137   -1.615  8.566   1.00 5.71  ? 86  PRO A N     1 
ATOM   678  C CA    . PRO A 1 85  ? 7.503   -1.610  8.048   1.00 6.23  ? 86  PRO A CA    1 
ATOM   679  C C     . PRO A 1 85  ? 7.706   -1.072  6.648   1.00 5.41  ? 86  PRO A C     1 
ATOM   680  O O     . PRO A 1 85  ? 8.846   -1.017  6.182   1.00 7.61  ? 86  PRO A O     1 
ATOM   681  C CB    . PRO A 1 85  ? 7.838   -3.105  8.125   1.00 6.56  ? 86  PRO A CB    1 
ATOM   682  C CG    . PRO A 1 85  ? 6.526   -3.716  7.700   1.00 6.38  ? 86  PRO A CG    1 
ATOM   683  C CD    . PRO A 1 85  ? 5.459   -2.896  8.326   1.00 6.49  ? 86  PRO A CD    1 
ATOM   684  N N     . TRP A 1 86  ? 6.605   -0.684  5.979   1.00 4.09  ? 87  TRP A N     1 
ATOM   685  C CA    . TRP A 1 86  ? 6.625   -0.362  4.551   1.00 4.26  ? 87  TRP A CA    1 
ATOM   686  C C     . TRP A 1 86  ? 6.503   1.129   4.290   1.00 2.96  ? 87  TRP A C     1 
ATOM   687  O O     . TRP A 1 86  ? 6.857   1.909   5.170   1.00 4.21  ? 87  TRP A O     1 
ATOM   688  C CB    . TRP A 1 86  ? 5.561   -1.201  3.834   1.00 3.47  ? 87  TRP A CB    1 
ATOM   689  C CG    . TRP A 1 86  ? 4.238   -1.149  4.491   1.00 2.87  ? 87  TRP A CG    1 
ATOM   690  C CD1   . TRP A 1 86  ? 3.429   -0.054  4.690   1.00 2.95  ? 87  TRP A CD1   1 
ATOM   691  C CD2   . TRP A 1 86  ? 3.535   -2.233  5.068   1.00 3.48  ? 87  TRP A CD2   1 
ATOM   692  N NE1   . TRP A 1 86  ? 2.282   -0.394  5.350   1.00 2.95  ? 87  TRP A NE1   1 
ATOM   693  C CE2   . TRP A 1 86  ? 2.315   -1.748  5.593   1.00 3.44  ? 87  TRP A CE2   1 
ATOM   694  C CE3   . TRP A 1 86  ? 3.820   -3.609  5.196   1.00 4.22  ? 87  TRP A CE3   1 
ATOM   695  C CZ2   . TRP A 1 86  ? 1.397   -2.580  6.238   1.00 3.46  ? 87  TRP A CZ2   1 
ATOM   696  C CZ3   . TRP A 1 86  ? 2.898   -4.417  5.812   1.00 4.20  ? 87  TRP A CZ3   1 
ATOM   697  C CH2   . TRP A 1 86  ? 1.731   -3.922  6.338   1.00 4.53  ? 87  TRP A CH2   1 
ATOM   698  N N     . LEU A 1 87  ? 6.048   1.573   3.135   1.00 2.69  ? 88  LEU A N     1 
ATOM   699  C CA    . LEU A 1 87  ? 5.990   2.967   2.744   1.00 2.66  ? 88  LEU A CA    1 
ATOM   700  C C     . LEU A 1 87  ? 4.614   3.552   3.048   1.00 2.26  ? 88  LEU A C     1 
ATOM   701  O O     . LEU A 1 87  ? 3.653   2.821   3.332   1.00 3.05  ? 88  LEU A O     1 
ATOM   702  C CB    . LEU A 1 87  ? 6.269   3.104   1.247   1.00 3.22  ? 88  LEU A CB    1 
ATOM   703  C CG    . LEU A 1 87  ? 7.594   2.493   0.773   1.00 5.27  ? 88  LEU A CG    1 
ATOM   704  C CD1   . LEU A 1 87  ? 7.823   2.793   -0.690  1.00 5.89  ? 88  LEU A CD1   1 
ATOM   705  C CD2   . LEU A 1 87  ? 8.806   2.944   1.640   1.00 5.62  ? 88  LEU A CD2   1 
ATOM   706  N N     . ALA A 1 88  ? 4.511   4.873   2.980   1.00 3.15  ? 89  ALA A N     1 
ATOM   707  C CA    . ALA A 1 88  ? 3.211   5.502   3.060   1.00 2.69  ? 89  ALA A CA    1 
ATOM   708  C C     . ALA A 1 88  ? 3.164   6.729   2.195   1.00 2.16  ? 89  ALA A C     1 
ATOM   709  O O     . ALA A 1 88  ? 4.116   7.484   2.033   1.00 3.14  ? 89  ALA A O     1 
ATOM   710  C CB    . ALA A 1 88  ? 2.850   5.879   4.492   1.00 3.40  ? 89  ALA A CB    1 
ATOM   711  N N     . LEU A 1 89  ? 1.995   6.967   1.622   1.00 2.53  ? 90  LEU A N     1 
ATOM   712  C CA    . LEU A 1 89  ? 1.671   8.270   1.022   1.00 2.55  ? 90  LEU A CA    1 
ATOM   713  C C     . LEU A 1 89  ? 1.571   9.236   2.214   1.00 2.75  ? 90  LEU A C     1 
ATOM   714  O O     . LEU A 1 89  ? 0.851   8.932   3.168   1.00 3.08  ? 90  LEU A O     1 
ATOM   715  C CB    . LEU A 1 89  ? 0.335   8.200   0.256   1.00 2.76  ? 90  LEU A CB    1 
ATOM   716  C CG    . LEU A 1 89  ? -0.024  9.541   -0.407  1.00 3.15  ? 90  LEU A CG    1 
ATOM   717  C CD1   . LEU A 1 89  ? 0.881   9.795   -1.592  1.00 5.00  ? 90  LEU A CD1   1 
ATOM   718  C CD2   . LEU A 1 89  ? -1.482  9.464   -0.879  1.00 3.28  ? 90  LEU A CD2   1 
ATOM   719  N N     . PRO A 1 90  ? 2.275   10.368  2.226   1.00 2.59  ? 91  PRO A N     1 
ATOM   720  C CA    . PRO A 1 90  ? 2.224   11.268  3.378   1.00 3.61  ? 91  PRO A CA    1 
ATOM   721  C C     . PRO A 1 90  ? 0.804   11.689  3.731   1.00 3.23  ? 91  PRO A C     1 
ATOM   722  O O     . PRO A 1 90  ? -0.002  11.992  2.842   1.00 3.40  ? 91  PRO A O     1 
ATOM   723  C CB    . PRO A 1 90  ? 3.092   12.433  2.909   1.00 3.67  ? 91  PRO A CB    1 
ATOM   724  C CG    . PRO A 1 90  ? 4.102   11.783  2.027   1.00 3.95  ? 91  PRO A CG    1 
ATOM   725  C CD    . PRO A 1 90  ? 3.205   10.879  1.203   1.00 2.94  ? 91  PRO A CD    1 
ATOM   726  N N     . PHE A 1 91  ? 0.479   11.725  5.020   1.00 2.69  ? 92  PHE A N     1 
ATOM   727  C CA    . PHE A 1 91  ? -0.858  12.075  5.443   1.00 2.21  ? 92  PHE A CA    1 
ATOM   728  C C     . PHE A 1 91  ? -1.342  13.411  4.928   1.00 3.82  ? 92  PHE A C     1 
ATOM   729  O O     . PHE A 1 91  ? -2.521  13.550  4.552   1.00 3.49  ? 92  PHE A O     1 
ATOM   730  C CB    . PHE A 1 91  ? -1.002  12.016  6.961   1.00 2.79  ? 92  PHE A CB    1 
ATOM   731  C CG    . PHE A 1 91  ? -2.419  12.212  7.435   1.00 3.69  ? 92  PHE A CG    1 
ATOM   732  C CD1   . PHE A 1 91  ? -3.367  11.204  7.419   1.00 4.04  ? 92  PHE A CD1   1 
ATOM   733  C CD2   . PHE A 1 91  ? -2.809  13.456  7.901   1.00 5.05  ? 92  PHE A CD2   1 
ATOM   734  C CE1   . PHE A 1 91  ? -4.630  11.425  7.854   1.00 5.08  ? 92  PHE A CE1   1 
ATOM   735  C CE2   . PHE A 1 91  ? -4.108  13.696  8.350   1.00 5.04  ? 92  PHE A CE2   1 
ATOM   736  C CZ    . PHE A 1 91  ? -4.965  12.657  8.292   1.00 5.31  ? 92  PHE A CZ    1 
ATOM   737  N N     . GLU A 1 92  ? -0.489  14.432  4.907   1.00 3.31  ? 93  GLU A N     1 
ATOM   738  C CA    . GLU A 1 92  ? -0.971  15.753  4.502   1.00 4.00  ? 93  GLU A CA    1 
ATOM   739  C C     . GLU A 1 92  ? -1.430  15.797  3.065   1.00 4.83  ? 93  GLU A C     1 
ATOM   740  O O     . GLU A 1 92  ? -2.152  16.714  2.671   1.00 5.69  ? 93  GLU A O     1 
ATOM   741  C CB    . GLU A 1 92  ? 0.045   16.850  4.841   1.00 5.00  ? 93  GLU A CB    1 
ATOM   742  C CG    . GLU A 1 92  ? 0.280   16.991  6.342   1.00 5.98  ? 93  GLU A CG    1 
ATOM   743  C CD    . GLU A 1 92  ? -0.923  17.485  7.100   1.00 6.73  ? 93  GLU A CD    1 
ATOM   744  O OE1   . GLU A 1 92  ? -1.286  18.666  6.863   1.00 8.36  ? 93  GLU A OE1   1 
ATOM   745  O OE2   . GLU A 1 92  ? -1.452  16.705  7.907   1.00 8.54  ? 93  GLU A OE2   1 
ATOM   746  N N     . ASP A 1 93  ? -1.045  14.813  2.252   1.00 3.56  ? 94  ASP A N     1 
ATOM   747  C CA    . ASP A 1 93  ? -1.536  14.695  0.876   1.00 4.01  ? 94  ASP A CA    1 
ATOM   748  C C     . ASP A 1 93  ? -2.895  14.001  0.877   1.00 4.58  ? 94  ASP A C     1 
ATOM   749  O O     . ASP A 1 93  ? -3.090  12.870  0.427   1.00 3.28  ? 94  ASP A O     1 
ATOM   750  C CB    . ASP A 1 93  ? -0.564  13.900  0.002   1.00 4.32  ? 94  ASP A CB    1 
ATOM   751  C CG    . ASP A 1 93  ? -0.982  13.858  -1.464  1.00 4.63  ? 94  ASP A CG    1 
ATOM   752  O OD1   . ASP A 1 93  ? -1.984  14.487  -1.875  1.00 5.18  ? 94  ASP A OD1   1 
ATOM   753  O OD2   . ASP A 1 93  ? -0.276  13.166  -2.235  1.00 5.51  ? 94  ASP A OD2   1 
ATOM   754  N N     . ARG A 1 94  ? -3.871  14.712  1.422   1.00 4.34  ? 95  ARG A N     1 
ATOM   755  C CA    . ARG A 1 94  ? -5.248  14.231  1.442   1.00 3.45  ? 95  ARG A CA    1 
ATOM   756  C C     . ARG A 1 94  ? -5.849  14.070  0.050   1.00 4.29  ? 95  ARG A C     1 
ATOM   757  O O     . ARG A 1 94  ? -6.490  13.073  -0.286  1.00 3.85  ? 95  ARG A O     1 
ATOM   758  C CB    . ARG A 1 94  ? -6.118  15.090  2.376   1.00 3.86  ? 95  ARG A CB    1 
ATOM   759  C CG    . ARG A 1 94  ? -5.635  15.129  3.854   1.00 4.93  ? 95  ARG A CG    1 
ATOM   760  C CD    . ARG A 1 94  ? -5.984  13.887  4.728   1.00 4.54  ? 95  ARG A CD    1 
ATOM   761  N NE    . ARG A 1 94  ? -5.191  12.723  4.361   1.00 4.41  ? 95  ARG A NE    1 
ATOM   762  C CZ    . ARG A 1 94  ? -5.531  11.455  4.576   1.00 5.83  ? 95  ARG A CZ    1 
ATOM   763  N NH1   . ARG A 1 94  ? -6.676  11.156  5.175   1.00 7.27  ? 95  ARG A NH1   1 
ATOM   764  N NH2   . ARG A 1 94  ? -4.730  10.483  4.194   1.00 5.10  ? 95  ARG A NH2   1 
ATOM   765  N N     . LYS A 1 95  ? -5.601  15.076  -0.769  1.00 4.72  ? 96  LYS A N     1 
ATOM   766  C CA    . LYS A 1 95  ? -6.051  15.060  -2.152  1.00 6.00  ? 96  LYS A CA    1 
ATOM   767  C C     . LYS A 1 95  ? -5.534  13.810  -2.886  1.00 4.74  ? 96  LYS A C     1 
ATOM   768  O O     . LYS A 1 95  ? -6.241  13.186  -3.677  1.00 4.78  ? 96  LYS A O     1 
ATOM   769  C CB    . LYS A 1 95  ? -5.611  16.326  -2.908  1.00 9.23  ? 96  LYS A CB    1 
ATOM   770  C CG    . LYS A 1 95  ? -6.358  17.627  -2.608  1.00 12.25 ? 96  LYS A CG    1 
ATOM   771  C CD    . LYS A 1 95  ? -5.913  18.790  -3.507  1.00 15.56 ? 96  LYS A CD    1 
ATOM   772  C CE    . LYS A 1 95  ? -6.294  20.155  -2.929  1.00 18.58 ? 96  LYS A CE    1 
ATOM   773  N NZ    . LYS A 1 95  ? -5.890  21.365  -3.711  1.00 21.76 ? 96  LYS A NZ    1 
ATOM   774  N N     . GLY A 1 96  ? -4.293  13.416  -2.633  1.00 4.91  ? 97  GLY A N     1 
ATOM   775  C CA    . GLY A 1 96  ? -3.689  12.251  -3.278  1.00 4.47  ? 97  GLY A CA    1 
ATOM   776  C C     . GLY A 1 96  ? -4.319  10.950  -2.817  1.00 3.16  ? 97  GLY A C     1 
ATOM   777  O O     . GLY A 1 96  ? -4.496  9.990   -3.568  1.00 3.31  ? 97  GLY A O     1 
ATOM   778  N N     . MET A 1 97  ? -4.693  10.902  -1.536  1.00 3.53  ? 98  MET A N     1 
ATOM   779  C CA    . MET A 1 97  ? -5.470  9.775   -1.007  1.00 3.92  ? 98  MET A CA    1 
ATOM   780  C C     . MET A 1 97  ? -6.831  9.660   -1.693  1.00 4.03  ? 98  MET A C     1 
ATOM   781  O O     . MET A 1 97  ? -7.257  8.572   -2.078  1.00 3.17  ? 98  MET A O     1 
ATOM   782  C CB    . MET A 1 97  ? -5.618  9.851   0.515   1.00 3.41  ? 98  MET A CB    1 
ATOM   783  C CG    . MET A 1 97  ? -6.547  8.789   1.132   1.00 3.95  ? 98  MET A CG    1 
ATOM   784  S SD    . MET A 1 97  ? -8.312  9.244   1.047   1.00 4.65  ? 98  MET A SD    1 
ATOM   785  C CE    . MET A 1 97  ? -8.300  10.411  2.339   1.00 6.86  ? 98  MET A CE    1 
ATOM   786  N N     . GLU A 1 98  ? -7.511  10.784  -1.886  1.00 3.55  ? 99  GLU A N     1 
ATOM   787  C CA    . GLU A 1 98  ? -8.837  10.731  -2.525  1.00 4.52  ? 99  GLU A CA    1 
ATOM   788  C C     . GLU A 1 98  ? -8.703  10.327  -4.006  1.00 4.37  ? 99  GLU A C     1 
ATOM   789  O O     . GLU A 1 98  ? -9.518  9.564   -4.531  1.00 5.81  ? 99  GLU A O     1 
ATOM   790  C CB    . GLU A 1 98  ? -9.596  12.043  -2.411  1.00 6.25  ? 99  GLU A CB    1 
ATOM   791  C CG    . GLU A 1 98  ? -9.899  12.475  -0.991  1.00 6.09  ? 99  GLU A CG    1 
ATOM   792  C CD    . GLU A 1 98  ? -10.897 11.588  -0.246  1.00 7.17  ? 99  GLU A CD    1 
ATOM   793  O OE1   . GLU A 1 98  ? -11.576 10.765  -0.899  1.00 8.32  ? 99  GLU A OE1   1 
ATOM   794  O OE2   . GLU A 1 98  ? -10.983 11.741  1.001   1.00 9.08  ? 99  GLU A OE2   1 
ATOM   795  N N     . PHE A 1 99  ? -7.640  10.810  -4.639  1.00 3.81  ? 100 PHE A N     1 
ATOM   796  C CA    . PHE A 1 99  ? -7.335  10.474  -6.024  1.00 4.28  ? 100 PHE A CA    1 
ATOM   797  C C     . PHE A 1 99  ? -7.186  8.961   -6.211  1.00 4.97  ? 100 PHE A C     1 
ATOM   798  O O     . PHE A 1 99  ? -7.744  8.309   -7.127  1.00 4.87  ? 100 PHE A O     1 
ATOM   799  C CB    . PHE A 1 99  ? -6.085  11.228  -6.442  1.00 5.58  ? 100 PHE A CB    1 
ATOM   800  C CG    . PHE A 1 99  ? -5.698  11.021  -7.860  1.00 5.54  ? 100 PHE A CG    1 
ATOM   801  C CD1   . PHE A 1 99  ? -6.207  11.845  -8.852  1.00 6.85  ? 100 PHE A CD1   1 
ATOM   802  C CD2   . PHE A 1 99  ? -4.826  10.025  -8.198  1.00 6.48  ? 100 PHE A CD2   1 
ATOM   803  C CE1   . PHE A 1 99  ? -5.852  11.669  -10.183 1.00 6.97  ? 100 PHE A CE1   1 
ATOM   804  C CE2   . PHE A 1 99  ? -4.462  9.844   -9.531  1.00 7.28  ? 100 PHE A CE2   1 
ATOM   805  C CZ    . PHE A 1 99  ? -4.989  10.675  -10.520 1.00 7.44  ? 100 PHE A CZ    1 
ATOM   806  N N     . LEU A 1 100 ? -6.417  8.324   -5.331  1.00 4.69  ? 101 LEU A N     1 
ATOM   807  C CA    . LEU A 1 100 ? -6.207  6.877   -5.383  1.00 4.25  ? 101 LEU A CA    1 
ATOM   808  C C     . LEU A 1 100 ? -7.443  6.088   -4.977  1.00 4.48  ? 101 LEU A C     1 
ATOM   809  O O     . LEU A 1 100 ? -7.738  5.037   -5.568  1.00 4.65  ? 101 LEU A O     1 
ATOM   810  C CB    . LEU A 1 100 ? -5.007  6.456   -4.526  1.00 5.03  ? 101 LEU A CB    1 
ATOM   811  C CG    . LEU A 1 100 ? -3.683  6.953   -5.105  1.00 5.98  ? 101 LEU A CG    1 
ATOM   812  C CD1   . LEU A 1 100 ? -2.532  6.806   -4.100  1.00 6.12  ? 101 LEU A CD1   1 
ATOM   813  C CD2   . LEU A 1 100 ? -3.264  6.283   -6.425  1.00 7.53  ? 101 LEU A CD2   1 
ATOM   814  N N     . THR A 1 101 ? -8.179  6.592   -3.982  1.00 4.21  ? 102 THR A N     1 
ATOM   815  C CA    . THR A 1 101 ? -9.421  5.909   -3.614  1.00 5.18  ? 102 THR A CA    1 
ATOM   816  C C     . THR A 1 101 ? -10.349 5.841   -4.818  1.00 6.12  ? 102 THR A C     1 
ATOM   817  O O     . THR A 1 101 ? -10.924 4.797   -5.080  1.00 7.14  ? 102 THR A O     1 
ATOM   818  C CB    . THR A 1 101 ? -10.042 6.673   -2.427  1.00 4.50  ? 102 THR A CB    1 
ATOM   819  O OG1   . THR A 1 101 ? -9.170  6.532   -1.283  1.00 4.02  ? 102 THR A OG1   1 
ATOM   820  C CG2   . THR A 1 101 ? -11.432 6.147   -2.084  1.00 5.20  ? 102 THR A CG2   1 
ATOM   821  N N     . THR A 1 102 ? -10.493 6.943   -5.540  1.00 7.04  ? 103 THR A N     1 
ATOM   822  C CA    . THR A 1 102 ? -11.355 6.915   -6.711  1.00 7.33  ? 103 THR A CA    1 
ATOM   823  C C     . THR A 1 102 ? -10.777 6.064   -7.830  1.00 8.25  ? 103 THR A C     1 
ATOM   824  O O     . THR A 1 102 ? -11.454 5.245   -8.473  1.00 8.94  ? 103 THR A O     1 
ATOM   825  C CB    . THR A 1 102 ? -11.490 8.353   -7.172  1.00 7.32  ? 103 THR A CB    1 
ATOM   826  O OG1   . THR A 1 102 ? -12.209 9.042   -6.149  1.00 8.88  ? 103 THR A OG1   1 
ATOM   827  C CG2   . THR A 1 102 ? -12.381 8.465   -8.443  1.00 8.72  ? 103 THR A CG2   1 
ATOM   828  N N     . GLY A 1 103 ? -9.488  6.227   -8.067  1.00 7.77  ? 104 GLY A N     1 
ATOM   829  C CA    . GLY A 1 103 ? -8.855  5.556   -9.185  1.00 7.70  ? 104 GLY A CA    1 
ATOM   830  C C     . GLY A 1 103 ? -8.850  4.046   -9.117  1.00 8.87  ? 104 GLY A C     1 
ATOM   831  O O     . GLY A 1 103 ? -8.855  3.357   -10.144 1.00 10.32 ? 104 GLY A O     1 
ATOM   832  N N     . PHE A 1 104 ? -8.825  3.470   -7.923  1.00 8.34  ? 105 PHE A N     1 
ATOM   833  C CA    . PHE A 1 104 ? -8.814  2.023   -7.757  1.00 9.37  ? 105 PHE A CA    1 
ATOM   834  C C     . PHE A 1 104 ? -10.129 1.498   -7.204  1.00 11.12 ? 105 PHE A C     1 
ATOM   835  O O     . PHE A 1 104 ? -10.173 0.381   -6.677  1.00 12.61 ? 105 PHE A O     1 
ATOM   836  C CB    . PHE A 1 104 ? -7.710  1.595   -6.791  1.00 9.03  ? 105 PHE A CB    1 
ATOM   837  C CG    . PHE A 1 104 ? -6.307  1.847   -7.270  1.00 8.03  ? 105 PHE A CG    1 
ATOM   838  C CD1   . PHE A 1 104 ? -5.896  1.690   -8.582  1.00 9.52  ? 105 PHE A CD1   1 
ATOM   839  C CD2   . PHE A 1 104 ? -5.325  2.242   -6.382  1.00 10.07 ? 105 PHE A CD2   1 
ATOM   840  C CE1   . PHE A 1 104 ? -4.611  1.939   -8.971  1.00 10.62 ? 105 PHE A CE1   1 
ATOM   841  C CE2   . PHE A 1 104 ? -4.016  2.478   -6.786  1.00 10.98 ? 105 PHE A CE2   1 
ATOM   842  C CZ    . PHE A 1 104 ? -3.653  2.331   -8.081  1.00 9.82  ? 105 PHE A CZ    1 
ATOM   843  N N     . ASP A 1 105 ? -11.161 2.314   -7.309  1.00 11.30 ? 106 ASP A N     1 
ATOM   844  C CA    . ASP A 1 105 ? -12.503 1.841   -6.977  1.00 12.17 ? 106 ASP A CA    1 
ATOM   845  C C     . ASP A 1 105 ? -12.637 1.347   -5.554  1.00 10.62 ? 106 ASP A C     1 
ATOM   846  O O     . ASP A 1 105 ? -13.345 0.366   -5.282  1.00 11.98 ? 106 ASP A O     1 
ATOM   847  C CB    . ASP A 1 105 ? -12.901 0.638   -7.828  1.00 13.70 ? 106 ASP A CB    1 
ATOM   848  C CG    . ASP A 1 105 ? -12.860 0.923   -9.296  1.00 15.34 ? 106 ASP A CG    1 
ATOM   849  O OD1   . ASP A 1 105 ? -13.178 2.059   -9.716  1.00 18.00 ? 106 ASP A OD1   1 
ATOM   850  O OD2   . ASP A 1 105 ? -12.517 -0.005  -10.058 1.00 15.40 ? 106 ASP A OD2   1 
ATOM   851  N N     . VAL A 1 106 ? -11.976 2.039   -4.639  1.00 7.82  ? 107 VAL A N     1 
ATOM   852  C CA    . VAL A 1 106 ? -11.974 1.522   -3.278  1.00 7.87  ? 107 VAL A CA    1 
ATOM   853  C C     . VAL A 1 106 ? -13.201 2.029   -2.554  1.00 8.47  ? 107 VAL A C     1 
ATOM   854  O O     . VAL A 1 106 ? -13.385 3.237   -2.376  1.00 11.24 ? 107 VAL A O     1 
ATOM   855  C CB    . VAL A 1 106 ? -10.721 1.989   -2.532  1.00 7.30  ? 107 VAL A CB    1 
ATOM   856  C CG1   . VAL A 1 106 ? -10.708 1.435   -1.121  1.00 6.03  ? 107 VAL A CG1   1 
ATOM   857  C CG2   . VAL A 1 106 ? -9.464  1.562   -3.254  1.00 8.07  ? 107 VAL A CG2   1 
ATOM   858  N N     . LYS A 1 107 ? -14.049 1.098   -2.145  1.00 6.54  ? 108 LYS A N     1 
ATOM   859  C CA    . LYS A 1 107 ? -15.281 1.484   -1.453  1.00 8.24  ? 108 LYS A CA    1 
ATOM   860  C C     . LYS A 1 107 ? -15.276 1.094   0.015   1.00 6.26  ? 108 LYS A C     1 
ATOM   861  O O     . LYS A 1 107 ? -16.031 1.627   0.825   1.00 6.83  ? 108 LYS A O     1 
ATOM   862  C CB    . LYS A 1 107 ? -16.529 0.903   -2.118  1.00 11.30 ? 108 LYS A CB    1 
ATOM   863  C CG    . LYS A 1 107 ? -16.583 1.140   -3.635  1.00 13.48 ? 108 LYS A CG    1 
ATOM   864  C CD    . LYS A 1 107 ? -16.958 2.571   -3.982  1.00 16.74 ? 108 LYS A CD    1 
ATOM   865  C CE    . LYS A 1 107 ? -17.163 2.755   -5.491  1.00 18.68 ? 108 LYS A CE    1 
ATOM   866  N NZ    . LYS A 1 107 ? -17.600 4.154   -5.763  1.00 21.42 ? 108 LYS A NZ    1 
ATOM   867  N N     . SER A 1 108 ? -14.416 0.149   0.366   1.00 4.47  ? 109 SER A N     1 
ATOM   868  C CA    . SER A 1 108 ? -14.256 -0.376  1.693   1.00 4.98  ? 109 SER A CA    1 
ATOM   869  C C     . SER A 1 108 ? -12.807 -0.621  2.058   1.00 4.40  ? 109 SER A C     1 
ATOM   870  O O     . SER A 1 108 ? -11.985 -0.713  1.154   1.00 3.75  ? 109 SER A O     1 
ATOM   871  C CB    . SER A 1 108 ? -15.072 -1.642  1.957   1.00 5.48  ? 109 SER A CB    1 
ATOM   872  O OG    . SER A 1 108 ? -14.577 -2.693  1.160   1.00 7.68  ? 109 SER A OG    1 
ATOM   873  N N     . ILE A 1 109 ? -12.487 -0.733  3.330   1.00 3.40  ? 110 ILE A N     1 
ATOM   874  C CA    . ILE A 1 109 ? -11.186 -1.069  3.882   1.00 3.00  ? 110 ILE A CA    1 
ATOM   875  C C     . ILE A 1 109 ? -11.345 -2.251  4.830   1.00 3.48  ? 110 ILE A C     1 
ATOM   876  O O     . ILE A 1 109 ? -12.398 -2.394  5.447   1.00 4.31  ? 110 ILE A O     1 
ATOM   877  C CB    . ILE A 1 109 ? -10.502 0.127   4.542   1.00 3.40  ? 110 ILE A CB    1 
ATOM   878  C CG1   . ILE A 1 109 ? -11.338 0.745   5.667   1.00 3.03  ? 110 ILE A CG1   1 
ATOM   879  C CG2   . ILE A 1 109 ? -10.162 1.173   3.474   1.00 3.81  ? 110 ILE A CG2   1 
ATOM   880  C CD1   . ILE A 1 109 ? -10.532 1.743   6.499   1.00 3.87  ? 110 ILE A CD1   1 
ATOM   881  N N     . PRO A 1 110 ? -10.331 -3.099  4.966   1.00 4.16  ? 111 PRO A N     1 
ATOM   882  C CA    . PRO A 1 110 ? -9.059  -2.993  4.240   1.00 4.24  ? 111 PRO A CA    1 
ATOM   883  C C     . PRO A 1 110 ? -9.140  -3.469  2.803   1.00 3.52  ? 111 PRO A C     1 
ATOM   884  O O     . PRO A 1 110 ? -9.859  -4.440  2.500   1.00 5.46  ? 111 PRO A O     1 
ATOM   885  C CB    . PRO A 1 110 ? -8.161  -3.973  4.995   1.00 4.74  ? 111 PRO A CB    1 
ATOM   886  C CG    . PRO A 1 110 ? -9.119  -4.985  5.563   1.00 4.93  ? 111 PRO A CG    1 
ATOM   887  C CD    . PRO A 1 110 ? -10.390 -4.247  5.892   1.00 4.81  ? 111 PRO A CD    1 
ATOM   888  N N     . THR A 1 111 ? -8.389  -2.780  1.938   1.00 3.53  ? 112 THR A N     1 
ATOM   889  C CA    . THR A 1 111 ? -8.302  -3.110  0.507   1.00 3.51  ? 112 THR A CA    1 
ATOM   890  C C     . THR A 1 111 ? -6.837  -3.014  0.111   1.00 3.58  ? 112 THR A C     1 
ATOM   891  O O     . THR A 1 111 ? -6.108  -2.120  0.529   1.00 3.97  ? 112 THR A O     1 
ATOM   892  C CB    . THR A 1 111 ? -9.132  -2.164  -0.410  1.00 4.37  ? 112 THR A CB    1 
ATOM   893  O OG1   . THR A 1 111 ? -10.533 -2.354  -0.184  1.00 7.10  ? 112 THR A OG1   1 
ATOM   894  C CG2   . THR A 1 111 ? -8.975  -2.459  -1.883  1.00 6.08  ? 112 THR A CG2   1 
ATOM   895  N N     . LEU A 1 112 ? -6.379  -3.935  -0.727  1.00 2.89  ? 113 LEU A N     1 
ATOM   896  C CA    . LEU A 1 112 ? -4.988  -4.030  -1.152  1.00 2.80  ? 113 LEU A CA    1 
ATOM   897  C C     . LEU A 1 112 ? -4.929  -4.261  -2.641  1.00 2.94  ? 113 LEU A C     1 
ATOM   898  O O     . LEU A 1 112 ? -5.364  -5.314  -3.136  1.00 4.53  ? 113 LEU A O     1 
ATOM   899  C CB    . LEU A 1 112 ? -4.301  -5.155  -0.365  1.00 3.07  ? 113 LEU A CB    1 
ATOM   900  C CG    . LEU A 1 112 ? -2.778  -5.228  -0.418  1.00 3.38  ? 113 LEU A CG    1 
ATOM   901  C CD1   . LEU A 1 112 ? -2.118  -4.042  0.190   1.00 3.19  ? 113 LEU A CD1   1 
ATOM   902  C CD2   . LEU A 1 112 ? -2.390  -6.512  0.325   1.00 4.54  ? 113 LEU A CD2   1 
ATOM   903  N N     . VAL A 1 113 ? -4.416  -3.281  -3.367  1.00 2.52  ? 114 VAL A N     1 
ATOM   904  C CA    . VAL A 1 113 ? -4.417  -3.283  -4.832  1.00 3.06  ? 114 VAL A CA    1 
ATOM   905  C C     . VAL A 1 113 ? -2.986  -3.292  -5.339  1.00 2.65  ? 114 VAL A C     1 
ATOM   906  O O     . VAL A 1 113 ? -2.191  -2.391  -5.031  1.00 3.28  ? 114 VAL A O     1 
ATOM   907  C CB    . VAL A 1 113 ? -5.153  -2.053  -5.380  1.00 4.42  ? 114 VAL A CB    1 
ATOM   908  C CG1   . VAL A 1 113 ? -5.086  -1.991  -6.896  1.00 4.95  ? 114 VAL A CG1   1 
ATOM   909  C CG2   . VAL A 1 113 ? -6.620  -2.091  -4.898  1.00 4.37  ? 114 VAL A CG2   1 
ATOM   910  N N     . GLY A 1 114 ? -2.621  -4.292  -6.119  1.00 2.99  ? 115 GLY A N     1 
ATOM   911  C CA    . GLY A 1 114 ? -1.297  -4.414  -6.677  1.00 3.19  ? 115 GLY A CA    1 
ATOM   912  C C     . GLY A 1 114 ? -1.236  -3.898  -8.082  1.00 3.27  ? 115 GLY A C     1 
ATOM   913  O O     . GLY A 1 114 ? -2.098  -4.188  -8.952  1.00 3.53  ? 115 GLY A O     1 
ATOM   914  N N     . VAL A 1 115 ? -0.198  -3.119  -8.335  1.00 2.71  ? 116 VAL A N     1 
ATOM   915  C CA    . VAL A 1 115 ? 0.075   -2.477  -9.609  1.00 3.57  ? 116 VAL A CA    1 
ATOM   916  C C     . VAL A 1 115 ? 1.500   -2.729  -10.067 1.00 3.72  ? 116 VAL A C     1 
ATOM   917  O O     . VAL A 1 115 ? 2.417   -2.792  -9.250  1.00 4.46  ? 116 VAL A O     1 
ATOM   918  C CB    . VAL A 1 115 ? -0.142  -0.976  -9.449  1.00 5.88  ? 116 VAL A CB    1 
ATOM   919  C CG1   . VAL A 1 115 ? 0.122   -0.251  -10.710 1.00 7.90  ? 116 VAL A CG1   1 
ATOM   920  C CG2   . VAL A 1 115 ? -1.540  -0.659  -8.894  1.00 5.83  ? 116 VAL A CG2   1 
ATOM   921  N N     . GLU A 1 116 ? 1.736   -2.912  -11.359 1.00 3.83  ? 117 GLU A N     1 
ATOM   922  C CA    . GLU A 1 116 ? 3.085   -3.024  -11.897 1.00 4.77  ? 117 GLU A CA    1 
ATOM   923  C C     . GLU A 1 116 ? 3.647   -1.606  -11.988 1.00 4.49  ? 117 GLU A C     1 
ATOM   924  O O     . GLU A 1 116 ? 3.113   -0.737  -12.675 1.00 3.96  ? 117 GLU A O     1 
ATOM   925  C CB    . GLU A 1 116 ? 3.049   -3.655  -13.298 1.00 5.66  ? 117 GLU A CB    1 
ATOM   926  C CG    . GLU A 1 116 ? 4.418   -3.864  -13.923 1.00 6.65  ? 117 GLU A CG    1 
ATOM   927  C CD    . GLU A 1 116 ? 4.461   -4.283  -15.369 1.00 9.17  ? 117 GLU A CD    1 
ATOM   928  O OE1   . GLU A 1 116 ? 3.456   -4.199  -16.077 1.00 10.30 ? 117 GLU A OE1   1 
ATOM   929  O OE2   . GLU A 1 116 ? 5.567   -4.690  -15.779 1.00 11.68 ? 117 GLU A OE2   1 
ATOM   930  N N     . ALA A 1 117 ? 4.763   -1.326  -11.317 1.00 4.08  ? 118 ALA A N     1 
ATOM   931  C CA    . ALA A 1 117 ? 5.342   0.018   -11.263 1.00 3.40  ? 118 ALA A CA    1 
ATOM   932  C C     . ALA A 1 117 ? 5.697   0.520   -12.655 1.00 4.55  ? 118 ALA A C     1 
ATOM   933  O O     . ALA A 1 117 ? 5.433   1.677   -12.925 1.00 5.46  ? 118 ALA A O     1 
ATOM   934  C CB    . ALA A 1 117 ? 6.566   0.047   -10.371 1.00 3.49  ? 118 ALA A CB    1 
ATOM   935  N N     . ASP A 1 118 ? 6.261   -0.315  -13.506 1.00 4.28  ? 119 ASP A N     1 
ATOM   936  C CA    . ASP A 1 118 ? 6.844   0.214   -14.741 1.00 5.15  ? 119 ASP A CA    1 
ATOM   937  C C     . ASP A 1 118 ? 5.767   0.580   -15.746 1.00 6.67  ? 119 ASP A C     1 
ATOM   938  O O     . ASP A 1 118 ? 5.969   1.510   -16.511 1.00 8.26  ? 119 ASP A O     1 
ATOM   939  C CB    . ASP A 1 118 ? 7.848   -0.776  -15.315 1.00 5.80  ? 119 ASP A CB    1 
ATOM   940  C CG    . ASP A 1 118 ? 9.122   -0.869  -14.500 1.00 5.26  ? 119 ASP A CG    1 
ATOM   941  O OD1   . ASP A 1 118 ? 9.305   -0.085  -13.551 1.00 6.52  ? 119 ASP A OD1   1 
ATOM   942  O OD2   . ASP A 1 118 ? 9.955   -1.740  -14.814 1.00 6.48  ? 119 ASP A OD2   1 
ATOM   943  N N     . SER A 1 119 ? 4.633   -0.113  -15.786 1.00 6.38  ? 120 SER A N     1 
ATOM   944  C CA    . SER A 1 119 ? 3.553   0.191   -16.719 1.00 5.90  ? 120 SER A CA    1 
ATOM   945  C C     . SER A 1 119 ? 2.451   1.002   -16.078 1.00 6.25  ? 120 SER A C     1 
ATOM   946  O O     . SER A 1 119 ? 1.737   1.731   -16.770 1.00 8.24  ? 120 SER A O     1 
ATOM   947  C CB    . SER A 1 119 ? 2.952   -1.101  -17.244 1.00 6.69  ? 120 SER A CB    1 
ATOM   948  O OG    . SER A 1 119 ? 2.346   -1.838  -16.182 1.00 5.72  ? 120 SER A OG    1 
ATOM   949  N N     . GLY A 1 120 ? 2.278   0.895   -14.769 1.00 5.56  ? 121 GLY A N     1 
ATOM   950  C CA    . GLY A 1 120 ? 1.145   1.468   -14.083 1.00 5.90  ? 121 GLY A CA    1 
ATOM   951  C C     . GLY A 1 120 ? -0.087  0.609   -14.214 1.00 5.48  ? 121 GLY A C     1 
ATOM   952  O O     . GLY A 1 120 ? -1.164  1.055   -13.835 1.00 6.98  ? 121 GLY A O     1 
ATOM   953  N N     . ASN A 1 121 ? 0.023   -0.595  -14.735 1.00 4.84  ? 122 ASN A N     1 
ATOM   954  C CA    . ASN A 1 121 ? -1.140  -1.447  -14.928 1.00 5.09  ? 122 ASN A CA    1 
ATOM   955  C C     . ASN A 1 121 ? -1.559  -2.084  -13.613 1.00 4.85  ? 122 ASN A C     1 
ATOM   956  O O     . ASN A 1 121 ? -0.737  -2.647  -12.850 1.00 4.94  ? 122 ASN A O     1 
ATOM   957  C CB    . ASN A 1 121 ? -0.901  -2.560  -15.931 1.00 5.44  ? 122 ASN A CB    1 
ATOM   958  C CG    . ASN A 1 121 ? -0.814  -2.089  -17.360 1.00 6.26  ? 122 ASN A CG    1 
ATOM   959  O OD1   . ASN A 1 121 ? -0.622  -0.912  -17.628 1.00 8.23  ? 122 ASN A OD1   1 
ATOM   960  N ND2   . ASN A 1 121 ? -0.970  -3.061  -18.269 1.00 8.20  ? 122 ASN A ND2   1 
ATOM   961  N N     . ILE A 1 122 ? -2.837  -2.029  -13.276 1.00 5.53  ? 123 ILE A N     1 
ATOM   962  C CA    . ILE A 1 122 ? -3.367  -2.759  -12.139 1.00 4.58  ? 123 ILE A CA    1 
ATOM   963  C C     . ILE A 1 122 ? -3.249  -4.244  -12.414 1.00 4.48  ? 123 ILE A C     1 
ATOM   964  O O     . ILE A 1 122 ? -3.676  -4.732  -13.478 1.00 5.28  ? 123 ILE A O     1 
ATOM   965  C CB    . ILE A 1 122 ? -4.829  -2.359  -11.861 1.00 6.44  ? 123 ILE A CB    1 
ATOM   966  C CG1   . ILE A 1 122 ? -4.908  -0.883  -11.463 1.00 7.90  ? 123 ILE A CG1   1 
ATOM   967  C CG2   . ILE A 1 122 ? -5.410  -3.288  -10.802 1.00 7.11  ? 123 ILE A CG2   1 
ATOM   968  C CD1   . ILE A 1 122 ? -6.318  -0.292  -11.664 1.00 9.47  ? 123 ILE A CD1   1 
ATOM   969  N N     . ILE A 1 123 ? -2.690  -5.036  -11.510 1.00 3.79  ? 124 ILE A N     1 
ATOM   970  C CA    . ILE A 1 123 ? -2.517  -6.471  -11.658 1.00 5.45  ? 124 ILE A CA    1 
ATOM   971  C C     . ILE A 1 123 ? -3.548  -7.233  -10.829 1.00 6.11  ? 124 ILE A C     1 
ATOM   972  O O     . ILE A 1 123 ? -4.117  -8.230  -11.265 1.00 6.01  ? 124 ILE A O     1 
ATOM   973  C CB    . ILE A 1 123 ? -1.115  -6.837  -11.138 1.00 8.12  ? 124 ILE A CB    1 
ATOM   974  C CG1   . ILE A 1 123 ? -0.007  -6.211  -12.002 1.00 9.26  ? 124 ILE A CG1   1 
ATOM   975  C CG2   . ILE A 1 123 ? -0.941  -8.359  -11.075 1.00 8.92  ? 124 ILE A CG2   1 
ATOM   976  C CD1   . ILE A 1 123 ? -0.186  -6.444  -13.461 1.00 10.19 ? 124 ILE A CD1   1 
ATOM   977  N N     . THR A 1 124 ? -3.811  -6.773  -9.617  1.00 4.93  ? 125 THR A N     1 
ATOM   978  C CA    . THR A 1 124 ? -4.698  -7.484  -8.690  1.00 6.16  ? 125 THR A CA    1 
ATOM   979  C C     . THR A 1 124 ? -5.468  -6.551  -7.832  1.00 4.93  ? 125 THR A C     1 
ATOM   980  O O     . THR A 1 124 ? -4.929  -5.583  -7.306  1.00 4.64  ? 125 THR A O     1 
ATOM   981  C CB    . THR A 1 124 ? -3.902  -8.531  -7.890  1.00 6.03  ? 125 THR A CB    1 
ATOM   982  O OG1   . THR A 1 124 ? -4.775  -9.316  -7.069  1.00 7.41  ? 125 THR A OG1   1 
ATOM   983  C CG2   . THR A 1 124 ? -2.880  -7.877  -6.988  1.00 6.39  ? 125 THR A CG2   1 
ATOM   984  N N     . THR A 1 125 ? -6.750  -6.821  -7.624  1.00 6.32  ? 126 THR A N     1 
ATOM   985  C CA    . THR A 1 125 ? -7.534  -6.080  -6.643  1.00 7.01  ? 126 THR A CA    1 
ATOM   986  C C     . THR A 1 125 ? -7.940  -6.946  -5.458  1.00 6.29  ? 126 THR A C     1 
ATOM   987  O O     . THR A 1 125 ? -8.622  -6.454  -4.554  1.00 7.87  ? 126 THR A O     1 
ATOM   988  C CB    . THR A 1 125 ? -8.860  -5.574  -7.204  1.00 7.68  ? 126 THR A CB    1 
ATOM   989  O OG1   . THR A 1 125 ? -9.668  -6.694  -7.592  1.00 9.92  ? 126 THR A OG1   1 
ATOM   990  C CG2   . THR A 1 125 ? -8.686  -4.679  -8.407  1.00 8.35  ? 126 THR A CG2   1 
ATOM   991  N N     . GLN A 1 126 ? -7.500  -8.199  -5.473  1.00 7.60  ? 127 GLN A N     1 
ATOM   992  C CA    . GLN A 1 126 ? -7.884  -9.189  -4.462  1.00 7.68  ? 127 GLN A CA    1 
ATOM   993  C C     . GLN A 1 126 ? -6.791  -9.553  -3.478  1.00 6.68  ? 127 GLN A C     1 
ATOM   994  O O     . GLN A 1 126 ? -6.849  -10.603 -2.834  1.00 6.30  ? 127 GLN A O     1 
ATOM   995  C CB    . GLN A 1 126 ? -8.302  -10.487 -5.183  1.00 9.46  ? 127 GLN A CB    1 
ATOM   996  C CG    . GLN A 1 126 ? -7.257  -11.217 -6.061  1.00 11.57 ? 127 GLN A CG    1 
ATOM   997  C CD    . GLN A 1 126 ? -7.724  -12.441 -6.850  1.00 12.07 ? 127 GLN A CD    1 
ATOM   998  O OE1   . GLN A 1 126 ? -8.602  -13.167 -6.419  1.00 12.62 ? 127 GLN A OE1   1 
ATOM   999  N NE2   . GLN A 1 126 ? -7.122  -12.655 -8.027  1.00 13.47 ? 127 GLN A NE2   1 
ATOM   1000 N N     . ALA A 1 127 ? -5.765  -8.718  -3.311  1.00 5.48  ? 128 ALA A N     1 
ATOM   1001 C CA    . ALA A 1 127 ? -4.648  -9.082  -2.503  1.00 4.91  ? 128 ALA A CA    1 
ATOM   1002 C C     . ALA A 1 127 ? -4.999  -9.146  -1.029  1.00 4.60  ? 128 ALA A C     1 
ATOM   1003 O O     . ALA A 1 127 ? -4.342  -9.868  -0.290  1.00 5.41  ? 128 ALA A O     1 
ATOM   1004 C CB    . ALA A 1 127 ? -3.481  -8.138  -2.792  1.00 4.63  ? 128 ALA A CB    1 
ATOM   1005 N N     . ARG A 1 128 ? -5.991  -8.400  -0.535  1.00 4.46  ? 129 ARG A N     1 
ATOM   1006 C CA    . ARG A 1 128 ? -6.378  -8.595  0.856   1.00 5.69  ? 129 ARG A CA    1 
ATOM   1007 C C     . ARG A 1 128 ? -6.775  -10.043 1.106   1.00 6.11  ? 129 ARG A C     1 
ATOM   1008 O O     . ARG A 1 128 ? -6.224  -10.722 2.010   1.00 8.52  ? 129 ARG A O     1 
ATOM   1009 C CB    . ARG A 1 128 ? -7.445  -7.608  1.304   1.00 6.78  ? 129 ARG A CB    1 
ATOM   1010 C CG    . ARG A 1 128 ? -7.820  -7.735  2.804   1.00 5.82  ? 129 ARG A CG    1 
ATOM   1011 C CD    . ARG A 1 128 ? -8.570  -9.042  3.209   1.00 7.76  ? 129 ARG A CD    1 
ATOM   1012 N NE    . ARG A 1 128 ? -9.178  -8.935  4.540   1.00 8.80  ? 129 ARG A NE    1 
ATOM   1013 C CZ    . ARG A 1 128 ? -10.301 -8.312  4.713   1.00 9.71  ? 129 ARG A CZ    1 
ATOM   1014 N NH1   . ARG A 1 128 ? -10.963 -7.752  3.724   1.00 10.78 ? 129 ARG A NH1   1 
ATOM   1015 N NH2   . ARG A 1 128 ? -10.764 -8.259  5.957   1.00 9.60  ? 129 ARG A NH2   1 
ATOM   1016 N N     . THR A 1 129 ? -7.690  -10.550 0.294   1.00 4.37  ? 130 THR A N     1 
ATOM   1017 C CA    . THR A 1 129 ? -8.088  -11.920 0.551   1.00 5.76  ? 130 THR A CA    1 
ATOM   1018 C C     . THR A 1 129 ? -6.970  -12.898 0.260   1.00 4.91  ? 130 THR A C     1 
ATOM   1019 O O     . THR A 1 129 ? -6.829  -13.884 0.991   1.00 6.08  ? 130 THR A O     1 
ATOM   1020 C CB    . THR A 1 129 ? -9.368  -12.370 -0.121  1.00 9.04  ? 130 THR A CB    1 
ATOM   1021 O OG1   . THR A 1 129 ? -9.565  -13.655 -0.712  1.00 12.15 ? 130 THR A OG1   1 
ATOM   1022 C CG2   . THR A 1 129 ? -10.439 -11.391 -0.251  1.00 4.10  ? 130 THR A CG2   1 
ATOM   1023 N N     . MET A 1 130 ? -6.171  -12.649 -0.781  1.00 4.81  ? 131 MET A N     1 
ATOM   1024 C CA    . MET A 1 130 ? -5.132  -13.629 -1.099  1.00 5.05  ? 131 MET A CA    1 
ATOM   1025 C C     . MET A 1 130 ? -3.952  -13.633 -0.158  1.00 4.36  ? 131 MET A C     1 
ATOM   1026 O O     . MET A 1 130 ? -3.327  -14.668 0.014   1.00 3.80  ? 131 MET A O     1 
ATOM   1027 C CB    . MET A 1 130 ? -4.726  -13.531 -2.559  1.00 5.18  ? 131 MET A CB    1 
ATOM   1028 C CG    . MET A 1 130 ? -5.866  -13.924 -3.462  1.00 5.41  ? 131 MET A CG    1 
ATOM   1029 S SD    . MET A 1 130 ? -6.777  -15.459 -3.114  1.00 7.68  ? 131 MET A SD    1 
ATOM   1030 C CE    . MET A 1 130 ? -5.465  -16.591 -3.275  1.00 8.05  ? 131 MET A CE    1 
ATOM   1031 N N     . VAL A 1 131 ? -3.614  -12.541 0.506   1.00 3.91  ? 132 VAL A N     1 
ATOM   1032 C CA    . VAL A 1 131 ? -2.628  -12.630 1.549   1.00 4.25  ? 132 VAL A CA    1 
ATOM   1033 C C     . VAL A 1 131 ? -3.126  -13.582 2.631   1.00 4.39  ? 132 VAL A C     1 
ATOM   1034 O O     . VAL A 1 131 ? -2.352  -14.343 3.202   1.00 5.74  ? 132 VAL A O     1 
ATOM   1035 C CB    . VAL A 1 131 ? -2.375  -11.226 2.132   1.00 4.52  ? 132 VAL A CB    1 
ATOM   1036 C CG1   . VAL A 1 131 ? -1.777  -11.217 3.494   1.00 5.35  ? 132 VAL A CG1   1 
ATOM   1037 C CG2   . VAL A 1 131 ? -1.474  -10.485 1.127   1.00 4.39  ? 132 VAL A CG2   1 
ATOM   1038 N N     . VAL A 1 132 ? -4.407  -13.582 2.967   1.00 4.99  ? 133 VAL A N     1 
ATOM   1039 C CA    . VAL A 1 132 ? -4.944  -14.487 3.980   1.00 5.33  ? 133 VAL A CA    1 
ATOM   1040 C C     . VAL A 1 132 ? -5.010  -15.916 3.463   1.00 5.64  ? 133 VAL A C     1 
ATOM   1041 O O     . VAL A 1 132 ? -4.648  -16.810 4.210   1.00 6.12  ? 133 VAL A O     1 
ATOM   1042 C CB    . VAL A 1 132 ? -6.345  -14.022 4.404   1.00 5.93  ? 133 VAL A CB    1 
ATOM   1043 C CG1   . VAL A 1 132 ? -6.908  -14.953 5.479   1.00 6.53  ? 133 VAL A CG1   1 
ATOM   1044 C CG2   . VAL A 1 132 ? -6.394  -12.597 4.991   1.00 6.11  ? 133 VAL A CG2   1 
ATOM   1045 N N     . LYS A 1 133 ? -5.443  -16.112 2.222   1.00 4.42  ? 134 LYS A N     1 
ATOM   1046 C CA    . LYS A 1 133 ? -5.618  -17.454 1.661   1.00 4.48  ? 134 LYS A CA    1 
ATOM   1047 C C     . LYS A 1 133 ? -4.332  -18.089 1.154   1.00 4.54  ? 134 LYS A C     1 
ATOM   1048 O O     . LYS A 1 133 ? -4.249  -19.316 1.023   1.00 6.07  ? 134 LYS A O     1 
ATOM   1049 C CB    . LYS A 1 133 ? -6.658  -17.462 0.571   1.00 5.10  ? 134 LYS A CB    1 
ATOM   1050 C CG    . LYS A 1 133 ? -8.063  -17.098 1.064   1.00 5.00  ? 134 LYS A CG    1 
ATOM   1051 C CD    . LYS A 1 133 ? -9.088  -17.187 -0.004  1.00 4.73  ? 134 LYS A CD    1 
ATOM   1052 C CE    . LYS A 1 133 ? -9.412  -18.592 -0.499  1.00 5.15  ? 134 LYS A CE    1 
ATOM   1053 N NZ    . LYS A 1 133 ? -10.647 -18.601 -1.301  1.00 7.07  ? 134 LYS A NZ    1 
ATOM   1054 N N     . ASP A 1 134 ? -3.318  -17.308 0.849   1.00 4.10  ? 135 ASP A N     1 
ATOM   1055 C CA    . ASP A 1 134 ? -2.058  -17.785 0.270   1.00 4.96  ? 135 ASP A CA    1 
ATOM   1056 C C     . ASP A 1 134 ? -0.893  -17.165 1.029   1.00 4.24  ? 135 ASP A C     1 
ATOM   1057 O O     . ASP A 1 134 ? -0.049  -16.435 0.471   1.00 5.18  ? 135 ASP A O     1 
ATOM   1058 C CB    . ASP A 1 134 ? -2.019  -17.421 -1.217  1.00 4.50  ? 135 ASP A CB    1 
ATOM   1059 C CG    . ASP A 1 134 ? -0.806  -17.982 -1.940  1.00 5.72  ? 135 ASP A CG    1 
ATOM   1060 O OD1   . ASP A 1 134 ? -0.218  -18.997 -1.471  1.00 6.08  ? 135 ASP A OD1   1 
ATOM   1061 O OD2   . ASP A 1 134 ? -0.469  -17.401 -2.993  1.00 6.37  ? 135 ASP A OD2   1 
ATOM   1062 N N     . PRO A 1 135 ? -0.778  -17.450 2.322   1.00 5.44  ? 136 PRO A N     1 
ATOM   1063 C CA    . PRO A 1 135 ? 0.250   -16.815 3.142   1.00 6.66  ? 136 PRO A CA    1 
ATOM   1064 C C     . PRO A 1 135 ? 1.705   -17.143 2.739   1.00 5.55  ? 136 PRO A C     1 
ATOM   1065 O O     . PRO A 1 135 ? 2.618   -16.399 3.078   1.00 7.72  ? 136 PRO A O     1 
ATOM   1066 C CB    . PRO A 1 135 ? -0.063  -17.325 4.559   1.00 8.47  ? 136 PRO A CB    1 
ATOM   1067 C CG    . PRO A 1 135 ? -0.770  -18.594 4.325   1.00 7.67  ? 136 PRO A CG    1 
ATOM   1068 C CD    . PRO A 1 135 ? -1.599  -18.393 3.124   1.00 6.88  ? 136 PRO A CD    1 
ATOM   1069 N N     . GLU A 1 136 ? 1.899   -18.244 2.016   1.00 6.01  ? 137 GLU A N     1 
ATOM   1070 C CA    . GLU A 1 136 ? 3.201   -18.646 1.469   1.00 7.11  ? 137 GLU A CA    1 
ATOM   1071 C C     . GLU A 1 136 ? 3.459   -18.109 0.063   1.00 6.95  ? 137 GLU A C     1 
ATOM   1072 O O     . GLU A 1 136 ? 4.495   -18.382 -0.535  1.00 6.62  ? 137 GLU A O     1 
ATOM   1073 C CB    . GLU A 1 136 ? 3.342   -20.178 1.520   1.00 10.04 ? 137 GLU A CB    1 
ATOM   1074 C CG    . GLU A 1 136 ? 3.402   -20.674 2.959   1.00 14.68 ? 137 GLU A CG    1 
ATOM   1075 C CD    . GLU A 1 136 ? 4.611   -20.110 3.674   1.00 18.09 ? 137 GLU A CD    1 
ATOM   1076 O OE1   . GLU A 1 136 ? 5.661   -20.068 3.014   1.00 22.80 ? 137 GLU A OE1   1 
ATOM   1077 O OE2   . GLU A 1 136 ? 4.572   -19.710 4.865   1.00 21.53 ? 137 GLU A OE2   1 
ATOM   1078 N N     . ALA A 1 137 ? 2.533   -17.325 -0.483  1.00 5.70  ? 138 ALA A N     1 
ATOM   1079 C CA    . ALA A 1 137 ? 2.723   -16.641 -1.757  1.00 5.62  ? 138 ALA A CA    1 
ATOM   1080 C C     . ALA A 1 137 ? 2.955   -17.576 -2.933  1.00 6.36  ? 138 ALA A C     1 
ATOM   1081 O O     . ALA A 1 137 ? 3.637   -17.211 -3.891  1.00 6.59  ? 138 ALA A O     1 
ATOM   1082 C CB    . ALA A 1 137 ? 3.807   -15.590 -1.644  1.00 5.53  ? 138 ALA A CB    1 
ATOM   1083 N N     . LYS A 1 138 ? 2.376   -18.768 -2.866  1.00 5.57  ? 139 LYS A N     1 
ATOM   1084 C CA    . LYS A 1 138 ? 2.492   -19.741 -3.967  1.00 5.86  ? 139 LYS A CA    1 
ATOM   1085 C C     . LYS A 1 138 ? 1.953   -19.240 -5.301  1.00 7.09  ? 139 LYS A C     1 
ATOM   1086 O O     . LYS A 1 138 ? 2.460   -19.554 -6.377  1.00 8.12  ? 139 LYS A O     1 
ATOM   1087 C CB    . LYS A 1 138 ? 1.833   -21.079 -3.610  1.00 6.73  ? 139 LYS A CB    1 
ATOM   1088 C CG    . LYS A 1 138 ? 2.388   -21.758 -2.380  1.00 6.71  ? 139 LYS A CG    1 
ATOM   1089 C CD    . LYS A 1 138 ? 1.561   -22.951 -1.963  1.00 7.39  ? 139 LYS A CD    1 
ATOM   1090 C CE    . LYS A 1 138 ? 2.242   -23.594 -0.772  1.00 7.58  ? 139 LYS A CE    1 
ATOM   1091 N NZ    . LYS A 1 138 ? 1.437   -24.727 -0.203  1.00 9.22  ? 139 LYS A NZ    1 
ATOM   1092 N N     . ASP A 1 139 ? 0.896   -18.426 -5.280  1.00 6.24  ? 140 ASP A N     1 
ATOM   1093 C CA    . ASP A 1 139 ? 0.219   -17.956 -6.474  1.00 6.84  ? 140 ASP A CA    1 
ATOM   1094 C C     . ASP A 1 139 ? 0.321   -16.463 -6.658  1.00 5.61  ? 140 ASP A C     1 
ATOM   1095 O O     . ASP A 1 139 ? -0.348  -15.856 -7.483  1.00 5.30  ? 140 ASP A O     1 
ATOM   1096 C CB    . ASP A 1 139 ? -1.263  -18.329 -6.406  1.00 8.62  ? 140 ASP A CB    1 
ATOM   1097 C CG    . ASP A 1 139 ? -1.526  -19.819 -6.488  1.00 11.37 ? 140 ASP A CG    1 
ATOM   1098 O OD1   . ASP A 1 139 ? -0.779  -20.519 -7.193  1.00 12.86 ? 140 ASP A OD1   1 
ATOM   1099 O OD2   . ASP A 1 139 ? -2.498  -20.295 -5.838  1.00 16.08 ? 140 ASP A OD2   1 
ATOM   1100 N N     . PHE A 1 140 ? 1.190   -15.863 -5.867  1.00 4.46  ? 141 PHE A N     1 
ATOM   1101 C CA    . PHE A 1 140 ? 1.471   -14.413 -5.980  1.00 5.70  ? 141 PHE A CA    1 
ATOM   1102 C C     . PHE A 1 140 ? 1.893   -14.096 -7.414  1.00 6.68  ? 141 PHE A C     1 
ATOM   1103 O O     . PHE A 1 140 ? 2.644   -14.902 -8.015  1.00 9.10  ? 141 PHE A O     1 
ATOM   1104 C CB    . PHE A 1 140 ? 2.680   -14.097 -5.095  1.00 6.49  ? 141 PHE A CB    1 
ATOM   1105 C CG    . PHE A 1 140 ? 3.130   -12.661 -5.183  1.00 5.84  ? 141 PHE A CG    1 
ATOM   1106 C CD1   . PHE A 1 140 ? 4.030   -12.237 -6.160  1.00 7.37  ? 141 PHE A CD1   1 
ATOM   1107 C CD2   . PHE A 1 140 ? 2.644   -11.731 -4.286  1.00 6.82  ? 141 PHE A CD2   1 
ATOM   1108 C CE1   . PHE A 1 140 ? 4.412   -10.901 -6.194  1.00 7.88  ? 141 PHE A CE1   1 
ATOM   1109 C CE2   . PHE A 1 140 ? 3.032   -10.406 -4.336  1.00 8.01  ? 141 PHE A CE2   1 
ATOM   1110 C CZ    . PHE A 1 140 ? 3.905   -10.004 -5.285  1.00 7.82  ? 141 PHE A CZ    1 
ATOM   1111 N N     . PRO A 1 141 ? 1.473   -12.975 -8.010  1.00 6.09  ? 142 PRO A N     1 
ATOM   1112 C CA    . PRO A 1 141 ? 0.671   -11.876 -7.440  1.00 6.26  ? 142 PRO A CA    1 
ATOM   1113 C C     . PRO A 1 141 ? -0.842  -11.947 -7.648  1.00 5.43  ? 142 PRO A C     1 
ATOM   1114 O O     . PRO A 1 141 ? -1.526  -10.933 -7.608  1.00 5.10  ? 142 PRO A O     1 
ATOM   1115 C CB    . PRO A 1 141 ? 1.171   -10.670 -8.233  1.00 7.94  ? 142 PRO A CB    1 
ATOM   1116 C CG    . PRO A 1 141 ? 1.816   -11.227 -9.410  1.00 8.66  ? 142 PRO A CG    1 
ATOM   1117 C CD    . PRO A 1 141 ? 1.813   -12.728 -9.427  1.00 8.12  ? 142 PRO A CD    1 
ATOM   1118 N N     . TRP A 1 142 ? -1.363  -13.138 -7.854  1.00 4.66  ? 143 TRP A N     1 
ATOM   1119 C CA    . TRP A 1 142 ? -2.797  -13.342 -7.918  1.00 5.42  ? 143 TRP A CA    1 
ATOM   1120 C C     . TRP A 1 142 ? -3.475  -12.460 -8.961  1.00 5.58  ? 143 TRP A C     1 
ATOM   1121 O O     . TRP A 1 142 ? -4.430  -11.744 -8.670  1.00 5.74  ? 143 TRP A O     1 
ATOM   1122 C CB    . TRP A 1 142 ? -3.410  -13.149 -6.541  1.00 5.57  ? 143 TRP A CB    1 
ATOM   1123 C CG    . TRP A 1 142 ? -2.651  -13.695 -5.399  1.00 4.51  ? 143 TRP A CG    1 
ATOM   1124 C CD1   . TRP A 1 142 ? -2.438  -15.019 -5.070  1.00 4.34  ? 143 TRP A CD1   1 
ATOM   1125 C CD2   . TRP A 1 142 ? -1.961  -12.931 -4.411  1.00 4.08  ? 143 TRP A CD2   1 
ATOM   1126 N NE1   . TRP A 1 142 ? -1.672  -15.084 -3.932  1.00 5.03  ? 143 TRP A NE1   1 
ATOM   1127 C CE2   . TRP A 1 142 ? -1.378  -13.820 -3.496  1.00 3.93  ? 143 TRP A CE2   1 
ATOM   1128 C CE3   . TRP A 1 142 ? -1.814  -11.562 -4.193  1.00 4.42  ? 143 TRP A CE3   1 
ATOM   1129 C CZ2   . TRP A 1 142 ? -0.654  -13.385 -2.385  1.00 4.34  ? 143 TRP A CZ2   1 
ATOM   1130 C CZ3   . TRP A 1 142 ? -1.115  -11.133 -3.116  1.00 5.50  ? 143 TRP A CZ3   1 
ATOM   1131 C CH2   . TRP A 1 142 ? -0.534  -12.023 -2.226  1.00 4.98  ? 143 TRP A CH2   1 
ATOM   1132 N N     . PRO A 1 143 ? -3.009  -12.512 -10.198 1.00 6.72  ? 144 PRO A N     1 
ATOM   1133 C CA    . PRO A 1 143 ? -3.577  -11.581 -11.172 1.00 7.22  ? 144 PRO A CA    1 
ATOM   1134 C C     . PRO A 1 143 ? -5.074  -11.818 -11.340 1.00 7.89  ? 144 PRO A C     1 
ATOM   1135 O O     . PRO A 1 143 ? -5.550  -12.953 -11.465 1.00 9.42  ? 144 PRO A O     1 
ATOM   1136 C CB    . PRO A 1 143 ? -2.857  -11.934 -12.463 1.00 7.57  ? 144 PRO A CB    1 
ATOM   1137 C CG    . PRO A 1 143 ? -2.390  -13.347 -12.256 1.00 7.62  ? 144 PRO A CG    1 
ATOM   1138 C CD    . PRO A 1 143 ? -1.996  -13.411 -10.776 1.00 7.41  ? 144 PRO A CD    1 
ATOM   1139 N N     . ASN A 1 144 ? -5.826  -10.729 -11.351 1.00 7.46  ? 145 ASN A N     1 
ATOM   1140 C CA    . ASN A 1 144 ? -7.242  -10.734 -11.732 1.00 9.57  ? 145 ASN A CA    1 
ATOM   1141 C C     . ASN A 1 144 ? -7.164  -10.926 -13.251 1.00 10.26 ? 145 ASN A C     1 
ATOM   1142 O O     . ASN A 1 144 ? -6.236  -10.789 -14.061 1.00 10.00 ? 145 ASN A O     1 
ATOM   1143 C CB    . ASN A 1 144 ? -7.908  -9.369  -11.494 1.00 9.72  ? 145 ASN A CB    1 
ATOM   1144 C CG    . ASN A 1 144 ? -8.246  -9.035  -10.040 1.00 10.55 ? 145 ASN A CG    1 
ATOM   1145 O OD1   . ASN A 1 144 ? -7.499  -9.218  -9.069  1.00 8.09  ? 145 ASN A OD1   1 
ATOM   1146 N ND2   . ASN A 1 144 ? -9.448  -8.464  -9.894  1.00 12.21 ? 145 ASN A ND2   1 
ATOM   1147 O OXT   . ASN A 1 144 ? -8.236  -11.271 -13.753 1.00 12.24 ? 145 ASN A OXT   1 
HETATM 1148 C C     . TRS B 2 .   ? -6.676  -14.414 -16.294 1.00 8.23  ? 301 TRS A C     1 
HETATM 1149 C C1    . TRS B 2 .   ? -5.627  -13.683 -15.450 1.00 8.33  ? 301 TRS A C1    1 
HETATM 1150 C C2    . TRS B 2 .   ? -7.984  -13.647 -16.330 1.00 9.51  ? 301 TRS A C2    1 
HETATM 1151 C C3    . TRS B 2 .   ? -6.236  -14.685 -17.721 1.00 8.74  ? 301 TRS A C3    1 
HETATM 1152 N N     . TRS B 2 .   ? -6.941  -15.692 -15.645 1.00 9.45  ? 301 TRS A N     1 
HETATM 1153 O O1    . TRS B 2 .   ? -5.370  -12.414 -16.042 1.00 9.07  ? 301 TRS A O1    1 
HETATM 1154 O O2    . TRS B 2 .   ? -8.631  -13.627 -15.078 1.00 10.12 ? 301 TRS A O2    1 
HETATM 1155 O O3    . TRS B 2 .   ? -5.185  -15.657 -17.796 1.00 9.48  ? 301 TRS A O3    1 
HETATM 1156 N N1    . TS5 C 3 .   ? -15.999 -7.286  6.259   1.00 10.83 ? 401 TS5 A N1    1 
HETATM 1157 C CA1   . TS5 C 3 .   ? -15.393 -6.410  5.230   1.00 10.18 ? 401 TS5 A CA1   1 
HETATM 1158 C C1    . TS5 C 3 .   ? -13.906 -6.631  5.163   1.00 10.14 ? 401 TS5 A C1    1 
HETATM 1159 O OE1   . TS5 C 3 .   ? -13.271 -6.273  4.145   1.00 12.30 ? 401 TS5 A OE1   1 
HETATM 1160 O OE2   . TS5 C 3 .   ? -13.335 -7.161  6.150   1.00 10.33 ? 401 TS5 A OE2   1 
HETATM 1161 C CB1   . TS5 C 3 .   ? -15.626 -4.916  5.464   1.00 9.43  ? 401 TS5 A CB1   1 
HETATM 1162 C CG1   . TS5 C 3 .   ? -14.829 -4.372  6.645   1.00 8.16  ? 401 TS5 A CG1   1 
HETATM 1163 C CD1   . TS5 C 3 .   ? -15.527 -3.115  7.081   1.00 7.50  ? 401 TS5 A CD1   1 
HETATM 1164 O O1    . TS5 C 3 .   ? -16.656 -3.084  7.742   1.00 9.29  ? 401 TS5 A O1    1 
HETATM 1165 N N2    . TS5 C 3 .   ? -14.955 -1.944  6.810   1.00 6.24  ? 401 TS5 A N2    1 
HETATM 1166 C CA2   . TS5 C 3 .   ? -15.581 -0.661  6.889   1.00 5.30  ? 401 TS5 A CA2   1 
HETATM 1167 C C2    . TS5 C 3 .   ? -15.591 0.143   5.610   1.00 6.42  ? 401 TS5 A C2    1 
HETATM 1168 O O2    . TS5 C 3 .   ? -14.524 0.201   4.797   1.00 8.94  ? 401 TS5 A O2    1 
HETATM 1169 C CB2   . TS5 C 3 .   ? -14.777 0.171   7.890   1.00 4.86  ? 401 TS5 A CB2   1 
HETATM 1170 S SG2   . TS5 C 3 .   ? -14.320 -0.669  9.428   1.00 7.81  ? 401 TS5 A SG2   1 
HETATM 1171 N N3    . TS5 C 3 .   ? -16.768 0.785   5.493   1.00 5.46  ? 401 TS5 A N3    1 
HETATM 1172 C CA3   . TS5 C 3 .   ? -16.897 1.786   4.453   1.00 7.37  ? 401 TS5 A CA3   1 
HETATM 1173 C C3    . TS5 C 3 .   ? -17.962 1.444   3.443   1.00 8.60  ? 401 TS5 A C3    1 
HETATM 1174 O O3    . TS5 C 3 .   ? -18.074 0.173   3.139   1.00 9.81  ? 401 TS5 A O3    1 
HETATM 1175 N "N1'" . TS5 C 3 .   ? -18.787 2.293   2.846   1.00 9.52  ? 401 TS5 A "N1'" 1 
HETATM 1176 C "C1'" . TS5 C 3 .   ? -19.421 1.949   1.597   1.00 13.19 ? 401 TS5 A "C1'" 1 
HETATM 1177 C "C2'" . TS5 C 3 .   ? -20.914 1.979   1.875   1.00 14.88 ? 401 TS5 A "C2'" 1 
HETATM 1178 N "N2'" . TS5 C 3 .   ? -23.149 1.733   0.798   1.00 18.43 ? 401 TS5 A "N2'" 1 
HETATM 1179 C "C3'" . TS5 C 3 .   ? -21.716 1.885   0.575   1.00 16.51 ? 401 TS5 A "C3'" 1 
HETATM 1180 C "C4'" . TS5 C 3 .   ? -23.947 1.615   -0.416  1.00 20.62 ? 401 TS5 A "C4'" 1 
HETATM 1181 C "C5'" . TS5 C 3 .   ? -25.425 1.983   -0.252  1.00 22.54 ? 401 TS5 A "C5'" 1 
HETATM 1182 C "C6'" . TS5 C 3 .   ? -26.200 2.028   -1.569  1.00 23.64 ? 401 TS5 A "C6'" 1 
HETATM 1183 C "C7'" . TS5 C 3 .   ? -27.695 1.772   -1.399  1.00 24.23 ? 401 TS5 A "C7'" 1 
HETATM 1184 N "N3'" . TS5 C 3 .   ? -28.512 1.870   -2.604  1.00 25.32 ? 401 TS5 A "N3'" 1 
HETATM 1185 O O     . HOH D 4 .   ? 0.124   -20.257 0.904   1.00 7.68  ? 402 HOH A O     1 
HETATM 1186 O O     . HOH D 4 .   ? 6.727   3.283   10.004  1.00 7.83  ? 403 HOH A O     1 
HETATM 1187 O O     . HOH D 4 .   ? -12.653 -4.099  2.462   1.00 8.03  ? 404 HOH A O     1 
HETATM 1188 O O     . HOH D 4 .   ? 12.709  -4.186  -9.068  1.00 5.88  ? 405 HOH A O     1 
HETATM 1189 O O     . HOH D 4 .   ? -2.913  -3.088  13.293  1.00 11.24 ? 406 HOH A O     1 
HETATM 1190 O O     . HOH D 4 .   ? 8.149   2.093   7.676   1.00 6.82  ? 407 HOH A O     1 
HETATM 1191 O O     . HOH D 4 .   ? -8.160  14.332  -5.442  1.00 11.04 ? 408 HOH A O     1 
HETATM 1192 O O     . HOH D 4 .   ? 7.488   -2.759  -12.478 1.00 4.66  ? 409 HOH A O     1 
HETATM 1193 O O     . HOH D 4 .   ? -9.578  -8.777  -1.315  1.00 11.38 ? 410 HOH A O     1 
HETATM 1194 O O     . HOH D 4 .   ? -13.422 -9.408  1.288   1.00 15.31 ? 411 HOH A O     1 
HETATM 1195 O O     . HOH D 4 .   ? -1.967  8.259   3.111   1.00 3.72  ? 412 HOH A O     1 
HETATM 1196 O O     . HOH D 4 .   ? 2.766   12.032  6.654   1.00 5.50  ? 413 HOH A O     1 
HETATM 1197 O O     . HOH D 4 .   ? 0.489   -14.608 9.296   1.00 24.28 ? 414 HOH A O     1 
HETATM 1198 O O     . HOH D 4 .   ? 9.124   2.564   -12.977 1.00 11.69 ? 415 HOH A O     1 
HETATM 1199 O O     . HOH D 4 .   ? 6.681   -8.457  -8.273  1.00 8.44  ? 416 HOH A O     1 
HETATM 1200 O O     . HOH D 4 .   ? -4.643  -19.603 4.803   1.00 7.25  ? 417 HOH A O     1 
HETATM 1201 O O     . HOH D 4 .   ? 8.074   1.713   11.699  1.00 21.25 ? 418 HOH A O     1 
HETATM 1202 O O     . HOH D 4 .   ? 14.441  6.575   -3.169  1.00 16.16 ? 419 HOH A O     1 
HETATM 1203 O O     . HOH D 4 .   ? -7.461  16.099  -7.676  1.00 14.68 ? 420 HOH A O     1 
HETATM 1204 O O     . HOH D 4 .   ? -12.707 -6.315  13.521  1.00 21.06 ? 421 HOH A O     1 
HETATM 1205 O O     . HOH D 4 .   ? 11.421  3.443   -14.501 1.00 15.37 ? 422 HOH A O     1 
HETATM 1206 O O     . HOH D 4 .   ? -9.643  -8.417  8.923   1.00 10.99 ? 423 HOH A O     1 
HETATM 1207 O O     . HOH D 4 .   ? -2.485  10.900  2.346   1.00 3.62  ? 424 HOH A O     1 
HETATM 1208 O O     . HOH D 4 .   ? -1.858  17.324  -1.557  1.00 9.90  ? 425 HOH A O     1 
HETATM 1209 O O     . HOH D 4 .   ? -0.292  12.372  -4.814  1.00 4.91  ? 426 HOH A O     1 
HETATM 1210 O O     . HOH D 4 .   ? 10.877  -6.833  -12.570 1.00 14.84 ? 427 HOH A O     1 
HETATM 1211 O O     . HOH D 4 .   ? 4.578   7.617   11.868  1.00 8.78  ? 428 HOH A O     1 
HETATM 1212 O O     . HOH D 4 .   ? -4.198  17.440  0.122   1.00 9.93  ? 429 HOH A O     1 
HETATM 1213 O O     . HOH D 4 .   ? -5.700  -20.999 2.584   1.00 7.27  ? 430 HOH A O     1 
HETATM 1214 O O     . HOH D 4 .   ? -11.617 -11.385 2.221   1.00 9.18  ? 431 HOH A O     1 
HETATM 1215 O O     . HOH D 4 .   ? 6.635   5.919   10.959  1.00 7.54  ? 432 HOH A O     1 
HETATM 1216 O O     . HOH D 4 .   ? -4.402  -20.672 -1.400  1.00 8.46  ? 433 HOH A O     1 
HETATM 1217 O O     . HOH D 4 .   ? -12.847 -17.953 0.231   1.00 5.10  ? 434 HOH A O     1 
HETATM 1218 O O     . HOH D 4 .   ? -10.522 -11.778 -12.383 1.00 8.54  ? 435 HOH A O     1 
HETATM 1219 O O     . HOH D 4 .   ? -1.914  10.184  -5.026  1.00 8.06  ? 436 HOH A O     1 
HETATM 1220 O O     . HOH D 4 .   ? 11.393  -12.080 0.979   1.00 9.71  ? 437 HOH A O     1 
HETATM 1221 O O     . HOH D 4 .   ? -4.319  17.168  6.659   1.00 14.90 ? 438 HOH A O     1 
HETATM 1222 O O     . HOH D 4 .   ? 2.532   3.345   17.236  1.00 14.46 ? 439 HOH A O     1 
HETATM 1223 O O     . HOH D 4 .   ? -11.300 -14.189 -15.030 1.00 9.90  ? 440 HOH A O     1 
HETATM 1224 O O     . HOH D 4 .   ? -11.357 -5.291  -0.598  1.00 14.30 ? 441 HOH A O     1 
HETATM 1225 O O     . HOH D 4 .   ? -8.641  -21.952 -1.291  1.00 8.62  ? 442 HOH A O     1 
HETATM 1226 O O     . HOH D 4 .   ? -11.126 -9.156  -3.593  1.00 20.58 ? 443 HOH A O     1 
HETATM 1227 O O     . HOH D 4 .   ? -7.829  -6.272  -1.731  1.00 4.89  ? 444 HOH A O     1 
HETATM 1228 O O     . HOH D 4 .   ? -10.033 14.087  2.010   1.00 16.44 ? 445 HOH A O     1 
HETATM 1229 O O     . HOH D 4 .   ? 0.575   -13.418 6.733   1.00 11.80 ? 446 HOH A O     1 
HETATM 1230 O O     . HOH D 4 .   ? -3.849  18.357  4.147   1.00 12.85 ? 447 HOH A O     1 
HETATM 1231 O O     . HOH D 4 .   ? 8.367   -7.598  -10.192 1.00 16.36 ? 448 HOH A O     1 
HETATM 1232 O O     . HOH D 4 .   ? 10.726  1.186   8.352   1.00 17.96 ? 449 HOH A O     1 
HETATM 1233 O O     . HOH D 4 .   ? -7.996  6.729   12.117  1.00 7.37  ? 450 HOH A O     1 
HETATM 1234 O O     . HOH D 4 .   ? -8.373  9.022   -9.883  1.00 10.18 ? 451 HOH A O     1 
HETATM 1235 O O     . HOH D 4 .   ? -1.874  -14.184 5.955   1.00 10.42 ? 452 HOH A O     1 
HETATM 1236 O O     . HOH D 4 .   ? -0.429  -4.613  13.767  1.00 23.03 ? 453 HOH A O     1 
HETATM 1237 O O     . HOH D 4 .   ? -9.735  -13.576 -3.960  1.00 15.26 ? 454 HOH A O     1 
HETATM 1238 O O     . HOH D 4 .   ? -11.258 -21.216 -1.704  1.00 15.86 ? 455 HOH A O     1 
HETATM 1239 O O     . HOH D 4 .   ? -2.609  0.791   19.607  1.00 31.91 ? 456 HOH A O     1 
HETATM 1240 O O     . HOH D 4 .   ? 13.054  5.863   10.226  1.00 32.55 ? 457 HOH A O     1 
HETATM 1241 O O     . HOH D 4 .   ? 10.534  1.391   -17.651 1.00 19.44 ? 458 HOH A O     1 
HETATM 1242 O O     . HOH D 4 .   ? 12.300  5.048   -12.514 1.00 18.69 ? 459 HOH A O     1 
HETATM 1243 O O     . HOH D 4 .   ? -0.644  -2.352  -21.148 1.00 13.94 ? 460 HOH A O     1 
HETATM 1244 O O     . HOH D 4 .   ? 6.742   -19.953 -0.532  1.00 28.76 ? 461 HOH A O     1 
HETATM 1245 O O     . HOH D 4 .   ? 11.147  -0.432  1.655   1.00 14.39 ? 462 HOH A O     1 
HETATM 1246 O O     . HOH D 4 .   ? 9.910   10.660  -6.775  1.00 12.74 ? 463 HOH A O     1 
HETATM 1247 O O     . HOH D 4 .   ? 8.218   3.018   -16.902 1.00 21.94 ? 464 HOH A O     1 
HETATM 1248 O O     . HOH D 4 .   ? 13.282  12.811  -4.360  1.00 16.76 ? 465 HOH A O     1 
HETATM 1249 O O     . HOH D 4 .   ? -8.761  15.848  0.123   1.00 15.89 ? 466 HOH A O     1 
HETATM 1250 O O     . HOH D 4 .   ? 2.737   -14.632 5.283   1.00 10.49 ? 467 HOH A O     1 
HETATM 1251 O O     . HOH D 4 .   ? -2.503  3.064   15.856  1.00 13.20 ? 468 HOH A O     1 
HETATM 1252 O O     . HOH D 4 .   ? -9.468  11.595  -9.820  1.00 15.28 ? 469 HOH A O     1 
HETATM 1253 O O     . HOH D 4 .   ? -4.864  -16.753 -13.933 1.00 20.28 ? 470 HOH A O     1 
HETATM 1254 O O     . HOH D 4 .   ? -18.986 4.525   -1.332  1.00 18.34 ? 471 HOH A O     1 
HETATM 1255 O O     . HOH D 4 .   ? -11.457 -7.052  15.428  1.00 24.73 ? 472 HOH A O     1 
HETATM 1256 O O     . HOH D 4 .   ? 7.679   -4.977  -14.054 1.00 10.56 ? 473 HOH A O     1 
HETATM 1257 O O     . HOH D 4 .   ? -3.025  -16.444 6.875   1.00 26.37 ? 474 HOH A O     1 
HETATM 1258 O O     . HOH D 4 .   ? 0.695   12.737  10.692  1.00 11.34 ? 475 HOH A O     1 
HETATM 1259 O O     . HOH D 4 .   ? 2.132   19.011  -4.722  1.00 25.70 ? 476 HOH A O     1 
HETATM 1260 O O     . HOH D 4 .   ? 13.243  -7.367  -4.264  1.00 16.67 ? 477 HOH A O     1 
HETATM 1261 O O     . HOH D 4 .   ? 5.999   14.240  -1.039  1.00 17.67 ? 478 HOH A O     1 
HETATM 1262 O O     . HOH D 4 .   ? -9.809  -14.223 -11.593 1.00 23.33 ? 479 HOH A O     1 
HETATM 1263 O O     . HOH D 4 .   ? 7.414   -13.300 8.310   1.00 18.66 ? 480 HOH A O     1 
HETATM 1264 O O     . HOH D 4 .   ? -15.211 -7.381  8.776   1.00 21.37 ? 481 HOH A O     1 
HETATM 1265 O O     . HOH D 4 .   ? -3.914  5.329   15.202  1.00 12.46 ? 482 HOH A O     1 
HETATM 1266 O O     . HOH D 4 .   ? -6.362  7.572   -11.416 1.00 17.41 ? 483 HOH A O     1 
HETATM 1267 O O     . HOH D 4 .   ? 3.224   15.043  0.082   1.00 14.46 ? 484 HOH A O     1 
HETATM 1268 O O     . HOH D 4 .   ? 2.025   18.465  -7.463  1.00 16.12 ? 485 HOH A O     1 
HETATM 1269 O O     . HOH D 4 .   ? 7.580   -11.737 -8.074  1.00 22.02 ? 486 HOH A O     1 
HETATM 1270 O O     . HOH D 4 .   ? -18.984 -1.060  0.727   1.00 19.74 ? 487 HOH A O     1 
HETATM 1271 O O     . HOH D 4 .   ? -4.865  -18.948 -6.067  1.00 17.61 ? 488 HOH A O     1 
HETATM 1272 O O     . HOH D 4 .   ? -0.798  19.485  1.933   1.00 19.88 ? 489 HOH A O     1 
HETATM 1273 O O     . HOH D 4 .   ? -3.612  1.419   -14.986 1.00 14.66 ? 490 HOH A O     1 
HETATM 1274 O O     . HOH D 4 .   ? 3.043   -25.807 1.625   1.00 15.45 ? 491 HOH A O     1 
HETATM 1275 O O     . HOH D 4 .   ? -1.303  1.596   -17.447 1.00 17.01 ? 492 HOH A O     1 
HETATM 1276 O O     . HOH D 4 .   ? -1.058  -17.030 -9.929  1.00 13.54 ? 493 HOH A O     1 
HETATM 1277 O O     . HOH D 4 .   ? -14.829 5.251   -1.450  1.00 17.29 ? 494 HOH A O     1 
HETATM 1278 O O     . HOH D 4 .   ? -6.960  -19.970 -2.294  1.00 13.88 ? 495 HOH A O     1 
HETATM 1279 O O     . HOH D 4 .   ? -10.346 -2.454  -6.599  1.00 15.45 ? 496 HOH A O     1 
HETATM 1280 O O     . HOH D 4 .   ? -4.914  16.089  11.322  1.00 16.06 ? 497 HOH A O     1 
HETATM 1281 O O     . HOH D 4 .   ? 11.436  -16.140 3.563   1.00 43.62 ? 498 HOH A O     1 
HETATM 1282 O O     . HOH D 4 .   ? 10.734  -0.411  -2.595  1.00 10.30 ? 499 HOH A O     1 
HETATM 1283 O O     . HOH D 4 .   ? 3.413   -4.659  -18.790 1.00 17.38 ? 500 HOH A O     1 
HETATM 1284 O O     . HOH D 4 .   ? -12.968 2.781   15.982  1.00 13.62 ? 501 HOH A O     1 
HETATM 1285 O O     . HOH D 4 .   ? -11.041 -7.695  0.818   1.00 12.26 ? 502 HOH A O     1 
HETATM 1286 O O     . HOH D 4 .   ? 16.002  10.451  8.001   1.00 35.15 ? 503 HOH A O     1 
HETATM 1287 O O     . HOH D 4 .   ? -14.140 -5.741  -0.511  1.00 16.20 ? 504 HOH A O     1 
HETATM 1288 O O     . HOH D 4 .   ? -10.449 15.189  -4.162  1.00 19.52 ? 505 HOH A O     1 
HETATM 1289 O O     . HOH D 4 .   ? -2.692  -11.953 -16.512 1.00 12.47 ? 506 HOH A O     1 
HETATM 1290 O O     . HOH D 4 .   ? -4.055  -8.963  -13.978 1.00 8.01  ? 507 HOH A O     1 
HETATM 1291 O O     . HOH D 4 .   ? 13.906  10.954  -8.165  1.00 16.11 ? 508 HOH A O     1 
HETATM 1292 O O     . HOH D 4 .   ? -3.640  -16.934 -9.896  1.00 23.46 ? 509 HOH A O     1 
HETATM 1293 O O     . HOH D 4 .   ? -4.811  -16.483 -7.194  1.00 17.35 ? 510 HOH A O     1 
HETATM 1294 O O     . HOH D 4 .   ? 12.081  12.300  -6.896  1.00 14.02 ? 511 HOH A O     1 
HETATM 1295 O O     . HOH D 4 .   ? 9.237   -15.607 -0.624  1.00 23.57 ? 512 HOH A O     1 
HETATM 1296 O O     . HOH D 4 .   ? 8.556   3.496   -10.401 1.00 12.43 ? 513 HOH A O     1 
HETATM 1297 O O     . HOH D 4 .   ? 4.107   -6.462  -11.494 1.00 14.12 ? 514 HOH A O     1 
HETATM 1298 O O     . HOH D 4 .   ? 9.908   -2.921  -17.241 1.00 19.29 ? 515 HOH A O     1 
HETATM 1299 O O     . HOH D 4 .   ? 2.079   -26.717 -2.300  1.00 18.83 ? 516 HOH A O     1 
HETATM 1300 O O     . HOH D 4 .   ? -13.038 -1.798  -2.057  1.00 16.79 ? 517 HOH A O     1 
HETATM 1301 O O     . HOH D 4 .   ? -12.287 9.755   -3.325  1.00 14.91 ? 518 HOH A O     1 
HETATM 1302 O O     . HOH D 4 .   ? -21.134 5.699   0.232   1.00 19.62 ? 519 HOH A O     1 
HETATM 1303 O O     . HOH D 4 .   ? -3.532  -22.802 -5.457  1.00 19.27 ? 520 HOH A O     1 
HETATM 1304 O O     . HOH D 4 .   ? -7.931  3.644   -12.747 1.00 21.83 ? 521 HOH A O     1 
HETATM 1305 O O     . HOH D 4 .   ? -11.767 11.694  -11.017 1.00 20.71 ? 522 HOH A O     1 
HETATM 1306 O O     . HOH D 4 .   ? -2.962  17.821  9.930   1.00 17.83 ? 523 HOH A O     1 
HETATM 1307 O O     . HOH D 4 .   ? 8.958   18.082  -6.301  1.00 24.84 ? 524 HOH A O     1 
HETATM 1308 O O     . HOH D 4 .   ? -2.714  -15.259 -19.069 1.00 17.27 ? 525 HOH A O     1 
HETATM 1309 O O     . HOH D 4 .   ? -7.675  -14.734 -10.177 1.00 24.36 ? 526 HOH A O     1 
HETATM 1310 O O     . HOH D 4 .   ? -15.374 2.686   -8.350  1.00 35.85 ? 527 HOH A O     1 
HETATM 1311 O O     . HOH D 4 .   ? -6.842  16.751  7.370   1.00 29.12 ? 528 HOH A O     1 
HETATM 1312 O O     . HOH D 4 .   ? 15.879  11.452  -1.831  1.00 20.24 ? 529 HOH A O     1 
HETATM 1313 O O     . HOH D 4 .   ? 0.334   14.776  9.043   1.00 10.63 ? 530 HOH A O     1 
HETATM 1314 O O     . HOH D 4 .   ? 4.290   -3.464  14.426  1.00 23.26 ? 531 HOH A O     1 
HETATM 1315 O O     . HOH D 4 .   ? -5.569  -9.839  13.620  1.00 20.81 ? 532 HOH A O     1 
HETATM 1316 O O     . HOH D 4 .   ? -8.214  6.268   -13.025 1.00 20.51 ? 533 HOH A O     1 
HETATM 1317 O O     . HOH D 4 .   ? 13.721  5.283   6.669   1.00 22.66 ? 534 HOH A O     1 
HETATM 1318 O O     . HOH D 4 .   ? 1.803   14.172  12.941  1.00 18.33 ? 535 HOH A O     1 
HETATM 1319 O O     . HOH D 4 .   ? -10.094 7.770   -11.577 1.00 14.60 ? 536 HOH A O     1 
HETATM 1320 O O     . HOH D 4 .   ? -12.304 9.513   -12.089 1.00 19.71 ? 537 HOH A O     1 
HETATM 1321 O O     . HOH D 4 .   ? 0.676   -10.577 -13.748 1.00 14.53 ? 538 HOH A O     1 
HETATM 1322 O O     . HOH D 4 .   ? -0.873  18.140  11.610  1.00 17.39 ? 539 HOH A O     1 
HETATM 1323 O O     . HOH D 4 .   ? -7.819  -10.559 15.014  1.00 16.53 ? 540 HOH A O     1 
HETATM 1324 O O     . HOH D 4 .   ? 2.706   -8.953  -12.657 1.00 16.03 ? 541 HOH A O     1 
HETATM 1325 O O     . HOH D 4 .   ? -4.045  0.730   15.793  1.00 20.74 ? 542 HOH A O     1 
HETATM 1326 O O     . HOH D 4 .   ? -4.411  8.353   -13.226 1.00 18.16 ? 543 HOH A O     1 
HETATM 1327 O O     . HOH D 4 .   ? 8.284   11.576  -8.759  1.00 22.87 ? 544 HOH A O     1 
HETATM 1328 O O     . HOH D 4 .   ? 10.127  -3.835  -0.434  1.00 19.87 ? 545 HOH A O     1 
HETATM 1329 O O     . HOH D 4 .   ? 13.560  -0.942  -7.626  1.00 13.66 ? 546 HOH A O     1 
HETATM 1330 O O     . HOH D 4 .   ? 11.272  -1.231  8.088   1.00 30.22 ? 547 HOH A O     1 
HETATM 1331 O O     . HOH D 4 .   ? 9.337   11.960  10.883  1.00 19.62 ? 548 HOH A O     1 
HETATM 1332 O O     . HOH D 4 .   ? -3.885  6.709   17.657  1.00 31.06 ? 549 HOH A O     1 
HETATM 1333 O O     . HOH D 4 .   ? 11.314  -4.913  2.147   1.00 20.98 ? 550 HOH A O     1 
HETATM 1334 O O     . HOH D 4 .   ? 8.335   5.540   13.092  1.00 17.21 ? 551 HOH A O     1 
HETATM 1335 O O     . HOH D 4 .   ? 4.269   5.326   17.937  1.00 19.63 ? 552 HOH A O     1 
HETATM 1336 O O     . HOH D 4 .   ? -1.409  -14.293 -16.158 1.00 18.16 ? 553 HOH A O     1 
HETATM 1337 O O     . HOH D 4 .   ? -8.339  12.568  7.018   1.00 22.19 ? 554 HOH A O     1 
HETATM 1338 O O     . HOH D 4 .   ? 10.643  -16.178 -5.386  1.00 28.91 ? 555 HOH A O     1 
HETATM 1339 O O     . HOH D 4 .   ? -5.082  16.877  14.060  1.00 24.33 ? 556 HOH A O     1 
HETATM 1340 O O     . HOH D 4 .   ? -9.628  12.756  -7.159  1.00 16.88 ? 557 HOH A O     1 
HETATM 1341 O O     . HOH D 4 .   ? -12.023 4.083   -11.069 1.00 18.14 ? 558 HOH A O     1 
HETATM 1342 O O     . HOH D 4 .   ? 11.438  -5.638  -2.576  1.00 21.59 ? 559 HOH A O     1 
HETATM 1343 O O     . HOH D 4 .   ? 3.746   -22.956 2.276   1.00 24.50 ? 560 HOH A O     1 
HETATM 1344 O O     . HOH D 4 .   ? 0.440   3.613   19.369  1.00 24.49 ? 561 HOH A O     1 
HETATM 1345 O O     . HOH D 4 .   ? 12.312  2.193   0.603   1.00 19.82 ? 562 HOH A O     1 
HETATM 1346 O O     . HOH D 4 .   ? 11.104  -9.294  2.788   1.00 14.62 ? 563 HOH A O     1 
HETATM 1347 O O     . HOH D 4 .   ? -13.871 12.138  -8.555  1.00 26.60 ? 564 HOH A O     1 
HETATM 1348 O O     . HOH D 4 .   ? -18.276 5.042   3.675   1.00 9.33  ? 565 HOH A O     1 
HETATM 1349 O O     . HOH D 4 .   ? -16.763 4.089   0.180   1.00 11.02 ? 566 HOH A O     1 
HETATM 1350 O O     . HOH D 4 .   ? 14.401  -0.332  -4.260  1.00 14.40 ? 567 HOH A O     1 
HETATM 1351 O O     . HOH D 4 .   ? -2.005  -20.908 -2.665  1.00 17.00 ? 568 HOH A O     1 
HETATM 1352 O O     . HOH D 4 .   ? 15.013  6.417   -5.856  1.00 17.16 ? 569 HOH A O     1 
HETATM 1353 O O     . HOH D 4 .   ? -12.823 6.612   16.088  1.00 20.24 ? 570 HOH A O     1 
HETATM 1354 O O     . HOH D 4 .   ? 14.800  6.493   4.321   1.00 20.97 ? 571 HOH A O     1 
HETATM 1355 O O     . HOH D 4 .   ? 15.414  8.951   -7.117  1.00 20.16 ? 572 HOH A O     1 
HETATM 1356 O O     . HOH D 4 .   ? -4.296  -15.550 9.707   1.00 22.84 ? 573 HOH A O     1 
HETATM 1357 O O     . HOH D 4 .   ? 5.741   -10.667 -9.589  1.00 25.27 ? 574 HOH A O     1 
HETATM 1358 O O     . HOH D 4 .   ? -11.625 -2.592  -4.333  1.00 23.15 ? 575 HOH A O     1 
HETATM 1359 O O     . HOH D 4 .   ? -8.738  6.773   14.869  1.00 19.02 ? 576 HOH A O     1 
HETATM 1360 O O     . HOH D 4 .   ? -2.505  -16.417 -14.356 1.00 24.67 ? 577 HOH A O     1 
HETATM 1361 O O     . HOH D 4 .   ? 10.954  6.873   -13.152 1.00 29.14 ? 578 HOH A O     1 
HETATM 1362 O O     . HOH D 4 .   ? -8.761  -16.174 -13.299 1.00 21.38 ? 579 HOH A O     1 
HETATM 1363 O O     . HOH D 4 .   ? -11.049 -5.413  -3.464  1.00 15.79 ? 580 HOH A O     1 
HETATM 1364 O O     . HOH D 4 .   ? -1.686  3.348   18.596  1.00 21.94 ? 581 HOH A O     1 
HETATM 1365 O O     . HOH D 4 .   ? -4.579  -5.656  15.167  1.00 24.05 ? 582 HOH A O     1 
HETATM 1366 O O     . HOH D 4 .   ? -11.033 13.506  9.515   1.00 25.24 ? 583 HOH A O     1 
HETATM 1367 O O     . HOH D 4 .   ? -9.137  -10.849 6.550   1.00 13.00 ? 584 HOH A O     1 
HETATM 1368 O O     . HOH D 4 .   ? -9.659  15.087  13.131  1.00 27.19 ? 585 HOH A O     1 
HETATM 1369 O O     . HOH D 4 .   ? -5.179  -15.428 -11.556 1.00 20.75 ? 586 HOH A O     1 
HETATM 1370 O O     . HOH D 4 .   ? 2.691   -8.969  12.478  1.00 15.98 ? 587 HOH A O     1 
HETATM 1371 O O     . HOH D 4 .   ? -11.984 11.748  -6.377  1.00 20.58 ? 588 HOH A O     1 
HETATM 1372 O O     . HOH D 4 .   ? -1.951  20.204  4.412   1.00 30.83 ? 589 HOH A O     1 
HETATM 1373 O O     . HOH D 4 .   ? 2.174   4.871   -16.555 1.00 27.14 ? 590 HOH A O     1 
HETATM 1374 O O     . HOH D 4 .   ? 8.383   2.942   14.052  1.00 22.30 ? 591 HOH A O     1 
HETATM 1375 O O     . HOH D 4 .   ? 15.720  4.359   2.984   1.00 23.86 ? 592 HOH A O     1 
HETATM 1376 O O     . HOH D 4 .   ? 17.145  6.360   1.891   1.00 23.19 ? 593 HOH A O     1 
HETATM 1377 O O     . HOH D 4 .   ? 7.970   11.808  17.714  1.00 34.04 ? 594 HOH A O     1 
HETATM 1378 O O     . HOH D 4 .   ? 2.392   7.348   -15.251 1.00 16.93 ? 595 HOH A O     1 
HETATM 1379 O O     . HOH D 4 .   ? 6.692   -7.030  -12.308 1.00 20.26 ? 596 HOH A O     1 
HETATM 1380 O O     . HOH D 4 .   ? -15.238 -3.415  -1.526  1.00 17.93 ? 597 HOH A O     1 
HETATM 1381 O O     . HOH D 4 .   ? 5.424   12.048  -7.884  1.00 21.73 ? 598 HOH A O     1 
HETATM 1382 O O     . HOH D 4 .   ? 10.305  9.473   -11.104 1.00 31.73 ? 599 HOH A O     1 
HETATM 1383 O O     . HOH D 4 .   ? -5.690  2.865   -13.867 1.00 24.75 ? 600 HOH A O     1 
HETATM 1384 O O     . HOH D 4 .   ? 4.299   -21.518 -6.788  1.00 26.13 ? 601 HOH A O     1 
HETATM 1385 O O     . HOH D 4 .   ? 12.690  15.228  -3.221  1.00 17.76 ? 602 HOH A O     1 
HETATM 1386 O O     . HOH D 4 .   ? 7.194   1.892   16.369  1.00 27.00 ? 603 HOH A O     1 
HETATM 1387 O O     . HOH D 4 .   ? -0.642  0.720   -19.850 1.00 21.51 ? 604 HOH A O     1 
HETATM 1388 O O     . HOH D 4 .   ? -23.949 2.646   3.296   1.00 30.69 ? 605 HOH A O     1 
HETATM 1389 O O     . HOH D 4 .   ? -4.956  -8.351  15.655  1.00 36.79 ? 606 HOH A O     1 
HETATM 1390 O O     . HOH D 4 .   ? 1.720   2.115   -19.510 1.00 24.49 ? 607 HOH A O     1 
HETATM 1391 O O     . HOH D 4 .   ? 10.518  -7.068  4.011   1.00 21.42 ? 608 HOH A O     1 
HETATM 1392 O O     . HOH D 4 .   ? -4.594  -19.222 -10.577 1.00 34.62 ? 609 HOH A O     1 
HETATM 1393 O O     . HOH D 4 .   ? 4.381   -15.985 7.092   1.00 21.76 ? 610 HOH A O     1 
HETATM 1394 O O     . HOH D 4 .   ? -0.505  -18.238 8.344   1.00 33.26 ? 611 HOH A O     1 
HETATM 1395 O O     . HOH D 4 .   ? -12.593 13.424  -4.400  1.00 20.05 ? 612 HOH A O     1 
HETATM 1396 O O     . HOH D 4 .   ? -14.208 -2.285  -5.781  1.00 24.62 ? 613 HOH A O     1 
HETATM 1397 O O     . HOH D 4 .   ? 13.816  -12.279 2.305   1.00 32.61 ? 614 HOH A O     1 
HETATM 1398 O O     . HOH D 4 .   ? 4.679   -11.045 -11.649 1.00 25.66 ? 615 HOH A O     1 
HETATM 1399 O O     . HOH D 4 .   ? -1.461  19.678  -3.156  1.00 20.39 ? 616 HOH A O     1 
HETATM 1400 O O     . HOH D 4 .   ? 9.800   0.629   17.038  1.00 25.00 ? 617 HOH A O     1 
HETATM 1401 O O     . HOH D 4 .   ? 6.654   -2.952  11.413  1.00 20.18 ? 618 HOH A O     1 
HETATM 1402 O O     . HOH D 4 .   ? 2.095   -0.989  -21.122 1.00 35.49 ? 619 HOH A O     1 
HETATM 1403 O O     . HOH D 4 .   ? -9.133  -5.309  15.155  1.00 18.98 ? 620 HOH A O     1 
HETATM 1404 O O     . HOH D 4 .   ? 11.681  2.019   -1.995  1.00 19.57 ? 621 HOH A O     1 
HETATM 1405 O O     . HOH D 4 .   ? 14.813  0.622   -8.344  1.00 17.75 ? 622 HOH A O     1 
HETATM 1406 O O     . HOH D 4 .   ? 13.939  -10.921 -5.942  1.00 25.11 ? 623 HOH A O     1 
HETATM 1407 O O     . HOH D 4 .   ? -17.056 -2.942  10.057  1.00 19.46 ? 624 HOH A O     1 
HETATM 1408 O O     . HOH D 4 .   ? -15.043 -6.342  1.793   1.00 20.97 ? 625 HOH A O     1 
HETATM 1409 O O     . HOH D 4 .   ? 6.459   -5.761  13.314  1.00 32.44 ? 626 HOH A O     1 
HETATM 1410 O O     . HOH D 4 .   ? 12.864  2.740   8.608   1.00 25.96 ? 627 HOH A O     1 
HETATM 1411 O O     . HOH D 4 .   ? 4.402   -16.735 -7.005  1.00 21.34 ? 628 HOH A O     1 
HETATM 1412 O O     . HOH D 4 .   ? -6.900  -19.983 -4.999  1.00 18.41 ? 629 HOH A O     1 
HETATM 1413 O O     . HOH D 4 .   ? 17.427  9.389   5.112   1.00 27.56 ? 630 HOH A O     1 
HETATM 1414 O O     . HOH D 4 .   ? 3.545   -6.886  13.812  1.00 29.13 ? 631 HOH A O     1 
HETATM 1415 O O     . HOH D 4 .   ? 10.176  -6.888  6.700   1.00 29.19 ? 632 HOH A O     1 
HETATM 1416 O O     . HOH D 4 .   ? 4.318   -13.191 -12.309 1.00 29.50 ? 633 HOH A O     1 
HETATM 1417 O O     . HOH D 4 .   ? -7.781  18.506  1.244   1.00 23.00 ? 634 HOH A O     1 
HETATM 1418 O O     . HOH D 4 .   ? 11.313  -4.282  6.885   1.00 31.16 ? 635 HOH A O     1 
HETATM 1419 O O     . HOH D 4 .   ? -7.601  16.376  14.479  1.00 24.65 ? 636 HOH A O     1 
HETATM 1420 O O     . HOH D 4 .   ? 15.066  4.336   -1.628  1.00 25.66 ? 637 HOH A O     1 
HETATM 1421 O O     . HOH D 4 .   ? 5.875   -21.361 -3.890  1.00 23.20 ? 638 HOH A O     1 
HETATM 1422 O O     . HOH D 4 .   ? 7.077   -3.439  -17.906 1.00 22.06 ? 639 HOH A O     1 
HETATM 1423 O O     . HOH D 4 .   ? -8.377  20.516  -5.678  1.00 24.93 ? 640 HOH A O     1 
HETATM 1424 O O     . HOH D 4 .   ? -20.117 -0.115  -1.719  1.00 25.18 ? 641 HOH A O     1 
HETATM 1425 O O     . HOH D 4 .   ? 11.648  3.812   -19.014 1.00 25.92 ? 642 HOH A O     1 
HETATM 1426 O O     . HOH D 4 .   ? 16.033  7.885   -1.280  1.00 23.76 ? 643 HOH A O     1 
HETATM 1427 O O     . HOH D 4 .   ? 1.271   -13.036 -13.055 1.00 23.72 ? 644 HOH A O     1 
HETATM 1428 O O     . HOH D 4 .   ? -14.492 7.413   -5.170  1.00 29.51 ? 645 HOH A O     1 
HETATM 1429 O O     . HOH D 4 .   ? -10.997 -12.546 -7.573  1.00 24.22 ? 646 HOH A O     1 
HETATM 1430 O O     . HOH D 4 .   ? -0.267  -19.746 -9.818  1.00 25.94 ? 647 HOH A O     1 
HETATM 1431 O O     . HOH D 4 .   ? 4.674   1.036   16.921  1.00 27.03 ? 648 HOH A O     1 
HETATM 1432 O O     . HOH D 4 .   ? -10.389 5.078   -12.563 1.00 26.91 ? 649 HOH A O     1 
HETATM 1433 O O     . HOH D 4 .   ? -17.714 -3.130  -0.413  1.00 25.06 ? 650 HOH A O     1 
HETATM 1434 O O     . HOH D 4 .   ? -14.822 9.337   -3.644  1.00 26.73 ? 651 HOH A O     1 
HETATM 1435 O O     . HOH D 4 .   ? 6.402   9.098   13.731  1.00 27.99 ? 652 HOH A O     1 
HETATM 1436 O O     . HOH D 4 .   ? 13.972  -1.567  6.457   1.00 37.88 ? 653 HOH A O     1 
HETATM 1437 O O     . HOH D 4 .   ? -14.138 5.046   -4.889  1.00 24.80 ? 654 HOH A O     1 
HETATM 1438 O O     . HOH D 4 .   ? 1.829   -19.931 6.830   1.00 29.32 ? 655 HOH A O     1 
HETATM 1439 O O     . HOH D 4 .   ? 14.803  2.321   2.074   1.00 29.49 ? 656 HOH A O     1 
HETATM 1440 O O     . HOH D 4 .   ? 4.048   14.309  -8.508  1.00 25.00 ? 657 HOH A O     1 
HETATM 1441 O O     . HOH D 4 .   ? 16.861  2.958   5.524   1.00 40.70 ? 658 HOH A O     1 
HETATM 1442 O O     . HOH D 4 .   ? 3.909   -13.408 13.493  1.00 37.46 ? 659 HOH A O     1 
HETATM 1443 O O     . HOH D 4 .   ? -7.310  15.633  10.018  1.00 26.64 ? 660 HOH A O     1 
HETATM 1444 O O     . HOH D 4 .   ? 5.473   -9.501  12.525  1.00 29.26 ? 661 HOH A O     1 
HETATM 1445 O O     . HOH D 4 .   ? -20.110 2.316   -2.691  1.00 23.70 ? 662 HOH A O     1 
HETATM 1446 O O     . HOH D 4 .   ? 6.267   -0.968  -18.738 1.00 26.09 ? 663 HOH A O     1 
HETATM 1447 O O     . HOH D 4 .   ? 5.819   -22.373 1.452   1.00 25.20 ? 664 HOH A O     1 
HETATM 1448 O O     . HOH D 4 .   ? 12.561  10.925  -10.732 1.00 25.94 ? 665 HOH A O     1 
HETATM 1449 O O     . HOH D 4 .   ? 15.124  5.618   8.943   1.00 34.46 ? 666 HOH A O     1 
HETATM 1450 O O     . HOH D 4 .   ? 13.252  -20.633 1.873   1.00 37.91 ? 667 HOH A O     1 
HETATM 1451 O O     . HOH D 4 .   ? -14.160 4.807   -8.556  1.00 31.76 ? 668 HOH A O     1 
HETATM 1452 O O     . HOH D 4 .   ? 14.889  -2.902  -3.745  1.00 21.83 ? 669 HOH A O     1 
HETATM 1453 O O     . HOH D 4 .   ? 6.852   -11.720 10.870  1.00 29.39 ? 670 HOH A O     1 
HETATM 1454 O O     . HOH D 4 .   ? 0.975   12.645  -11.915 1.00 22.90 ? 671 HOH A O     1 
HETATM 1455 O O     . HOH D 4 .   ? 5.477   13.468  -13.419 1.00 42.20 ? 672 HOH A O     1 
HETATM 1456 O O     . HOH D 4 .   ? 1.714   10.047  -17.020 1.00 33.94 ? 673 HOH A O     1 
HETATM 1457 O O     . HOH D 4 .   ? 16.814  3.720   9.911   1.00 37.03 ? 674 HOH A O     1 
HETATM 1458 O O     . HOH D 4 .   ? 6.143   6.491   16.868  1.00 29.61 ? 675 HOH A O     1 
HETATM 1459 O O     . HOH D 4 .   ? -15.649 0.796   -8.229  1.00 40.97 ? 676 HOH A O     1 
HETATM 1460 O O     . HOH D 4 .   ? 17.832  -7.595  1.799   1.00 34.41 ? 677 HOH A O     1 
HETATM 1461 O O     . HOH D 4 .   ? -0.128  -15.903 -12.287 1.00 27.29 ? 678 HOH A O     1 
HETATM 1462 O O     . HOH D 4 .   ? -14.067 9.347   15.519  1.00 32.76 ? 679 HOH A O     1 
HETATM 1463 O O     . HOH D 4 .   ? 6.172   12.085  13.102  1.00 32.31 ? 680 HOH A O     1 
# 
